data_2HQJ
# 
_entry.id   2HQJ 
# 
_audit_conform.dict_name       mmcif_pdbx.dic 
_audit_conform.dict_version    5.387 
_audit_conform.dict_location   http://mmcif.pdb.org/dictionaries/ascii/mmcif_pdbx.dic 
# 
loop_
_database_2.database_id 
_database_2.database_code 
_database_2.pdbx_database_accession 
_database_2.pdbx_DOI 
PDB   2HQJ         pdb_00002hqj 10.2210/pdb2hqj/pdb 
RCSB  RCSB038642   ?            ?                   
WWPDB D_1000038642 ?            ?                   
# 
loop_
_pdbx_audit_revision_history.ordinal 
_pdbx_audit_revision_history.data_content_type 
_pdbx_audit_revision_history.major_revision 
_pdbx_audit_revision_history.minor_revision 
_pdbx_audit_revision_history.revision_date 
1 'Structure model' 1 0 2006-07-25 
2 'Structure model' 1 1 2008-05-01 
3 'Structure model' 1 2 2011-07-13 
4 'Structure model' 1 3 2017-06-28 
5 'Structure model' 1 4 2017-10-18 
6 'Structure model' 1 5 2024-02-14 
# 
_pdbx_audit_revision_details.ordinal             1 
_pdbx_audit_revision_details.revision_ordinal    1 
_pdbx_audit_revision_details.data_content_type   'Structure model' 
_pdbx_audit_revision_details.provider            repository 
_pdbx_audit_revision_details.type                'Initial release' 
_pdbx_audit_revision_details.description         ? 
_pdbx_audit_revision_details.details             ? 
# 
loop_
_pdbx_audit_revision_group.ordinal 
_pdbx_audit_revision_group.revision_ordinal 
_pdbx_audit_revision_group.data_content_type 
_pdbx_audit_revision_group.group 
1  2 'Structure model' 'Version format compliance' 
2  3 'Structure model' Advisory                    
3  3 'Structure model' 'Version format compliance' 
4  4 'Structure model' 'Database references'       
5  4 'Structure model' 'Source and taxonomy'       
6  4 'Structure model' 'Structure summary'         
7  5 'Structure model' 'Refinement description'    
8  6 'Structure model' 'Data collection'           
9  6 'Structure model' 'Database references'       
10 6 'Structure model' 'Derived calculations'      
# 
loop_
_pdbx_audit_revision_category.ordinal 
_pdbx_audit_revision_category.revision_ordinal 
_pdbx_audit_revision_category.data_content_type 
_pdbx_audit_revision_category.category 
1  4 'Structure model' entity             
2  4 'Structure model' entity_name_com    
3  4 'Structure model' entity_src_gen     
4  4 'Structure model' struct_ref         
5  4 'Structure model' struct_ref_seq     
6  4 'Structure model' struct_ref_seq_dif 
7  5 'Structure model' software           
8  6 'Structure model' chem_comp_atom     
9  6 'Structure model' chem_comp_bond     
10 6 'Structure model' database_2         
11 6 'Structure model' struct_site        
# 
loop_
_pdbx_audit_revision_item.ordinal 
_pdbx_audit_revision_item.revision_ordinal 
_pdbx_audit_revision_item.data_content_type 
_pdbx_audit_revision_item.item 
1  4 'Structure model' '_entity.pdbx_description'            
2  4 'Structure model' '_entity.pdbx_fragment'               
3  4 'Structure model' '_entity_name_com.name'               
4  4 'Structure model' '_entity_src_gen.pdbx_beg_seq_num'    
5  4 'Structure model' '_entity_src_gen.pdbx_end_seq_num'    
6  4 'Structure model' '_entity_src_gen.pdbx_gene_src_gene'  
7  4 'Structure model' '_entity_src_gen.pdbx_seq_type'       
8  5 'Structure model' '_software.classification'            
9  5 'Structure model' '_software.contact_author'            
10 5 'Structure model' '_software.contact_author_email'      
11 5 'Structure model' '_software.date'                      
12 5 'Structure model' '_software.language'                  
13 5 'Structure model' '_software.location'                  
14 5 'Structure model' '_software.name'                      
15 5 'Structure model' '_software.type'                      
16 5 'Structure model' '_software.version'                   
17 6 'Structure model' '_database_2.pdbx_DOI'                
18 6 'Structure model' '_database_2.pdbx_database_accession' 
19 6 'Structure model' '_struct_site.pdbx_auth_asym_id'      
20 6 'Structure model' '_struct_site.pdbx_auth_comp_id'      
21 6 'Structure model' '_struct_site.pdbx_auth_seq_id'       
# 
_pdbx_database_status.entry_id                        2HQJ 
_pdbx_database_status.deposit_site                    RCSB 
_pdbx_database_status.process_site                    RCSB 
_pdbx_database_status.recvd_initial_deposition_date   2006-07-18 
_pdbx_database_status.status_code                     REL 
_pdbx_database_status.status_code_sf                  REL 
_pdbx_database_status.status_code_mr                  ? 
_pdbx_database_status.SG_entry                        Y 
_pdbx_database_status.pdb_format_compatible           Y 
_pdbx_database_status.status_code_cs                  ? 
_pdbx_database_status.methods_development_category    ? 
_pdbx_database_status.status_code_nmr_data            ? 
# 
_pdbx_database_related.db_name        TargetDB 
_pdbx_database_related.db_id          Lmaj007771BAB 
_pdbx_database_related.details        . 
_pdbx_database_related.content_type   unspecified 
# 
loop_
_audit_author.name 
_audit_author.pdbx_ordinal 
'Arakaki, T.L.'                                                1 
'Merritt, E.A.'                                                2 
'Structural Genomics of Pathogenic Protozoa Consortium (SGPP)' 3 
# 
loop_
_citation.id 
_citation.title 
_citation.journal_abbrev 
_citation.journal_volume 
_citation.page_first 
_citation.page_last 
_citation.year 
_citation.journal_id_ASTM 
_citation.country 
_citation.journal_id_ISSN 
_citation.journal_id_CSD 
_citation.book_publisher 
_citation.pdbx_database_id_PubMed 
_citation.pdbx_database_id_DOI 
primary 'Cyclophilin from Leishmania major'                                                             'To be Published'          
?  ?   ?   ?    ?      ?  ?         0353 ? ?        ?                         
1       
;Optimal description of a protein structure in terms of multiple groups 
undergoing TLS motion
;
'Acta Crystallogr.,Sect.D' 62 439 450 2006 ABCRE6 DK 0907-4449 0766 ? 16552146 10.1107/S0907444906005270 
# 
loop_
_citation_author.citation_id 
_citation_author.name 
_citation_author.ordinal 
_citation_author.identifier_ORCID 
primary 'Arakaki, T.L.' 1 ? 
primary 'Merritt, E.A.' 2 ? 
1       'Painter, J.'   3 ? 
1       'Merritt, E.A.' 4 ? 
# 
loop_
_entity.id 
_entity.type 
_entity.src_method 
_entity.pdbx_description 
_entity.formula_weight 
_entity.pdbx_number_of_molecules 
_entity.pdbx_ec 
_entity.pdbx_mutation 
_entity.pdbx_fragment 
_entity.details 
1 polymer     man 'Peptidyl-prolyl cis-trans isomerase' 19470.035 1   5.2.1.8 ? 'UNP residues 22-198' ? 
2 non-polymer syn 'PHOSPHATE ION'                       94.971    1   ?       ? ?                     ? 
3 water       nat water                                 18.015    122 ?       ? ?                     ? 
# 
_entity_name_com.entity_id   1 
_entity_name_com.name        PPIase 
# 
_entity_poly.entity_id                      1 
_entity_poly.type                           'polypeptide(L)' 
_entity_poly.nstd_linkage                   no 
_entity_poly.nstd_monomer                   no 
_entity_poly.pdbx_seq_one_letter_code       
;GPGSMTNPKVFFDISIDNKAAGRIVMELYADTVPKTAENFRALCTGEKGKGRSGKPLHYKSSVFHRVIPNFMIQGGDFTR
GNGTGGESIYGTTFRDESFSGKAGRHTGLGCLSMANAGPNTNGSQFFICTAATPWLDGKHVVFGRVIDGLDVVKKVERLG
SSSGKTRSRIVVSDCGEVAADKS
;
_entity_poly.pdbx_seq_one_letter_code_can   
;GPGSMTNPKVFFDISIDNKAAGRIVMELYADTVPKTAENFRALCTGEKGKGRSGKPLHYKSSVFHRVIPNFMIQGGDFTR
GNGTGGESIYGTTFRDESFSGKAGRHTGLGCLSMANAGPNTNGSQFFICTAATPWLDGKHVVFGRVIDGLDVVKKVERLG
SSSGKTRSRIVVSDCGEVAADKS
;
_entity_poly.pdbx_strand_id                 A 
_entity_poly.pdbx_target_identifier         Lmaj007771BAB 
# 
loop_
_pdbx_entity_nonpoly.entity_id 
_pdbx_entity_nonpoly.name 
_pdbx_entity_nonpoly.comp_id 
2 'PHOSPHATE ION' PO4 
3 water           HOH 
# 
loop_
_entity_poly_seq.entity_id 
_entity_poly_seq.num 
_entity_poly_seq.mon_id 
_entity_poly_seq.hetero 
1 1   GLY n 
1 2   PRO n 
1 3   GLY n 
1 4   SER n 
1 5   MET n 
1 6   THR n 
1 7   ASN n 
1 8   PRO n 
1 9   LYS n 
1 10  VAL n 
1 11  PHE n 
1 12  PHE n 
1 13  ASP n 
1 14  ILE n 
1 15  SER n 
1 16  ILE n 
1 17  ASP n 
1 18  ASN n 
1 19  LYS n 
1 20  ALA n 
1 21  ALA n 
1 22  GLY n 
1 23  ARG n 
1 24  ILE n 
1 25  VAL n 
1 26  MET n 
1 27  GLU n 
1 28  LEU n 
1 29  TYR n 
1 30  ALA n 
1 31  ASP n 
1 32  THR n 
1 33  VAL n 
1 34  PRO n 
1 35  LYS n 
1 36  THR n 
1 37  ALA n 
1 38  GLU n 
1 39  ASN n 
1 40  PHE n 
1 41  ARG n 
1 42  ALA n 
1 43  LEU n 
1 44  CYS n 
1 45  THR n 
1 46  GLY n 
1 47  GLU n 
1 48  LYS n 
1 49  GLY n 
1 50  LYS n 
1 51  GLY n 
1 52  ARG n 
1 53  SER n 
1 54  GLY n 
1 55  LYS n 
1 56  PRO n 
1 57  LEU n 
1 58  HIS n 
1 59  TYR n 
1 60  LYS n 
1 61  SER n 
1 62  SER n 
1 63  VAL n 
1 64  PHE n 
1 65  HIS n 
1 66  ARG n 
1 67  VAL n 
1 68  ILE n 
1 69  PRO n 
1 70  ASN n 
1 71  PHE n 
1 72  MET n 
1 73  ILE n 
1 74  GLN n 
1 75  GLY n 
1 76  GLY n 
1 77  ASP n 
1 78  PHE n 
1 79  THR n 
1 80  ARG n 
1 81  GLY n 
1 82  ASN n 
1 83  GLY n 
1 84  THR n 
1 85  GLY n 
1 86  GLY n 
1 87  GLU n 
1 88  SER n 
1 89  ILE n 
1 90  TYR n 
1 91  GLY n 
1 92  THR n 
1 93  THR n 
1 94  PHE n 
1 95  ARG n 
1 96  ASP n 
1 97  GLU n 
1 98  SER n 
1 99  PHE n 
1 100 SER n 
1 101 GLY n 
1 102 LYS n 
1 103 ALA n 
1 104 GLY n 
1 105 ARG n 
1 106 HIS n 
1 107 THR n 
1 108 GLY n 
1 109 LEU n 
1 110 GLY n 
1 111 CYS n 
1 112 LEU n 
1 113 SER n 
1 114 MET n 
1 115 ALA n 
1 116 ASN n 
1 117 ALA n 
1 118 GLY n 
1 119 PRO n 
1 120 ASN n 
1 121 THR n 
1 122 ASN n 
1 123 GLY n 
1 124 SER n 
1 125 GLN n 
1 126 PHE n 
1 127 PHE n 
1 128 ILE n 
1 129 CYS n 
1 130 THR n 
1 131 ALA n 
1 132 ALA n 
1 133 THR n 
1 134 PRO n 
1 135 TRP n 
1 136 LEU n 
1 137 ASP n 
1 138 GLY n 
1 139 LYS n 
1 140 HIS n 
1 141 VAL n 
1 142 VAL n 
1 143 PHE n 
1 144 GLY n 
1 145 ARG n 
1 146 VAL n 
1 147 ILE n 
1 148 ASP n 
1 149 GLY n 
1 150 LEU n 
1 151 ASP n 
1 152 VAL n 
1 153 VAL n 
1 154 LYS n 
1 155 LYS n 
1 156 VAL n 
1 157 GLU n 
1 158 ARG n 
1 159 LEU n 
1 160 GLY n 
1 161 SER n 
1 162 SER n 
1 163 SER n 
1 164 GLY n 
1 165 LYS n 
1 166 THR n 
1 167 ARG n 
1 168 SER n 
1 169 ARG n 
1 170 ILE n 
1 171 VAL n 
1 172 VAL n 
1 173 SER n 
1 174 ASP n 
1 175 CYS n 
1 176 GLY n 
1 177 GLU n 
1 178 VAL n 
1 179 ALA n 
1 180 ALA n 
1 181 ASP n 
1 182 LYS n 
1 183 SER n 
# 
_entity_src_gen.entity_id                          1 
_entity_src_gen.pdbx_src_id                        1 
_entity_src_gen.pdbx_alt_source_flag               sample 
_entity_src_gen.pdbx_seq_type                      'Biological sequence' 
_entity_src_gen.pdbx_beg_seq_num                   1 
_entity_src_gen.pdbx_end_seq_num                   183 
_entity_src_gen.gene_src_common_name               ? 
_entity_src_gen.gene_src_genus                     Leishmania 
_entity_src_gen.pdbx_gene_src_gene                 'CYP11, LMJF_23_0050' 
_entity_src_gen.gene_src_species                   ? 
_entity_src_gen.gene_src_strain                    ? 
_entity_src_gen.gene_src_tissue                    ? 
_entity_src_gen.gene_src_tissue_fraction           ? 
_entity_src_gen.gene_src_details                   ? 
_entity_src_gen.pdbx_gene_src_fragment             ? 
_entity_src_gen.pdbx_gene_src_scientific_name      'Leishmania major' 
_entity_src_gen.pdbx_gene_src_ncbi_taxonomy_id     5664 
_entity_src_gen.pdbx_gene_src_variant              ? 
_entity_src_gen.pdbx_gene_src_cell_line            ? 
_entity_src_gen.pdbx_gene_src_atcc                 ? 
_entity_src_gen.pdbx_gene_src_organ                ? 
_entity_src_gen.pdbx_gene_src_organelle            ? 
_entity_src_gen.pdbx_gene_src_cell                 ? 
_entity_src_gen.pdbx_gene_src_cellular_location    ? 
_entity_src_gen.host_org_common_name               ? 
_entity_src_gen.pdbx_host_org_scientific_name      'Escherichia coli' 
_entity_src_gen.pdbx_host_org_ncbi_taxonomy_id     562 
_entity_src_gen.host_org_genus                     Escherichia 
_entity_src_gen.pdbx_host_org_gene                 ? 
_entity_src_gen.pdbx_host_org_organ                ? 
_entity_src_gen.host_org_species                   ? 
_entity_src_gen.pdbx_host_org_tissue               ? 
_entity_src_gen.pdbx_host_org_tissue_fraction      ? 
_entity_src_gen.pdbx_host_org_strain               EQ7351B 
_entity_src_gen.pdbx_host_org_variant              ? 
_entity_src_gen.pdbx_host_org_cell_line            ? 
_entity_src_gen.pdbx_host_org_atcc                 ? 
_entity_src_gen.pdbx_host_org_culture_collection   ? 
_entity_src_gen.pdbx_host_org_cell                 ? 
_entity_src_gen.pdbx_host_org_organelle            ? 
_entity_src_gen.pdbx_host_org_cellular_location    ? 
_entity_src_gen.pdbx_host_org_vector_type          AVA421 
_entity_src_gen.pdbx_host_org_vector               ? 
_entity_src_gen.host_org_details                   ? 
_entity_src_gen.expression_system_id               ? 
_entity_src_gen.plasmid_name                       pET14b 
_entity_src_gen.plasmid_details                    ? 
_entity_src_gen.pdbx_description                   ? 
# 
loop_
_chem_comp.id 
_chem_comp.type 
_chem_comp.mon_nstd_flag 
_chem_comp.name 
_chem_comp.pdbx_synonyms 
_chem_comp.formula 
_chem_comp.formula_weight 
ALA 'L-peptide linking' y ALANINE         ? 'C3 H7 N O2'     89.093  
ARG 'L-peptide linking' y ARGININE        ? 'C6 H15 N4 O2 1' 175.209 
ASN 'L-peptide linking' y ASPARAGINE      ? 'C4 H8 N2 O3'    132.118 
ASP 'L-peptide linking' y 'ASPARTIC ACID' ? 'C4 H7 N O4'     133.103 
CYS 'L-peptide linking' y CYSTEINE        ? 'C3 H7 N O2 S'   121.158 
GLN 'L-peptide linking' y GLUTAMINE       ? 'C5 H10 N2 O3'   146.144 
GLU 'L-peptide linking' y 'GLUTAMIC ACID' ? 'C5 H9 N O4'     147.129 
GLY 'peptide linking'   y GLYCINE         ? 'C2 H5 N O2'     75.067  
HIS 'L-peptide linking' y HISTIDINE       ? 'C6 H10 N3 O2 1' 156.162 
HOH non-polymer         . WATER           ? 'H2 O'           18.015  
ILE 'L-peptide linking' y ISOLEUCINE      ? 'C6 H13 N O2'    131.173 
LEU 'L-peptide linking' y LEUCINE         ? 'C6 H13 N O2'    131.173 
LYS 'L-peptide linking' y LYSINE          ? 'C6 H15 N2 O2 1' 147.195 
MET 'L-peptide linking' y METHIONINE      ? 'C5 H11 N O2 S'  149.211 
PHE 'L-peptide linking' y PHENYLALANINE   ? 'C9 H11 N O2'    165.189 
PO4 non-polymer         . 'PHOSPHATE ION' ? 'O4 P -3'        94.971  
PRO 'L-peptide linking' y PROLINE         ? 'C5 H9 N O2'     115.130 
SER 'L-peptide linking' y SERINE          ? 'C3 H7 N O3'     105.093 
THR 'L-peptide linking' y THREONINE       ? 'C4 H9 N O3'     119.119 
TRP 'L-peptide linking' y TRYPTOPHAN      ? 'C11 H12 N2 O2'  204.225 
TYR 'L-peptide linking' y TYROSINE        ? 'C9 H11 N O3'    181.189 
VAL 'L-peptide linking' y VALINE          ? 'C5 H11 N O2'    117.146 
# 
loop_
_pdbx_poly_seq_scheme.asym_id 
_pdbx_poly_seq_scheme.entity_id 
_pdbx_poly_seq_scheme.seq_id 
_pdbx_poly_seq_scheme.mon_id 
_pdbx_poly_seq_scheme.ndb_seq_num 
_pdbx_poly_seq_scheme.pdb_seq_num 
_pdbx_poly_seq_scheme.auth_seq_num 
_pdbx_poly_seq_scheme.pdb_mon_id 
_pdbx_poly_seq_scheme.auth_mon_id 
_pdbx_poly_seq_scheme.pdb_strand_id 
_pdbx_poly_seq_scheme.pdb_ins_code 
_pdbx_poly_seq_scheme.hetero 
A 1 1   GLY 1   -3  ?   ?   ?   A . n 
A 1 2   PRO 2   -2  ?   ?   ?   A . n 
A 1 3   GLY 3   -1  ?   ?   ?   A . n 
A 1 4   SER 4   0   ?   ?   ?   A . n 
A 1 5   MET 5   1   1   MET MET A . n 
A 1 6   THR 6   2   2   THR THR A . n 
A 1 7   ASN 7   3   3   ASN ASN A . n 
A 1 8   PRO 8   4   4   PRO PRO A . n 
A 1 9   LYS 9   5   5   LYS LYS A . n 
A 1 10  VAL 10  6   6   VAL VAL A . n 
A 1 11  PHE 11  7   7   PHE PHE A . n 
A 1 12  PHE 12  8   8   PHE PHE A . n 
A 1 13  ASP 13  9   9   ASP ASP A . n 
A 1 14  ILE 14  10  10  ILE ILE A . n 
A 1 15  SER 15  11  11  SER SER A . n 
A 1 16  ILE 16  12  12  ILE ILE A . n 
A 1 17  ASP 17  13  13  ASP ASP A . n 
A 1 18  ASN 18  14  14  ASN ASN A . n 
A 1 19  LYS 19  15  15  LYS LYS A . n 
A 1 20  ALA 20  16  16  ALA ALA A . n 
A 1 21  ALA 21  17  17  ALA ALA A . n 
A 1 22  GLY 22  18  18  GLY GLY A . n 
A 1 23  ARG 23  19  19  ARG ARG A . n 
A 1 24  ILE 24  20  20  ILE ILE A . n 
A 1 25  VAL 25  21  21  VAL VAL A . n 
A 1 26  MET 26  22  22  MET MET A . n 
A 1 27  GLU 27  23  23  GLU GLU A . n 
A 1 28  LEU 28  24  24  LEU LEU A . n 
A 1 29  TYR 29  25  25  TYR TYR A . n 
A 1 30  ALA 30  26  26  ALA ALA A . n 
A 1 31  ASP 31  27  27  ASP ASP A . n 
A 1 32  THR 32  28  28  THR THR A . n 
A 1 33  VAL 33  29  29  VAL VAL A . n 
A 1 34  PRO 34  30  30  PRO PRO A . n 
A 1 35  LYS 35  31  31  LYS LYS A . n 
A 1 36  THR 36  32  32  THR THR A . n 
A 1 37  ALA 37  33  33  ALA ALA A . n 
A 1 38  GLU 38  34  34  GLU GLU A . n 
A 1 39  ASN 39  35  35  ASN ASN A . n 
A 1 40  PHE 40  36  36  PHE PHE A . n 
A 1 41  ARG 41  37  37  ARG ARG A . n 
A 1 42  ALA 42  38  38  ALA ALA A . n 
A 1 43  LEU 43  39  39  LEU LEU A . n 
A 1 44  CYS 44  40  40  CYS CYS A . n 
A 1 45  THR 45  41  41  THR THR A . n 
A 1 46  GLY 46  42  42  GLY GLY A . n 
A 1 47  GLU 47  43  43  GLU GLU A . n 
A 1 48  LYS 48  44  44  LYS LYS A . n 
A 1 49  GLY 49  45  45  GLY GLY A . n 
A 1 50  LYS 50  46  46  LYS LYS A . n 
A 1 51  GLY 51  47  47  GLY GLY A . n 
A 1 52  ARG 52  48  48  ARG ARG A . n 
A 1 53  SER 53  49  49  SER SER A . n 
A 1 54  GLY 54  50  50  GLY GLY A . n 
A 1 55  LYS 55  51  51  LYS LYS A . n 
A 1 56  PRO 56  52  52  PRO PRO A . n 
A 1 57  LEU 57  53  53  LEU LEU A . n 
A 1 58  HIS 58  54  54  HIS HIS A . n 
A 1 59  TYR 59  55  55  TYR TYR A . n 
A 1 60  LYS 60  56  56  LYS LYS A . n 
A 1 61  SER 61  57  57  SER SER A . n 
A 1 62  SER 62  58  58  SER SER A . n 
A 1 63  VAL 63  59  59  VAL VAL A . n 
A 1 64  PHE 64  60  60  PHE PHE A . n 
A 1 65  HIS 65  61  61  HIS HIS A . n 
A 1 66  ARG 66  62  62  ARG ARG A . n 
A 1 67  VAL 67  63  63  VAL VAL A . n 
A 1 68  ILE 68  64  64  ILE ILE A . n 
A 1 69  PRO 69  65  65  PRO PRO A . n 
A 1 70  ASN 70  66  66  ASN ASN A . n 
A 1 71  PHE 71  67  67  PHE PHE A . n 
A 1 72  MET 72  68  68  MET MET A . n 
A 1 73  ILE 73  69  69  ILE ILE A . n 
A 1 74  GLN 74  70  70  GLN GLN A . n 
A 1 75  GLY 75  71  71  GLY GLY A . n 
A 1 76  GLY 76  72  72  GLY GLY A . n 
A 1 77  ASP 77  73  73  ASP ASP A . n 
A 1 78  PHE 78  74  74  PHE PHE A . n 
A 1 79  THR 79  75  75  THR THR A . n 
A 1 80  ARG 80  76  76  ARG ARG A . n 
A 1 81  GLY 81  77  77  GLY GLY A . n 
A 1 82  ASN 82  78  78  ASN ASN A . n 
A 1 83  GLY 83  79  79  GLY GLY A . n 
A 1 84  THR 84  80  80  THR THR A . n 
A 1 85  GLY 85  81  81  GLY GLY A . n 
A 1 86  GLY 86  82  82  GLY GLY A . n 
A 1 87  GLU 87  83  83  GLU GLU A . n 
A 1 88  SER 88  84  84  SER SER A . n 
A 1 89  ILE 89  85  85  ILE ILE A . n 
A 1 90  TYR 90  86  86  TYR TYR A . n 
A 1 91  GLY 91  87  87  GLY GLY A . n 
A 1 92  THR 92  88  88  THR THR A . n 
A 1 93  THR 93  89  89  THR THR A . n 
A 1 94  PHE 94  90  90  PHE PHE A . n 
A 1 95  ARG 95  91  91  ARG ARG A . n 
A 1 96  ASP 96  92  92  ASP ASP A . n 
A 1 97  GLU 97  93  93  GLU GLU A . n 
A 1 98  SER 98  94  94  SER SER A . n 
A 1 99  PHE 99  95  95  PHE PHE A . n 
A 1 100 SER 100 96  96  SER SER A . n 
A 1 101 GLY 101 97  97  GLY GLY A . n 
A 1 102 LYS 102 98  98  LYS LYS A . n 
A 1 103 ALA 103 99  99  ALA ALA A . n 
A 1 104 GLY 104 100 100 GLY GLY A . n 
A 1 105 ARG 105 101 101 ARG ARG A . n 
A 1 106 HIS 106 102 102 HIS HIS A . n 
A 1 107 THR 107 103 103 THR THR A . n 
A 1 108 GLY 108 104 104 GLY GLY A . n 
A 1 109 LEU 109 105 105 LEU LEU A . n 
A 1 110 GLY 110 106 106 GLY GLY A . n 
A 1 111 CYS 111 107 107 CYS CYS A . n 
A 1 112 LEU 112 108 108 LEU LEU A . n 
A 1 113 SER 113 109 109 SER SER A . n 
A 1 114 MET 114 110 110 MET MET A . n 
A 1 115 ALA 115 111 111 ALA ALA A . n 
A 1 116 ASN 116 112 112 ASN ASN A . n 
A 1 117 ALA 117 113 113 ALA ALA A . n 
A 1 118 GLY 118 114 114 GLY GLY A . n 
A 1 119 PRO 119 115 115 PRO PRO A . n 
A 1 120 ASN 120 116 116 ASN ASN A . n 
A 1 121 THR 121 117 117 THR THR A . n 
A 1 122 ASN 122 118 118 ASN ASN A . n 
A 1 123 GLY 123 119 119 GLY GLY A . n 
A 1 124 SER 124 120 120 SER SER A . n 
A 1 125 GLN 125 121 121 GLN GLN A . n 
A 1 126 PHE 126 122 122 PHE PHE A . n 
A 1 127 PHE 127 123 123 PHE PHE A . n 
A 1 128 ILE 128 124 124 ILE ILE A . n 
A 1 129 CYS 129 125 125 CYS CYS A . n 
A 1 130 THR 130 126 126 THR THR A . n 
A 1 131 ALA 131 127 127 ALA ALA A . n 
A 1 132 ALA 132 128 128 ALA ALA A . n 
A 1 133 THR 133 129 129 THR THR A . n 
A 1 134 PRO 134 130 130 PRO PRO A . n 
A 1 135 TRP 135 131 131 TRP TRP A . n 
A 1 136 LEU 136 132 132 LEU LEU A . n 
A 1 137 ASP 137 133 133 ASP ASP A . n 
A 1 138 GLY 138 134 134 GLY GLY A . n 
A 1 139 LYS 139 135 135 LYS LYS A . n 
A 1 140 HIS 140 136 136 HIS HIS A . n 
A 1 141 VAL 141 137 137 VAL VAL A . n 
A 1 142 VAL 142 138 138 VAL VAL A . n 
A 1 143 PHE 143 139 139 PHE PHE A . n 
A 1 144 GLY 144 140 140 GLY GLY A . n 
A 1 145 ARG 145 141 141 ARG ARG A . n 
A 1 146 VAL 146 142 142 VAL VAL A . n 
A 1 147 ILE 147 143 143 ILE ILE A . n 
A 1 148 ASP 148 144 144 ASP ASP A . n 
A 1 149 GLY 149 145 145 GLY GLY A . n 
A 1 150 LEU 150 146 146 LEU LEU A . n 
A 1 151 ASP 151 147 147 ASP ASP A . n 
A 1 152 VAL 152 148 148 VAL VAL A . n 
A 1 153 VAL 153 149 149 VAL VAL A . n 
A 1 154 LYS 154 150 150 LYS LYS A . n 
A 1 155 LYS 155 151 151 LYS LYS A . n 
A 1 156 VAL 156 152 152 VAL VAL A . n 
A 1 157 GLU 157 153 153 GLU GLU A . n 
A 1 158 ARG 158 154 154 ARG ARG A . n 
A 1 159 LEU 159 155 155 LEU LEU A . n 
A 1 160 GLY 160 156 156 GLY GLY A . n 
A 1 161 SER 161 157 157 SER SER A . n 
A 1 162 SER 162 158 158 SER SER A . n 
A 1 163 SER 163 159 159 SER SER A . n 
A 1 164 GLY 164 160 160 GLY GLY A . n 
A 1 165 LYS 165 161 161 LYS LYS A . n 
A 1 166 THR 166 162 162 THR THR A . n 
A 1 167 ARG 167 163 163 ARG ARG A . n 
A 1 168 SER 168 164 164 SER SER A . n 
A 1 169 ARG 169 165 165 ARG ARG A . n 
A 1 170 ILE 170 166 166 ILE ILE A . n 
A 1 171 VAL 171 167 167 VAL VAL A . n 
A 1 172 VAL 172 168 168 VAL VAL A . n 
A 1 173 SER 173 169 169 SER SER A . n 
A 1 174 ASP 174 170 170 ASP ASP A . n 
A 1 175 CYS 175 171 171 CYS CYS A . n 
A 1 176 GLY 176 172 172 GLY GLY A . n 
A 1 177 GLU 177 173 173 GLU GLU A . n 
A 1 178 VAL 178 174 174 VAL VAL A . n 
A 1 179 ALA 179 175 175 ALA ALA A . n 
A 1 180 ALA 180 176 176 ALA ALA A . n 
A 1 181 ASP 181 177 177 ASP ASP A . n 
A 1 182 LYS 182 178 178 LYS LYS A . n 
A 1 183 SER 183 179 179 SER SER A . n 
# 
loop_
_pdbx_nonpoly_scheme.asym_id 
_pdbx_nonpoly_scheme.entity_id 
_pdbx_nonpoly_scheme.mon_id 
_pdbx_nonpoly_scheme.ndb_seq_num 
_pdbx_nonpoly_scheme.pdb_seq_num 
_pdbx_nonpoly_scheme.auth_seq_num 
_pdbx_nonpoly_scheme.pdb_mon_id 
_pdbx_nonpoly_scheme.auth_mon_id 
_pdbx_nonpoly_scheme.pdb_strand_id 
_pdbx_nonpoly_scheme.pdb_ins_code 
B 2 PO4 1   180 150 PO4 PO4 A . 
C 3 HOH 1   181 1   HOH HOH A . 
C 3 HOH 2   182 2   HOH HOH A . 
C 3 HOH 3   183 3   HOH HOH A . 
C 3 HOH 4   184 4   HOH HOH A . 
C 3 HOH 5   185 5   HOH HOH A . 
C 3 HOH 6   186 6   HOH HOH A . 
C 3 HOH 7   187 7   HOH HOH A . 
C 3 HOH 8   188 8   HOH HOH A . 
C 3 HOH 9   189 9   HOH HOH A . 
C 3 HOH 10  190 10  HOH HOH A . 
C 3 HOH 11  191 11  HOH HOH A . 
C 3 HOH 12  192 13  HOH HOH A . 
C 3 HOH 13  193 14  HOH HOH A . 
C 3 HOH 14  194 15  HOH HOH A . 
C 3 HOH 15  195 16  HOH HOH A . 
C 3 HOH 16  196 17  HOH HOH A . 
C 3 HOH 17  197 18  HOH HOH A . 
C 3 HOH 18  198 19  HOH HOH A . 
C 3 HOH 19  199 20  HOH HOH A . 
C 3 HOH 20  200 21  HOH HOH A . 
C 3 HOH 21  201 22  HOH HOH A . 
C 3 HOH 22  202 23  HOH HOH A . 
C 3 HOH 23  203 24  HOH HOH A . 
C 3 HOH 24  204 25  HOH HOH A . 
C 3 HOH 25  205 26  HOH HOH A . 
C 3 HOH 26  206 27  HOH HOH A . 
C 3 HOH 27  207 28  HOH HOH A . 
C 3 HOH 28  208 29  HOH HOH A . 
C 3 HOH 29  209 30  HOH HOH A . 
C 3 HOH 30  210 31  HOH HOH A . 
C 3 HOH 31  211 32  HOH HOH A . 
C 3 HOH 32  212 33  HOH HOH A . 
C 3 HOH 33  213 34  HOH HOH A . 
C 3 HOH 34  214 35  HOH HOH A . 
C 3 HOH 35  215 36  HOH HOH A . 
C 3 HOH 36  216 37  HOH HOH A . 
C 3 HOH 37  217 38  HOH HOH A . 
C 3 HOH 38  218 39  HOH HOH A . 
C 3 HOH 39  219 40  HOH HOH A . 
C 3 HOH 40  220 41  HOH HOH A . 
C 3 HOH 41  221 42  HOH HOH A . 
C 3 HOH 42  222 43  HOH HOH A . 
C 3 HOH 43  223 44  HOH HOH A . 
C 3 HOH 44  224 45  HOH HOH A . 
C 3 HOH 45  225 46  HOH HOH A . 
C 3 HOH 46  226 47  HOH HOH A . 
C 3 HOH 47  227 48  HOH HOH A . 
C 3 HOH 48  228 49  HOH HOH A . 
C 3 HOH 49  229 50  HOH HOH A . 
C 3 HOH 50  230 51  HOH HOH A . 
C 3 HOH 51  231 52  HOH HOH A . 
C 3 HOH 52  232 53  HOH HOH A . 
C 3 HOH 53  233 54  HOH HOH A . 
C 3 HOH 54  234 55  HOH HOH A . 
C 3 HOH 55  235 56  HOH HOH A . 
C 3 HOH 56  236 57  HOH HOH A . 
C 3 HOH 57  237 58  HOH HOH A . 
C 3 HOH 58  238 59  HOH HOH A . 
C 3 HOH 59  239 60  HOH HOH A . 
C 3 HOH 60  240 61  HOH HOH A . 
C 3 HOH 61  241 64  HOH HOH A . 
C 3 HOH 62  242 65  HOH HOH A . 
C 3 HOH 63  243 66  HOH HOH A . 
C 3 HOH 64  244 67  HOH HOH A . 
C 3 HOH 65  245 68  HOH HOH A . 
C 3 HOH 66  246 69  HOH HOH A . 
C 3 HOH 67  247 71  HOH HOH A . 
C 3 HOH 68  248 73  HOH HOH A . 
C 3 HOH 69  249 74  HOH HOH A . 
C 3 HOH 70  250 75  HOH HOH A . 
C 3 HOH 71  251 76  HOH HOH A . 
C 3 HOH 72  252 77  HOH HOH A . 
C 3 HOH 73  253 78  HOH HOH A . 
C 3 HOH 74  254 79  HOH HOH A . 
C 3 HOH 75  255 80  HOH HOH A . 
C 3 HOH 76  256 82  HOH HOH A . 
C 3 HOH 77  257 86  HOH HOH A . 
C 3 HOH 78  258 87  HOH HOH A . 
C 3 HOH 79  259 88  HOH HOH A . 
C 3 HOH 80  260 89  HOH HOH A . 
C 3 HOH 81  261 91  HOH HOH A . 
C 3 HOH 82  262 93  HOH HOH A . 
C 3 HOH 83  263 94  HOH HOH A . 
C 3 HOH 84  264 96  HOH HOH A . 
C 3 HOH 85  265 97  HOH HOH A . 
C 3 HOH 86  266 99  HOH HOH A . 
C 3 HOH 87  267 100 HOH HOH A . 
C 3 HOH 88  268 101 HOH HOH A . 
C 3 HOH 89  269 103 HOH HOH A . 
C 3 HOH 90  270 104 HOH HOH A . 
C 3 HOH 91  271 105 HOH HOH A . 
C 3 HOH 92  272 106 HOH HOH A . 
C 3 HOH 93  273 107 HOH HOH A . 
C 3 HOH 94  274 108 HOH HOH A . 
C 3 HOH 95  275 109 HOH HOH A . 
C 3 HOH 96  276 113 HOH HOH A . 
C 3 HOH 97  277 114 HOH HOH A . 
C 3 HOH 98  278 115 HOH HOH A . 
C 3 HOH 99  279 116 HOH HOH A . 
C 3 HOH 100 280 118 HOH HOH A . 
C 3 HOH 101 281 119 HOH HOH A . 
C 3 HOH 102 282 121 HOH HOH A . 
C 3 HOH 103 283 122 HOH HOH A . 
C 3 HOH 104 284 123 HOH HOH A . 
C 3 HOH 105 285 124 HOH HOH A . 
C 3 HOH 106 286 125 HOH HOH A . 
C 3 HOH 107 287 127 HOH HOH A . 
C 3 HOH 108 288 128 HOH HOH A . 
C 3 HOH 109 289 129 HOH HOH A . 
C 3 HOH 110 290 131 HOH HOH A . 
C 3 HOH 111 291 132 HOH HOH A . 
C 3 HOH 112 292 133 HOH HOH A . 
C 3 HOH 113 293 134 HOH HOH A . 
C 3 HOH 114 294 135 HOH HOH A . 
C 3 HOH 115 295 136 HOH HOH A . 
C 3 HOH 116 296 137 HOH HOH A . 
C 3 HOH 117 297 138 HOH HOH A . 
C 3 HOH 118 298 140 HOH HOH A . 
C 3 HOH 119 299 141 HOH HOH A . 
C 3 HOH 120 300 142 HOH HOH A . 
C 3 HOH 121 301 143 HOH HOH A . 
C 3 HOH 122 302 144 HOH HOH A . 
# 
loop_
_software.name 
_software.version 
_software.date 
_software.type 
_software.contact_author 
_software.contact_author_email 
_software.classification 
_software.location 
_software.language 
_software.citation_id 
_software.pdbx_ordinal 
DENZO       .     ?                package 'Zbyszek Otwinowski' zbyszek@mix.swmed.edu    'data reduction'  
http://www.lnls.br/infra/linhasluz/denzo-hkl.htm ?          ? 1 
SCALEPACK   .     ?                package 'Zbyszek Otwinowski' zbyszek@mix.swmed.edu    'data scaling'    
http://www.lnls.br/infra/linhasluz/denzo-hkl.htm ?          ? 2 
MOLREP      .     ?                other   'A. Vagin'           alexei@ysbl.york.ac.uk   phasing           
http://www.ccp4.ac.uk/dist/html/molrep.html      Fortran_77 ? 3 
REFMAC      .     ?                program 'Murshudov, G.N.'    ccp4@dl.ac.uk            refinement        
http://www.ccp4.ac.uk/main.html                  Fortran_77 ? 4 
PDB_EXTRACT 2.000 'April. 3, 2006' package PDB                  sw-help@rcsb.rutgers.edu 'data extraction' 
http://pdb.rutgers.edu/software/                 C++        ? 5 
# 
_cell.length_a           45.865 
_cell.length_b           63.511 
_cell.length_c           66.295 
_cell.angle_alpha        90.000 
_cell.angle_beta         90.000 
_cell.angle_gamma        90.000 
_cell.entry_id           2HQJ 
_cell.pdbx_unique_axis   ? 
_cell.Z_PDB              4 
_cell.length_a_esd       ? 
_cell.length_b_esd       ? 
_cell.length_c_esd       ? 
_cell.angle_alpha_esd    ? 
_cell.angle_beta_esd     ? 
_cell.angle_gamma_esd    ? 
# 
_symmetry.space_group_name_H-M             'P 21 21 21' 
_symmetry.entry_id                         2HQJ 
_symmetry.Int_Tables_number                19 
_symmetry.pdbx_full_space_group_name_H-M   ? 
_symmetry.cell_setting                     ? 
_symmetry.space_group_name_Hall            ? 
# 
_exptl.crystals_number   1 
_exptl.entry_id          2HQJ 
_exptl.method            'X-RAY DIFFRACTION' 
# 
_exptl_crystal.id                    1 
_exptl_crystal.density_meas          ? 
_exptl_crystal.density_Matthews      2.48 
_exptl_crystal.density_percent_sol   50.38 
_exptl_crystal.description           ? 
_exptl_crystal.F_000                 ? 
_exptl_crystal.preparation           ? 
# 
_exptl_crystal_grow.crystal_id      1 
_exptl_crystal_grow.method          'VAPOR DIFFUSION' 
_exptl_crystal_grow.pH              10.0 
_exptl_crystal_grow.temp            298 
_exptl_crystal_grow.pdbx_details    
'40% PEG 8000, 0.2M Potassium phosphate monobasic, 0.1M CAPS, 5mM DTT, pH 10.0, vapor diffusion, temperature 298K' 
_exptl_crystal_grow.temp_details    ? 
_exptl_crystal_grow.pdbx_pH_range   . 
# 
_diffrn.id                     1 
_diffrn.ambient_temp           100 
_diffrn.ambient_temp_details   ? 
_diffrn.crystal_id             1 
# 
_diffrn_detector.diffrn_id              1 
_diffrn_detector.detector               CCD 
_diffrn_detector.type                   'MARMOSAIC 325 mm CCD' 
_diffrn_detector.pdbx_collection_date   2006-06-07 
_diffrn_detector.details                ? 
# 
_diffrn_radiation.diffrn_id                        1 
_diffrn_radiation.pdbx_diffrn_protocol             'SINGLE WAVELENGTH' 
_diffrn_radiation.monochromator                    ? 
_diffrn_radiation.wavelength_id                    1 
_diffrn_radiation.pdbx_monochromatic_or_laue_m_l   M 
_diffrn_radiation.pdbx_scattering_type             x-ray 
# 
_diffrn_radiation_wavelength.id           1 
_diffrn_radiation_wavelength.wavelength   0.9076 
_diffrn_radiation_wavelength.wt           1.0 
# 
_diffrn_source.diffrn_id                   1 
_diffrn_source.source                      SYNCHROTRON 
_diffrn_source.type                        'SSRL BEAMLINE BL9-2' 
_diffrn_source.pdbx_wavelength_list        0.9076 
_diffrn_source.pdbx_wavelength             ? 
_diffrn_source.pdbx_synchrotron_site       SSRL 
_diffrn_source.pdbx_synchrotron_beamline   BL9-2 
# 
_reflns.entry_id                     2HQJ 
_reflns.d_resolution_high            2.000 
_reflns.d_resolution_low             40 
_reflns.number_obs                   13170 
_reflns.pdbx_Rmerge_I_obs            0.125 
_reflns.pdbx_netI_over_sigmaI        5.800 
_reflns.pdbx_chi_squared             1.031 
_reflns.pdbx_redundancy              3.500 
_reflns.percent_possible_obs         96.100 
_reflns.observed_criterion_sigma_F   ? 
_reflns.observed_criterion_sigma_I   ? 
_reflns.number_all                   ? 
_reflns.pdbx_Rsym_value              ? 
_reflns.B_iso_Wilson_estimate        ? 
_reflns.R_free_details               ? 
_reflns.limit_h_max                  ? 
_reflns.limit_h_min                  ? 
_reflns.limit_k_max                  ? 
_reflns.limit_k_min                  ? 
_reflns.limit_l_max                  ? 
_reflns.limit_l_min                  ? 
_reflns.observed_criterion_F_max     ? 
_reflns.observed_criterion_F_min     ? 
_reflns.pdbx_scaling_rejects         ? 
_reflns.pdbx_ordinal                 1 
_reflns.pdbx_diffrn_id               1 
# 
loop_
_reflns_shell.d_res_high 
_reflns_shell.d_res_low 
_reflns_shell.number_measured_obs 
_reflns_shell.number_measured_all 
_reflns_shell.number_unique_obs 
_reflns_shell.Rmerge_I_obs 
_reflns_shell.meanI_over_sigI_obs 
_reflns_shell.pdbx_Rsym_value 
_reflns_shell.pdbx_chi_squared 
_reflns_shell.pdbx_redundancy 
_reflns_shell.percent_possible_obs 
_reflns_shell.number_unique_all 
_reflns_shell.percent_possible_all 
_reflns_shell.pdbx_ordinal 
_reflns_shell.pdbx_diffrn_id 
2.00 2.07  ? ? ? 0.481 ? ? 1.086 2.80 ? 1214 90.90 1  1 
2.07 2.15  ? ? ? 0.434 ? ? 1.004 3.10 ? 1257 94.70 2  1 
2.15 2.25  ? ? ? 0.352 ? ? 1.110 3.30 ? 1311 97.50 3  1 
2.25 2.37  ? ? ? 0.306 ? ? 1.066 3.50 ? 1332 98.00 4  1 
2.37 2.52  ? ? ? 0.24  ? ? 0.953 3.60 ? 1321 98.40 5  1 
2.52 2.71  ? ? ? 0.21  ? ? 1.019 3.70 ? 1328 97.40 6  1 
2.71 2.99  ? ? ? 0.14  ? ? 0.929 3.70 ? 1334 98.50 7  1 
2.99 3.42  ? ? ? 0.09  ? ? 1.026 3.70 ? 1355 97.50 8  1 
3.42 4.31  ? ? ? 0.059 ? ? 1.140 3.70 ? 1338 96.30 9  1 
4.31 40.00 ? ? ? 0.044 ? ? 1.007 3.60 ? 1380 92.40 10 1 
# 
_refine.entry_id                                 2HQJ 
_refine.ls_d_res_high                            2.000 
_refine.ls_d_res_low                             32.43 
_refine.pdbx_ls_sigma_F                          0.00 
_refine.ls_percent_reflns_obs                    95.890 
_refine.ls_number_reflns_obs                     13167 
_refine.pdbx_ls_cross_valid_method               THROUGHOUT 
_refine.pdbx_R_Free_selection_details            RANDOM 
_refine.details                                  'HYDROGENS HAVE BEEN ADDED IN THE RIDING POSITIONS' 
_refine.ls_R_factor_all                          0.193 
_refine.ls_R_factor_R_work                       0.191 
_refine.ls_R_factor_R_free                       0.239 
_refine.ls_percent_reflns_R_free                 5.000 
_refine.ls_number_reflns_R_free                  659 
_refine.B_iso_mean                               8.460 
_refine.aniso_B[1][1]                            0.050 
_refine.aniso_B[2][2]                            -0.270 
_refine.aniso_B[3][3]                            0.220 
_refine.aniso_B[1][2]                            0.000 
_refine.aniso_B[1][3]                            0.000 
_refine.aniso_B[2][3]                            0.000 
_refine.correlation_coeff_Fo_to_Fc               0.942 
_refine.correlation_coeff_Fo_to_Fc_free          0.918 
_refine.pdbx_overall_ESU_R                       0.185 
_refine.pdbx_overall_ESU_R_Free                  0.169 
_refine.overall_SU_ML                            0.125 
_refine.overall_SU_B                             8.615 
_refine.solvent_model_details                    MASK 
_refine.pdbx_solvent_vdw_probe_radii             1.400 
_refine.pdbx_solvent_ion_probe_radii             0.800 
_refine.pdbx_solvent_shrinkage_radii             0.800 
_refine.pdbx_stereochemistry_target_values       'MAXIMUM LIKELIHOOD' 
_refine.pdbx_ls_sigma_I                          ? 
_refine.ls_number_reflns_all                     ? 
_refine.ls_R_factor_obs                          ? 
_refine.ls_redundancy_reflns_obs                 ? 
_refine.pdbx_data_cutoff_high_absF               ? 
_refine.pdbx_data_cutoff_low_absF                ? 
_refine.ls_number_parameters                     ? 
_refine.ls_number_restraints                     ? 
_refine.ls_R_factor_R_free_error                 ? 
_refine.ls_R_factor_R_free_error_details         ? 
_refine.pdbx_method_to_determine_struct          'MOLECULAR REPLACEMENT' 
_refine.pdbx_starting_model                      ? 
_refine.pdbx_stereochem_target_val_spec_case     ? 
_refine.solvent_model_param_bsol                 ? 
_refine.solvent_model_param_ksol                 ? 
_refine.occupancy_max                            ? 
_refine.occupancy_min                            ? 
_refine.pdbx_isotropic_thermal_model             ? 
_refine.B_iso_min                                ? 
_refine.B_iso_max                                ? 
_refine.overall_SU_R_Cruickshank_DPI             ? 
_refine.overall_SU_R_free                        ? 
_refine.pdbx_data_cutoff_high_rms_absF           ? 
_refine.ls_wR_factor_R_free                      ? 
_refine.ls_wR_factor_R_work                      ? 
_refine.overall_FOM_free_R_set                   ? 
_refine.overall_FOM_work_R_set                   ? 
_refine.pdbx_refine_id                           'X-RAY DIFFRACTION' 
_refine.pdbx_TLS_residual_ADP_flag               'LIKELY RESIDUAL' 
_refine.pdbx_diffrn_id                           1 
_refine.pdbx_overall_phase_error                 ? 
_refine.pdbx_overall_SU_R_free_Cruickshank_DPI   ? 
_refine.pdbx_overall_SU_R_Blow_DPI               ? 
_refine.pdbx_overall_SU_R_free_Blow_DPI          ? 
# 
_refine_hist.pdbx_refine_id                   'X-RAY DIFFRACTION' 
_refine_hist.cycle_id                         LAST 
_refine_hist.pdbx_number_atoms_protein        1344 
_refine_hist.pdbx_number_atoms_nucleic_acid   0 
_refine_hist.pdbx_number_atoms_ligand         5 
_refine_hist.number_atoms_solvent             122 
_refine_hist.number_atoms_total               1471 
_refine_hist.d_res_high                       2.000 
_refine_hist.d_res_low                        32.43 
# 
loop_
_refine_ls_restr.type 
_refine_ls_restr.number 
_refine_ls_restr.dev_ideal 
_refine_ls_restr.dev_ideal_target 
_refine_ls_restr.weight 
_refine_ls_restr.pdbx_refine_id 
_refine_ls_restr.pdbx_restraint_function 
r_bond_refined_d         1378 0.015  0.022  ? 'X-RAY DIFFRACTION' ? 
r_bond_other_d           961  0.010  0.020  ? 'X-RAY DIFFRACTION' ? 
r_angle_refined_deg      1855 1.521  1.950  ? 'X-RAY DIFFRACTION' ? 
r_angle_other_deg        2328 1.035  3.000  ? 'X-RAY DIFFRACTION' ? 
r_dihedral_angle_1_deg   180  7.198  5.000  ? 'X-RAY DIFFRACTION' ? 
r_dihedral_angle_2_deg   57   37.352 22.807 ? 'X-RAY DIFFRACTION' ? 
r_dihedral_angle_3_deg   233  15.438 15.000 ? 'X-RAY DIFFRACTION' ? 
r_dihedral_angle_4_deg   11   19.603 15.000 ? 'X-RAY DIFFRACTION' ? 
r_chiral_restr           201  0.093  0.200  ? 'X-RAY DIFFRACTION' ? 
r_gen_planes_refined     1561 0.005  0.020  ? 'X-RAY DIFFRACTION' ? 
r_gen_planes_other       297  0.001  0.020  ? 'X-RAY DIFFRACTION' ? 
r_nbd_refined            252  0.185  0.200  ? 'X-RAY DIFFRACTION' ? 
r_nbd_other              1002 0.193  0.200  ? 'X-RAY DIFFRACTION' ? 
r_nbtor_refined          672  0.170  0.200  ? 'X-RAY DIFFRACTION' ? 
r_nbtor_other            734  0.088  0.200  ? 'X-RAY DIFFRACTION' ? 
r_xyhbond_nbd_refined    99   0.160  0.200  ? 'X-RAY DIFFRACTION' ? 
r_symmetry_vdw_refined   14   0.168  0.200  ? 'X-RAY DIFFRACTION' ? 
r_symmetry_vdw_other     43   0.329  0.200  ? 'X-RAY DIFFRACTION' ? 
r_symmetry_hbond_refined 11   0.148  0.200  ? 'X-RAY DIFFRACTION' ? 
r_mcbond_it              1129 0.809  1.500  ? 'X-RAY DIFFRACTION' ? 
r_mcbond_other           376  0.171  1.500  ? 'X-RAY DIFFRACTION' ? 
r_mcangle_it             1408 1.025  2.000  ? 'X-RAY DIFFRACTION' ? 
r_scbond_it              575  1.914  3.000  ? 'X-RAY DIFFRACTION' ? 
r_scangle_it             446  2.533  4.500  ? 'X-RAY DIFFRACTION' ? 
# 
_refine_ls_shell.d_res_high                       2.0 
_refine_ls_shell.d_res_low                        2.048 
_refine_ls_shell.pdbx_total_number_of_bins_used   20 
_refine_ls_shell.percent_reflns_obs               86.950 
_refine_ls_shell.number_reflns_R_work             803 
_refine_ls_shell.R_factor_all                     ? 
_refine_ls_shell.R_factor_R_work                  0.248 
_refine_ls_shell.R_factor_R_free                  0.276 
_refine_ls_shell.percent_reflns_R_free            ? 
_refine_ls_shell.number_reflns_R_free             50 
_refine_ls_shell.R_factor_R_free_error            ? 
_refine_ls_shell.number_reflns_all                ? 
_refine_ls_shell.number_reflns_obs                853 
_refine_ls_shell.redundancy_reflns_obs            ? 
_refine_ls_shell.pdbx_refine_id                   'X-RAY DIFFRACTION' 
# 
_struct.entry_id                  2HQJ 
_struct.title                     'Cyclophilin from Leishmania major' 
_struct.pdbx_model_details        ? 
_struct.pdbx_CASP_flag            ? 
_struct.pdbx_model_type_details   ? 
# 
_struct_keywords.entry_id        2HQJ 
_struct_keywords.pdbx_keywords   ISOMERASE 
_struct_keywords.text            
'Structural Genomics, PSI, Protein Structure Initiative, Structural Genomics of Pathogenic Protozoa Consortium, SGPP, ISOMERASE' 
# 
loop_
_struct_asym.id 
_struct_asym.pdbx_blank_PDB_chainid_flag 
_struct_asym.pdbx_modified 
_struct_asym.entity_id 
_struct_asym.details 
A N N 1 ? 
B N N 2 ? 
C N N 3 ? 
# 
_struct_ref.id                         1 
_struct_ref.db_name                    UNP 
_struct_ref.db_code                    Q4QBH1_LEIMA 
_struct_ref.pdbx_db_accession          Q4QBH1 
_struct_ref.pdbx_db_isoform            ? 
_struct_ref.entity_id                  1 
_struct_ref.pdbx_seq_one_letter_code   
;TNPKVFFDISIDNKAAGRIVMELYADTVPKTAENFRALCTGEKGKGRSGKPLHYKSSVFHRVIPNFMIQGGDFTRGNGTG
GESIYGTTFRDESFSGKAGRHTGLGCLSMANAGPNTNGSQFFICTAATPWLDGKHVVFGRVIDGLDVVKKVERLGSSSGK
TRSRIVVSDCGEVAADKS
;
_struct_ref.pdbx_align_begin           22 
# 
_struct_ref_seq.align_id                      1 
_struct_ref_seq.ref_id                        1 
_struct_ref_seq.pdbx_PDB_id_code              2HQJ 
_struct_ref_seq.pdbx_strand_id                A 
_struct_ref_seq.seq_align_beg                 6 
_struct_ref_seq.pdbx_seq_align_beg_ins_code   ? 
_struct_ref_seq.seq_align_end                 183 
_struct_ref_seq.pdbx_seq_align_end_ins_code   ? 
_struct_ref_seq.pdbx_db_accession             Q4QBH1 
_struct_ref_seq.db_align_beg                  22 
_struct_ref_seq.pdbx_db_align_beg_ins_code    ? 
_struct_ref_seq.db_align_end                  199 
_struct_ref_seq.pdbx_db_align_end_ins_code    ? 
_struct_ref_seq.pdbx_auth_seq_align_beg       2 
_struct_ref_seq.pdbx_auth_seq_align_end       179 
# 
loop_
_struct_ref_seq_dif.align_id 
_struct_ref_seq_dif.pdbx_pdb_id_code 
_struct_ref_seq_dif.mon_id 
_struct_ref_seq_dif.pdbx_pdb_strand_id 
_struct_ref_seq_dif.seq_num 
_struct_ref_seq_dif.pdbx_pdb_ins_code 
_struct_ref_seq_dif.pdbx_seq_db_name 
_struct_ref_seq_dif.pdbx_seq_db_accession_code 
_struct_ref_seq_dif.db_mon_id 
_struct_ref_seq_dif.pdbx_seq_db_seq_num 
_struct_ref_seq_dif.details 
_struct_ref_seq_dif.pdbx_auth_seq_num 
_struct_ref_seq_dif.pdbx_ordinal 
1 2HQJ GLY A 1 ? UNP Q4QBH1 ? ? 'expression tag' -3 1 
1 2HQJ PRO A 2 ? UNP Q4QBH1 ? ? 'expression tag' -2 2 
1 2HQJ GLY A 3 ? UNP Q4QBH1 ? ? 'expression tag' -1 3 
1 2HQJ SER A 4 ? UNP Q4QBH1 ? ? 'expression tag' 0  4 
1 2HQJ MET A 5 ? UNP Q4QBH1 ? ? 'expression tag' 1  5 
# 
_pdbx_struct_assembly.id                   1 
_pdbx_struct_assembly.details              author_defined_assembly 
_pdbx_struct_assembly.method_details       ? 
_pdbx_struct_assembly.oligomeric_details   monomeric 
_pdbx_struct_assembly.oligomeric_count     1 
# 
_pdbx_struct_assembly_gen.assembly_id       1 
_pdbx_struct_assembly_gen.oper_expression   1 
_pdbx_struct_assembly_gen.asym_id_list      A,B,C 
# 
_pdbx_struct_oper_list.id                   1 
_pdbx_struct_oper_list.type                 'identity operation' 
_pdbx_struct_oper_list.name                 1_555 
_pdbx_struct_oper_list.symmetry_operation   x,y,z 
_pdbx_struct_oper_list.matrix[1][1]         1.0000000000 
_pdbx_struct_oper_list.matrix[1][2]         0.0000000000 
_pdbx_struct_oper_list.matrix[1][3]         0.0000000000 
_pdbx_struct_oper_list.vector[1]            0.0000000000 
_pdbx_struct_oper_list.matrix[2][1]         0.0000000000 
_pdbx_struct_oper_list.matrix[2][2]         1.0000000000 
_pdbx_struct_oper_list.matrix[2][3]         0.0000000000 
_pdbx_struct_oper_list.vector[2]            0.0000000000 
_pdbx_struct_oper_list.matrix[3][1]         0.0000000000 
_pdbx_struct_oper_list.matrix[3][2]         0.0000000000 
_pdbx_struct_oper_list.matrix[3][3]         1.0000000000 
_pdbx_struct_oper_list.vector[3]            0.0000000000 
# 
loop_
_struct_conf.conf_type_id 
_struct_conf.id 
_struct_conf.pdbx_PDB_helix_id 
_struct_conf.beg_label_comp_id 
_struct_conf.beg_label_asym_id 
_struct_conf.beg_label_seq_id 
_struct_conf.pdbx_beg_PDB_ins_code 
_struct_conf.end_label_comp_id 
_struct_conf.end_label_asym_id 
_struct_conf.end_label_seq_id 
_struct_conf.pdbx_end_PDB_ins_code 
_struct_conf.beg_auth_comp_id 
_struct_conf.beg_auth_asym_id 
_struct_conf.beg_auth_seq_id 
_struct_conf.end_auth_comp_id 
_struct_conf.end_auth_asym_id 
_struct_conf.end_auth_seq_id 
_struct_conf.pdbx_PDB_helix_class 
_struct_conf.details 
_struct_conf.pdbx_PDB_helix_length 
HELX_P HELX_P1 1 VAL A 33  ? GLY A 46  ? VAL A 29  GLY A 42  1 ? 14 
HELX_P HELX_P2 2 SER A 100 ? ARG A 105 ? SER A 96  ARG A 101 5 ? 6  
HELX_P HELX_P3 3 THR A 133 ? ASP A 137 ? THR A 129 ASP A 133 5 ? 5  
HELX_P HELX_P4 4 GLY A 149 ? ARG A 158 ? GLY A 145 ARG A 154 1 ? 10 
# 
_struct_conf_type.id          HELX_P 
_struct_conf_type.criteria    ? 
_struct_conf_type.reference   ? 
# 
_struct_sheet.id               A 
_struct_sheet.type             ? 
_struct_sheet.number_strands   8 
_struct_sheet.details          ? 
# 
loop_
_struct_sheet_order.sheet_id 
_struct_sheet_order.range_id_1 
_struct_sheet_order.range_id_2 
_struct_sheet_order.offset 
_struct_sheet_order.sense 
A 1 2 ? anti-parallel 
A 2 3 ? anti-parallel 
A 3 4 ? anti-parallel 
A 4 5 ? anti-parallel 
A 5 6 ? anti-parallel 
A 6 7 ? anti-parallel 
A 7 8 ? anti-parallel 
# 
loop_
_struct_sheet_range.sheet_id 
_struct_sheet_range.id 
_struct_sheet_range.beg_label_comp_id 
_struct_sheet_range.beg_label_asym_id 
_struct_sheet_range.beg_label_seq_id 
_struct_sheet_range.pdbx_beg_PDB_ins_code 
_struct_sheet_range.end_label_comp_id 
_struct_sheet_range.end_label_asym_id 
_struct_sheet_range.end_label_seq_id 
_struct_sheet_range.pdbx_end_PDB_ins_code 
_struct_sheet_range.beg_auth_comp_id 
_struct_sheet_range.beg_auth_asym_id 
_struct_sheet_range.beg_auth_seq_id 
_struct_sheet_range.end_auth_comp_id 
_struct_sheet_range.end_auth_asym_id 
_struct_sheet_range.end_auth_seq_id 
A 1 ARG A 66  ? ILE A 68  ? ARG A 62  ILE A 64  
A 2 MET A 72  ? GLY A 75  ? MET A 68  GLY A 71  
A 3 ASN A 122 ? CYS A 129 ? ASN A 118 CYS A 125 
A 4 CYS A 111 ? ASN A 116 ? CYS A 107 ASN A 112 
A 5 VAL A 142 ? ASP A 148 ? VAL A 138 ASP A 144 
A 6 LYS A 19  ? LEU A 28  ? LYS A 15  LEU A 24  
A 7 LYS A 9   ? ILE A 16  ? LYS A 5   ILE A 12  
A 8 ILE A 170 ? VAL A 178 ? ILE A 166 VAL A 174 
# 
loop_
_pdbx_struct_sheet_hbond.sheet_id 
_pdbx_struct_sheet_hbond.range_id_1 
_pdbx_struct_sheet_hbond.range_id_2 
_pdbx_struct_sheet_hbond.range_1_label_atom_id 
_pdbx_struct_sheet_hbond.range_1_label_comp_id 
_pdbx_struct_sheet_hbond.range_1_label_asym_id 
_pdbx_struct_sheet_hbond.range_1_label_seq_id 
_pdbx_struct_sheet_hbond.range_1_PDB_ins_code 
_pdbx_struct_sheet_hbond.range_1_auth_atom_id 
_pdbx_struct_sheet_hbond.range_1_auth_comp_id 
_pdbx_struct_sheet_hbond.range_1_auth_asym_id 
_pdbx_struct_sheet_hbond.range_1_auth_seq_id 
_pdbx_struct_sheet_hbond.range_2_label_atom_id 
_pdbx_struct_sheet_hbond.range_2_label_comp_id 
_pdbx_struct_sheet_hbond.range_2_label_asym_id 
_pdbx_struct_sheet_hbond.range_2_label_seq_id 
_pdbx_struct_sheet_hbond.range_2_PDB_ins_code 
_pdbx_struct_sheet_hbond.range_2_auth_atom_id 
_pdbx_struct_sheet_hbond.range_2_auth_comp_id 
_pdbx_struct_sheet_hbond.range_2_auth_asym_id 
_pdbx_struct_sheet_hbond.range_2_auth_seq_id 
A 1 2 N ARG A 66  ? N ARG A 62  O GLN A 74  ? O GLN A 70  
A 2 3 N ILE A 73  ? N ILE A 69  O ILE A 128 ? O ILE A 124 
A 3 4 O CYS A 129 ? O CYS A 125 N CYS A 111 ? N CYS A 107 
A 4 5 N LEU A 112 ? N LEU A 108 O GLY A 144 ? O GLY A 140 
A 5 6 O ILE A 147 ? O ILE A 143 N VAL A 25  ? N VAL A 21  
A 6 7 O ALA A 21  ? O ALA A 17  N ILE A 14  ? N ILE A 10  
A 7 8 N ASP A 13  ? N ASP A 9   O ASP A 174 ? O ASP A 170 
# 
_struct_site.id                   AC1 
_struct_site.pdbx_evidence_code   Software 
_struct_site.pdbx_auth_asym_id    A 
_struct_site.pdbx_auth_comp_id    PO4 
_struct_site.pdbx_auth_seq_id     180 
_struct_site.pdbx_auth_ins_code   ? 
_struct_site.pdbx_num_residues    4 
_struct_site.details              'BINDING SITE FOR RESIDUE PO4 A 180' 
# 
loop_
_struct_site_gen.id 
_struct_site_gen.site_id 
_struct_site_gen.pdbx_num_res 
_struct_site_gen.label_comp_id 
_struct_site_gen.label_asym_id 
_struct_site_gen.label_seq_id 
_struct_site_gen.pdbx_auth_ins_code 
_struct_site_gen.auth_comp_id 
_struct_site_gen.auth_asym_id 
_struct_site_gen.auth_seq_id 
_struct_site_gen.label_atom_id 
_struct_site_gen.label_alt_id 
_struct_site_gen.symmetry 
_struct_site_gen.details 
1 AC1 4 PRO A 56 ? PRO A 52  . ? 1_555 ? 
2 AC1 4 HIS A 58 ? HIS A 54  . ? 1_555 ? 
3 AC1 4 HOH C .  ? HOH A 213 . ? 4_545 ? 
4 AC1 4 HOH C .  ? HOH A 214 . ? 1_555 ? 
# 
loop_
_pdbx_validate_torsion.id 
_pdbx_validate_torsion.PDB_model_num 
_pdbx_validate_torsion.auth_comp_id 
_pdbx_validate_torsion.auth_asym_id 
_pdbx_validate_torsion.auth_seq_id 
_pdbx_validate_torsion.PDB_ins_code 
_pdbx_validate_torsion.label_alt_id 
_pdbx_validate_torsion.phi 
_pdbx_validate_torsion.psi 
1 1 ASP A 13 ? ? 29.87   59.87  
2 1 PHE A 67 ? ? -137.96 -75.06 
3 1 SER A 94 ? ? 180.00  151.09 
# 
_pdbx_SG_project.id                    1 
_pdbx_SG_project.project_name          'PSI, Protein Structure Initiative' 
_pdbx_SG_project.full_name_of_center   'Structural Genomics of Pathogenic Protozoa Consortium' 
_pdbx_SG_project.initial_of_center     SGPP 
# 
loop_
_pdbx_refine_tls.id 
_pdbx_refine_tls.details 
_pdbx_refine_tls.method 
_pdbx_refine_tls.origin_x 
_pdbx_refine_tls.origin_y 
_pdbx_refine_tls.origin_z 
_pdbx_refine_tls.T[1][1] 
_pdbx_refine_tls.T[2][2] 
_pdbx_refine_tls.T[3][3] 
_pdbx_refine_tls.T[1][2] 
_pdbx_refine_tls.T[1][3] 
_pdbx_refine_tls.T[2][3] 
_pdbx_refine_tls.L[1][1] 
_pdbx_refine_tls.L[2][2] 
_pdbx_refine_tls.L[3][3] 
_pdbx_refine_tls.L[1][2] 
_pdbx_refine_tls.L[1][3] 
_pdbx_refine_tls.L[2][3] 
_pdbx_refine_tls.S[1][1] 
_pdbx_refine_tls.S[2][2] 
_pdbx_refine_tls.S[3][3] 
_pdbx_refine_tls.S[1][2] 
_pdbx_refine_tls.S[1][3] 
_pdbx_refine_tls.S[2][3] 
_pdbx_refine_tls.S[2][1] 
_pdbx_refine_tls.S[3][1] 
_pdbx_refine_tls.S[3][2] 
_pdbx_refine_tls.pdbx_refine_id 
1 ? refined 8.3928   -1.2465 4.8316   -0.0320 0.0555  -0.0001 -0.0405 -0.0006 -0.0153 4.1961  12.6575 4.2604  -2.8324 0.6641  -1.2061 -0.0531 0.0066  0.0465  -0.0384 0.0448  -0.1222 -0.1795 -0.0901 0.1705  'X-RAY DIFFRACTION' 
2 ? refined -3.7186  2.2565  6.9536   -0.0060 0.0194  0.0416  0.0091  0.0111  -0.0146 1.0575  2.0254  1.5347  0.3980  0.0910  -0.2795 0.0040  0.0249  -0.0289 -0.0657 0.1213  0.1375  0.1917  -0.0227 -0.1096 'X-RAY DIFFRACTION' 
3 ? refined 1.8012   -7.0356 -10.5566 -0.0149 0.0411  -0.0023 0.0307  -0.0247 0.0000  1.7434  8.7337  20.0861 2.8228  -5.7940 -7.5222 -0.1775 0.2631  -0.0855 0.3678  0.1393  0.2177  -0.2604 0.1643  -0.4370 'X-RAY DIFFRACTION' 
4 ? refined -10.4772 -0.2469 1.9522   -0.0432 0.0105  0.0400  0.0077  0.0154  -0.0081 0.5803  5.3093  1.0149  -1.6707 0.3263  -0.2945 0.0037  -0.0479 0.0442  -0.0315 -0.0284 0.3699  0.1748  0.0466  -0.0946 'X-RAY DIFFRACTION' 
5 ? refined -1.6388  13.5460 -9.1141  0.0014  -0.0226 0.0364  0.0165  0.0438  0.0766  1.0497  17.6874 10.9060 1.9405  3.3206  3.7573  0.3387  -0.0837 -0.2551 0.3393  0.7942  -0.7273 -0.3844 -0.4331 0.1331  'X-RAY DIFFRACTION' 
6 ? refined -2.7037  3.1547  -7.9805  -0.0040 -0.0025 -0.0165 0.0030  0.0002  -0.0071 1.7592  1.3707  1.1965  -0.3533 -0.7044 -0.4336 0.0553  -0.0256 -0.0297 0.2282  0.0171  0.0492  -0.1896 -0.0103 -0.0506 'X-RAY DIFFRACTION' 
7 ? refined 12.1843  -0.9512 -3.0049  -0.0455 0.0712  -0.0334 -0.0174 -0.0131 -0.0027 10.0763 24.5923 4.3826  -5.6439 -3.2539 7.2565  0.0782  0.2169  -0.2951 -0.1370 0.2885  -0.8071 -0.2348 -0.0735 0.5179  'X-RAY DIFFRACTION' 
8 ? refined 5.7902   -6.9126 1.6510   -0.0309 0.0342  0.0236  0.0329  0.0009  0.0218  1.2174  3.2618  6.4234  1.5925  1.9165  3.5520  0.0485  0.0389  -0.0874 0.0580  -0.0149 -0.0392 0.1060  0.2987  0.0275  'X-RAY DIFFRACTION' 
# 
loop_
_pdbx_refine_tls_group.id 
_pdbx_refine_tls_group.refine_tls_id 
_pdbx_refine_tls_group.beg_label_asym_id 
_pdbx_refine_tls_group.beg_label_seq_id 
_pdbx_refine_tls_group.end_label_asym_id 
_pdbx_refine_tls_group.end_label_seq_id 
_pdbx_refine_tls_group.selection 
_pdbx_refine_tls_group.beg_auth_asym_id 
_pdbx_refine_tls_group.beg_auth_seq_id 
_pdbx_refine_tls_group.end_auth_asym_id 
_pdbx_refine_tls_group.end_auth_seq_id 
_pdbx_refine_tls_group.pdbx_refine_id 
_pdbx_refine_tls_group.selection_details 
1 1 A 5   A 27  ALL A 1   A 23  'X-RAY DIFFRACTION' ? 
2 2 A 28  A 65  ALL A 24  A 61  'X-RAY DIFFRACTION' ? 
3 3 A 66  A 73  ALL A 62  A 69  'X-RAY DIFFRACTION' ? 
4 4 A 74  A 97  ALL A 70  A 93  'X-RAY DIFFRACTION' ? 
5 5 A 98  A 105 ALL A 94  A 101 'X-RAY DIFFRACTION' ? 
6 6 A 106 A 144 ALL A 102 A 140 'X-RAY DIFFRACTION' ? 
7 7 A 145 A 155 ALL A 141 A 151 'X-RAY DIFFRACTION' ? 
8 8 A 156 A 183 ALL A 152 A 179 'X-RAY DIFFRACTION' ? 
# 
_pdbx_phasing_MR.entry_id                     2HQJ 
_pdbx_phasing_MR.method_rotation              ? 
_pdbx_phasing_MR.method_translation           ? 
_pdbx_phasing_MR.model_details                ? 
_pdbx_phasing_MR.R_factor                     ? 
_pdbx_phasing_MR.R_rigid_body                 ? 
_pdbx_phasing_MR.correlation_coeff_Fo_to_Fc   ? 
_pdbx_phasing_MR.correlation_coeff_Io_to_Ic   ? 
_pdbx_phasing_MR.d_res_high_rotation          2.080 
_pdbx_phasing_MR.d_res_low_rotation           32.430 
_pdbx_phasing_MR.d_res_high_translation       2.080 
_pdbx_phasing_MR.d_res_low_translation        32.430 
_pdbx_phasing_MR.packing                      ? 
_pdbx_phasing_MR.reflns_percent_rotation      ? 
_pdbx_phasing_MR.reflns_percent_translation   ? 
_pdbx_phasing_MR.sigma_F_rotation             ? 
_pdbx_phasing_MR.sigma_F_translation          ? 
_pdbx_phasing_MR.sigma_I_rotation             ? 
_pdbx_phasing_MR.sigma_I_translation          ? 
# 
_pdbx_database_remark.id     999 
_pdbx_database_remark.text   
;SEQUENCE   
   
RESIDUES NUMBERING 2 TO 20 IN UNIPROT DATABASE SEQUENCE, 
Q4QBH1, WERE DELETED. 

;
# 
loop_
_pdbx_unobs_or_zero_occ_residues.id 
_pdbx_unobs_or_zero_occ_residues.PDB_model_num 
_pdbx_unobs_or_zero_occ_residues.polymer_flag 
_pdbx_unobs_or_zero_occ_residues.occupancy_flag 
_pdbx_unobs_or_zero_occ_residues.auth_asym_id 
_pdbx_unobs_or_zero_occ_residues.auth_comp_id 
_pdbx_unobs_or_zero_occ_residues.auth_seq_id 
_pdbx_unobs_or_zero_occ_residues.PDB_ins_code 
_pdbx_unobs_or_zero_occ_residues.label_asym_id 
_pdbx_unobs_or_zero_occ_residues.label_comp_id 
_pdbx_unobs_or_zero_occ_residues.label_seq_id 
1 1 Y 1 A GLY -3 ? A GLY 1 
2 1 Y 1 A PRO -2 ? A PRO 2 
3 1 Y 1 A GLY -1 ? A GLY 3 
4 1 Y 1 A SER 0  ? A SER 4 
# 
loop_
_chem_comp_atom.comp_id 
_chem_comp_atom.atom_id 
_chem_comp_atom.type_symbol 
_chem_comp_atom.pdbx_aromatic_flag 
_chem_comp_atom.pdbx_stereo_config 
_chem_comp_atom.pdbx_ordinal 
ALA N    N N N 1   
ALA CA   C N S 2   
ALA C    C N N 3   
ALA O    O N N 4   
ALA CB   C N N 5   
ALA OXT  O N N 6   
ALA H    H N N 7   
ALA H2   H N N 8   
ALA HA   H N N 9   
ALA HB1  H N N 10  
ALA HB2  H N N 11  
ALA HB3  H N N 12  
ALA HXT  H N N 13  
ARG N    N N N 14  
ARG CA   C N S 15  
ARG C    C N N 16  
ARG O    O N N 17  
ARG CB   C N N 18  
ARG CG   C N N 19  
ARG CD   C N N 20  
ARG NE   N N N 21  
ARG CZ   C N N 22  
ARG NH1  N N N 23  
ARG NH2  N N N 24  
ARG OXT  O N N 25  
ARG H    H N N 26  
ARG H2   H N N 27  
ARG HA   H N N 28  
ARG HB2  H N N 29  
ARG HB3  H N N 30  
ARG HG2  H N N 31  
ARG HG3  H N N 32  
ARG HD2  H N N 33  
ARG HD3  H N N 34  
ARG HE   H N N 35  
ARG HH11 H N N 36  
ARG HH12 H N N 37  
ARG HH21 H N N 38  
ARG HH22 H N N 39  
ARG HXT  H N N 40  
ASN N    N N N 41  
ASN CA   C N S 42  
ASN C    C N N 43  
ASN O    O N N 44  
ASN CB   C N N 45  
ASN CG   C N N 46  
ASN OD1  O N N 47  
ASN ND2  N N N 48  
ASN OXT  O N N 49  
ASN H    H N N 50  
ASN H2   H N N 51  
ASN HA   H N N 52  
ASN HB2  H N N 53  
ASN HB3  H N N 54  
ASN HD21 H N N 55  
ASN HD22 H N N 56  
ASN HXT  H N N 57  
ASP N    N N N 58  
ASP CA   C N S 59  
ASP C    C N N 60  
ASP O    O N N 61  
ASP CB   C N N 62  
ASP CG   C N N 63  
ASP OD1  O N N 64  
ASP OD2  O N N 65  
ASP OXT  O N N 66  
ASP H    H N N 67  
ASP H2   H N N 68  
ASP HA   H N N 69  
ASP HB2  H N N 70  
ASP HB3  H N N 71  
ASP HD2  H N N 72  
ASP HXT  H N N 73  
CYS N    N N N 74  
CYS CA   C N R 75  
CYS C    C N N 76  
CYS O    O N N 77  
CYS CB   C N N 78  
CYS SG   S N N 79  
CYS OXT  O N N 80  
CYS H    H N N 81  
CYS H2   H N N 82  
CYS HA   H N N 83  
CYS HB2  H N N 84  
CYS HB3  H N N 85  
CYS HG   H N N 86  
CYS HXT  H N N 87  
GLN N    N N N 88  
GLN CA   C N S 89  
GLN C    C N N 90  
GLN O    O N N 91  
GLN CB   C N N 92  
GLN CG   C N N 93  
GLN CD   C N N 94  
GLN OE1  O N N 95  
GLN NE2  N N N 96  
GLN OXT  O N N 97  
GLN H    H N N 98  
GLN H2   H N N 99  
GLN HA   H N N 100 
GLN HB2  H N N 101 
GLN HB3  H N N 102 
GLN HG2  H N N 103 
GLN HG3  H N N 104 
GLN HE21 H N N 105 
GLN HE22 H N N 106 
GLN HXT  H N N 107 
GLU N    N N N 108 
GLU CA   C N S 109 
GLU C    C N N 110 
GLU O    O N N 111 
GLU CB   C N N 112 
GLU CG   C N N 113 
GLU CD   C N N 114 
GLU OE1  O N N 115 
GLU OE2  O N N 116 
GLU OXT  O N N 117 
GLU H    H N N 118 
GLU H2   H N N 119 
GLU HA   H N N 120 
GLU HB2  H N N 121 
GLU HB3  H N N 122 
GLU HG2  H N N 123 
GLU HG3  H N N 124 
GLU HE2  H N N 125 
GLU HXT  H N N 126 
GLY N    N N N 127 
GLY CA   C N N 128 
GLY C    C N N 129 
GLY O    O N N 130 
GLY OXT  O N N 131 
GLY H    H N N 132 
GLY H2   H N N 133 
GLY HA2  H N N 134 
GLY HA3  H N N 135 
GLY HXT  H N N 136 
HIS N    N N N 137 
HIS CA   C N S 138 
HIS C    C N N 139 
HIS O    O N N 140 
HIS CB   C N N 141 
HIS CG   C Y N 142 
HIS ND1  N Y N 143 
HIS CD2  C Y N 144 
HIS CE1  C Y N 145 
HIS NE2  N Y N 146 
HIS OXT  O N N 147 
HIS H    H N N 148 
HIS H2   H N N 149 
HIS HA   H N N 150 
HIS HB2  H N N 151 
HIS HB3  H N N 152 
HIS HD1  H N N 153 
HIS HD2  H N N 154 
HIS HE1  H N N 155 
HIS HE2  H N N 156 
HIS HXT  H N N 157 
HOH O    O N N 158 
HOH H1   H N N 159 
HOH H2   H N N 160 
ILE N    N N N 161 
ILE CA   C N S 162 
ILE C    C N N 163 
ILE O    O N N 164 
ILE CB   C N S 165 
ILE CG1  C N N 166 
ILE CG2  C N N 167 
ILE CD1  C N N 168 
ILE OXT  O N N 169 
ILE H    H N N 170 
ILE H2   H N N 171 
ILE HA   H N N 172 
ILE HB   H N N 173 
ILE HG12 H N N 174 
ILE HG13 H N N 175 
ILE HG21 H N N 176 
ILE HG22 H N N 177 
ILE HG23 H N N 178 
ILE HD11 H N N 179 
ILE HD12 H N N 180 
ILE HD13 H N N 181 
ILE HXT  H N N 182 
LEU N    N N N 183 
LEU CA   C N S 184 
LEU C    C N N 185 
LEU O    O N N 186 
LEU CB   C N N 187 
LEU CG   C N N 188 
LEU CD1  C N N 189 
LEU CD2  C N N 190 
LEU OXT  O N N 191 
LEU H    H N N 192 
LEU H2   H N N 193 
LEU HA   H N N 194 
LEU HB2  H N N 195 
LEU HB3  H N N 196 
LEU HG   H N N 197 
LEU HD11 H N N 198 
LEU HD12 H N N 199 
LEU HD13 H N N 200 
LEU HD21 H N N 201 
LEU HD22 H N N 202 
LEU HD23 H N N 203 
LEU HXT  H N N 204 
LYS N    N N N 205 
LYS CA   C N S 206 
LYS C    C N N 207 
LYS O    O N N 208 
LYS CB   C N N 209 
LYS CG   C N N 210 
LYS CD   C N N 211 
LYS CE   C N N 212 
LYS NZ   N N N 213 
LYS OXT  O N N 214 
LYS H    H N N 215 
LYS H2   H N N 216 
LYS HA   H N N 217 
LYS HB2  H N N 218 
LYS HB3  H N N 219 
LYS HG2  H N N 220 
LYS HG3  H N N 221 
LYS HD2  H N N 222 
LYS HD3  H N N 223 
LYS HE2  H N N 224 
LYS HE3  H N N 225 
LYS HZ1  H N N 226 
LYS HZ2  H N N 227 
LYS HZ3  H N N 228 
LYS HXT  H N N 229 
MET N    N N N 230 
MET CA   C N S 231 
MET C    C N N 232 
MET O    O N N 233 
MET CB   C N N 234 
MET CG   C N N 235 
MET SD   S N N 236 
MET CE   C N N 237 
MET OXT  O N N 238 
MET H    H N N 239 
MET H2   H N N 240 
MET HA   H N N 241 
MET HB2  H N N 242 
MET HB3  H N N 243 
MET HG2  H N N 244 
MET HG3  H N N 245 
MET HE1  H N N 246 
MET HE2  H N N 247 
MET HE3  H N N 248 
MET HXT  H N N 249 
PHE N    N N N 250 
PHE CA   C N S 251 
PHE C    C N N 252 
PHE O    O N N 253 
PHE CB   C N N 254 
PHE CG   C Y N 255 
PHE CD1  C Y N 256 
PHE CD2  C Y N 257 
PHE CE1  C Y N 258 
PHE CE2  C Y N 259 
PHE CZ   C Y N 260 
PHE OXT  O N N 261 
PHE H    H N N 262 
PHE H2   H N N 263 
PHE HA   H N N 264 
PHE HB2  H N N 265 
PHE HB3  H N N 266 
PHE HD1  H N N 267 
PHE HD2  H N N 268 
PHE HE1  H N N 269 
PHE HE2  H N N 270 
PHE HZ   H N N 271 
PHE HXT  H N N 272 
PO4 P    P N N 273 
PO4 O1   O N N 274 
PO4 O2   O N N 275 
PO4 O3   O N N 276 
PO4 O4   O N N 277 
PRO N    N N N 278 
PRO CA   C N S 279 
PRO C    C N N 280 
PRO O    O N N 281 
PRO CB   C N N 282 
PRO CG   C N N 283 
PRO CD   C N N 284 
PRO OXT  O N N 285 
PRO H    H N N 286 
PRO HA   H N N 287 
PRO HB2  H N N 288 
PRO HB3  H N N 289 
PRO HG2  H N N 290 
PRO HG3  H N N 291 
PRO HD2  H N N 292 
PRO HD3  H N N 293 
PRO HXT  H N N 294 
SER N    N N N 295 
SER CA   C N S 296 
SER C    C N N 297 
SER O    O N N 298 
SER CB   C N N 299 
SER OG   O N N 300 
SER OXT  O N N 301 
SER H    H N N 302 
SER H2   H N N 303 
SER HA   H N N 304 
SER HB2  H N N 305 
SER HB3  H N N 306 
SER HG   H N N 307 
SER HXT  H N N 308 
THR N    N N N 309 
THR CA   C N S 310 
THR C    C N N 311 
THR O    O N N 312 
THR CB   C N R 313 
THR OG1  O N N 314 
THR CG2  C N N 315 
THR OXT  O N N 316 
THR H    H N N 317 
THR H2   H N N 318 
THR HA   H N N 319 
THR HB   H N N 320 
THR HG1  H N N 321 
THR HG21 H N N 322 
THR HG22 H N N 323 
THR HG23 H N N 324 
THR HXT  H N N 325 
TRP N    N N N 326 
TRP CA   C N S 327 
TRP C    C N N 328 
TRP O    O N N 329 
TRP CB   C N N 330 
TRP CG   C Y N 331 
TRP CD1  C Y N 332 
TRP CD2  C Y N 333 
TRP NE1  N Y N 334 
TRP CE2  C Y N 335 
TRP CE3  C Y N 336 
TRP CZ2  C Y N 337 
TRP CZ3  C Y N 338 
TRP CH2  C Y N 339 
TRP OXT  O N N 340 
TRP H    H N N 341 
TRP H2   H N N 342 
TRP HA   H N N 343 
TRP HB2  H N N 344 
TRP HB3  H N N 345 
TRP HD1  H N N 346 
TRP HE1  H N N 347 
TRP HE3  H N N 348 
TRP HZ2  H N N 349 
TRP HZ3  H N N 350 
TRP HH2  H N N 351 
TRP HXT  H N N 352 
TYR N    N N N 353 
TYR CA   C N S 354 
TYR C    C N N 355 
TYR O    O N N 356 
TYR CB   C N N 357 
TYR CG   C Y N 358 
TYR CD1  C Y N 359 
TYR CD2  C Y N 360 
TYR CE1  C Y N 361 
TYR CE2  C Y N 362 
TYR CZ   C Y N 363 
TYR OH   O N N 364 
TYR OXT  O N N 365 
TYR H    H N N 366 
TYR H2   H N N 367 
TYR HA   H N N 368 
TYR HB2  H N N 369 
TYR HB3  H N N 370 
TYR HD1  H N N 371 
TYR HD2  H N N 372 
TYR HE1  H N N 373 
TYR HE2  H N N 374 
TYR HH   H N N 375 
TYR HXT  H N N 376 
VAL N    N N N 377 
VAL CA   C N S 378 
VAL C    C N N 379 
VAL O    O N N 380 
VAL CB   C N N 381 
VAL CG1  C N N 382 
VAL CG2  C N N 383 
VAL OXT  O N N 384 
VAL H    H N N 385 
VAL H2   H N N 386 
VAL HA   H N N 387 
VAL HB   H N N 388 
VAL HG11 H N N 389 
VAL HG12 H N N 390 
VAL HG13 H N N 391 
VAL HG21 H N N 392 
VAL HG22 H N N 393 
VAL HG23 H N N 394 
VAL HXT  H N N 395 
# 
loop_
_chem_comp_bond.comp_id 
_chem_comp_bond.atom_id_1 
_chem_comp_bond.atom_id_2 
_chem_comp_bond.value_order 
_chem_comp_bond.pdbx_aromatic_flag 
_chem_comp_bond.pdbx_stereo_config 
_chem_comp_bond.pdbx_ordinal 
ALA N   CA   sing N N 1   
ALA N   H    sing N N 2   
ALA N   H2   sing N N 3   
ALA CA  C    sing N N 4   
ALA CA  CB   sing N N 5   
ALA CA  HA   sing N N 6   
ALA C   O    doub N N 7   
ALA C   OXT  sing N N 8   
ALA CB  HB1  sing N N 9   
ALA CB  HB2  sing N N 10  
ALA CB  HB3  sing N N 11  
ALA OXT HXT  sing N N 12  
ARG N   CA   sing N N 13  
ARG N   H    sing N N 14  
ARG N   H2   sing N N 15  
ARG CA  C    sing N N 16  
ARG CA  CB   sing N N 17  
ARG CA  HA   sing N N 18  
ARG C   O    doub N N 19  
ARG C   OXT  sing N N 20  
ARG CB  CG   sing N N 21  
ARG CB  HB2  sing N N 22  
ARG CB  HB3  sing N N 23  
ARG CG  CD   sing N N 24  
ARG CG  HG2  sing N N 25  
ARG CG  HG3  sing N N 26  
ARG CD  NE   sing N N 27  
ARG CD  HD2  sing N N 28  
ARG CD  HD3  sing N N 29  
ARG NE  CZ   sing N N 30  
ARG NE  HE   sing N N 31  
ARG CZ  NH1  sing N N 32  
ARG CZ  NH2  doub N N 33  
ARG NH1 HH11 sing N N 34  
ARG NH1 HH12 sing N N 35  
ARG NH2 HH21 sing N N 36  
ARG NH2 HH22 sing N N 37  
ARG OXT HXT  sing N N 38  
ASN N   CA   sing N N 39  
ASN N   H    sing N N 40  
ASN N   H2   sing N N 41  
ASN CA  C    sing N N 42  
ASN CA  CB   sing N N 43  
ASN CA  HA   sing N N 44  
ASN C   O    doub N N 45  
ASN C   OXT  sing N N 46  
ASN CB  CG   sing N N 47  
ASN CB  HB2  sing N N 48  
ASN CB  HB3  sing N N 49  
ASN CG  OD1  doub N N 50  
ASN CG  ND2  sing N N 51  
ASN ND2 HD21 sing N N 52  
ASN ND2 HD22 sing N N 53  
ASN OXT HXT  sing N N 54  
ASP N   CA   sing N N 55  
ASP N   H    sing N N 56  
ASP N   H2   sing N N 57  
ASP CA  C    sing N N 58  
ASP CA  CB   sing N N 59  
ASP CA  HA   sing N N 60  
ASP C   O    doub N N 61  
ASP C   OXT  sing N N 62  
ASP CB  CG   sing N N 63  
ASP CB  HB2  sing N N 64  
ASP CB  HB3  sing N N 65  
ASP CG  OD1  doub N N 66  
ASP CG  OD2  sing N N 67  
ASP OD2 HD2  sing N N 68  
ASP OXT HXT  sing N N 69  
CYS N   CA   sing N N 70  
CYS N   H    sing N N 71  
CYS N   H2   sing N N 72  
CYS CA  C    sing N N 73  
CYS CA  CB   sing N N 74  
CYS CA  HA   sing N N 75  
CYS C   O    doub N N 76  
CYS C   OXT  sing N N 77  
CYS CB  SG   sing N N 78  
CYS CB  HB2  sing N N 79  
CYS CB  HB3  sing N N 80  
CYS SG  HG   sing N N 81  
CYS OXT HXT  sing N N 82  
GLN N   CA   sing N N 83  
GLN N   H    sing N N 84  
GLN N   H2   sing N N 85  
GLN CA  C    sing N N 86  
GLN CA  CB   sing N N 87  
GLN CA  HA   sing N N 88  
GLN C   O    doub N N 89  
GLN C   OXT  sing N N 90  
GLN CB  CG   sing N N 91  
GLN CB  HB2  sing N N 92  
GLN CB  HB3  sing N N 93  
GLN CG  CD   sing N N 94  
GLN CG  HG2  sing N N 95  
GLN CG  HG3  sing N N 96  
GLN CD  OE1  doub N N 97  
GLN CD  NE2  sing N N 98  
GLN NE2 HE21 sing N N 99  
GLN NE2 HE22 sing N N 100 
GLN OXT HXT  sing N N 101 
GLU N   CA   sing N N 102 
GLU N   H    sing N N 103 
GLU N   H2   sing N N 104 
GLU CA  C    sing N N 105 
GLU CA  CB   sing N N 106 
GLU CA  HA   sing N N 107 
GLU C   O    doub N N 108 
GLU C   OXT  sing N N 109 
GLU CB  CG   sing N N 110 
GLU CB  HB2  sing N N 111 
GLU CB  HB3  sing N N 112 
GLU CG  CD   sing N N 113 
GLU CG  HG2  sing N N 114 
GLU CG  HG3  sing N N 115 
GLU CD  OE1  doub N N 116 
GLU CD  OE2  sing N N 117 
GLU OE2 HE2  sing N N 118 
GLU OXT HXT  sing N N 119 
GLY N   CA   sing N N 120 
GLY N   H    sing N N 121 
GLY N   H2   sing N N 122 
GLY CA  C    sing N N 123 
GLY CA  HA2  sing N N 124 
GLY CA  HA3  sing N N 125 
GLY C   O    doub N N 126 
GLY C   OXT  sing N N 127 
GLY OXT HXT  sing N N 128 
HIS N   CA   sing N N 129 
HIS N   H    sing N N 130 
HIS N   H2   sing N N 131 
HIS CA  C    sing N N 132 
HIS CA  CB   sing N N 133 
HIS CA  HA   sing N N 134 
HIS C   O    doub N N 135 
HIS C   OXT  sing N N 136 
HIS CB  CG   sing N N 137 
HIS CB  HB2  sing N N 138 
HIS CB  HB3  sing N N 139 
HIS CG  ND1  sing Y N 140 
HIS CG  CD2  doub Y N 141 
HIS ND1 CE1  doub Y N 142 
HIS ND1 HD1  sing N N 143 
HIS CD2 NE2  sing Y N 144 
HIS CD2 HD2  sing N N 145 
HIS CE1 NE2  sing Y N 146 
HIS CE1 HE1  sing N N 147 
HIS NE2 HE2  sing N N 148 
HIS OXT HXT  sing N N 149 
HOH O   H1   sing N N 150 
HOH O   H2   sing N N 151 
ILE N   CA   sing N N 152 
ILE N   H    sing N N 153 
ILE N   H2   sing N N 154 
ILE CA  C    sing N N 155 
ILE CA  CB   sing N N 156 
ILE CA  HA   sing N N 157 
ILE C   O    doub N N 158 
ILE C   OXT  sing N N 159 
ILE CB  CG1  sing N N 160 
ILE CB  CG2  sing N N 161 
ILE CB  HB   sing N N 162 
ILE CG1 CD1  sing N N 163 
ILE CG1 HG12 sing N N 164 
ILE CG1 HG13 sing N N 165 
ILE CG2 HG21 sing N N 166 
ILE CG2 HG22 sing N N 167 
ILE CG2 HG23 sing N N 168 
ILE CD1 HD11 sing N N 169 
ILE CD1 HD12 sing N N 170 
ILE CD1 HD13 sing N N 171 
ILE OXT HXT  sing N N 172 
LEU N   CA   sing N N 173 
LEU N   H    sing N N 174 
LEU N   H2   sing N N 175 
LEU CA  C    sing N N 176 
LEU CA  CB   sing N N 177 
LEU CA  HA   sing N N 178 
LEU C   O    doub N N 179 
LEU C   OXT  sing N N 180 
LEU CB  CG   sing N N 181 
LEU CB  HB2  sing N N 182 
LEU CB  HB3  sing N N 183 
LEU CG  CD1  sing N N 184 
LEU CG  CD2  sing N N 185 
LEU CG  HG   sing N N 186 
LEU CD1 HD11 sing N N 187 
LEU CD1 HD12 sing N N 188 
LEU CD1 HD13 sing N N 189 
LEU CD2 HD21 sing N N 190 
LEU CD2 HD22 sing N N 191 
LEU CD2 HD23 sing N N 192 
LEU OXT HXT  sing N N 193 
LYS N   CA   sing N N 194 
LYS N   H    sing N N 195 
LYS N   H2   sing N N 196 
LYS CA  C    sing N N 197 
LYS CA  CB   sing N N 198 
LYS CA  HA   sing N N 199 
LYS C   O    doub N N 200 
LYS C   OXT  sing N N 201 
LYS CB  CG   sing N N 202 
LYS CB  HB2  sing N N 203 
LYS CB  HB3  sing N N 204 
LYS CG  CD   sing N N 205 
LYS CG  HG2  sing N N 206 
LYS CG  HG3  sing N N 207 
LYS CD  CE   sing N N 208 
LYS CD  HD2  sing N N 209 
LYS CD  HD3  sing N N 210 
LYS CE  NZ   sing N N 211 
LYS CE  HE2  sing N N 212 
LYS CE  HE3  sing N N 213 
LYS NZ  HZ1  sing N N 214 
LYS NZ  HZ2  sing N N 215 
LYS NZ  HZ3  sing N N 216 
LYS OXT HXT  sing N N 217 
MET N   CA   sing N N 218 
MET N   H    sing N N 219 
MET N   H2   sing N N 220 
MET CA  C    sing N N 221 
MET CA  CB   sing N N 222 
MET CA  HA   sing N N 223 
MET C   O    doub N N 224 
MET C   OXT  sing N N 225 
MET CB  CG   sing N N 226 
MET CB  HB2  sing N N 227 
MET CB  HB3  sing N N 228 
MET CG  SD   sing N N 229 
MET CG  HG2  sing N N 230 
MET CG  HG3  sing N N 231 
MET SD  CE   sing N N 232 
MET CE  HE1  sing N N 233 
MET CE  HE2  sing N N 234 
MET CE  HE3  sing N N 235 
MET OXT HXT  sing N N 236 
PHE N   CA   sing N N 237 
PHE N   H    sing N N 238 
PHE N   H2   sing N N 239 
PHE CA  C    sing N N 240 
PHE CA  CB   sing N N 241 
PHE CA  HA   sing N N 242 
PHE C   O    doub N N 243 
PHE C   OXT  sing N N 244 
PHE CB  CG   sing N N 245 
PHE CB  HB2  sing N N 246 
PHE CB  HB3  sing N N 247 
PHE CG  CD1  doub Y N 248 
PHE CG  CD2  sing Y N 249 
PHE CD1 CE1  sing Y N 250 
PHE CD1 HD1  sing N N 251 
PHE CD2 CE2  doub Y N 252 
PHE CD2 HD2  sing N N 253 
PHE CE1 CZ   doub Y N 254 
PHE CE1 HE1  sing N N 255 
PHE CE2 CZ   sing Y N 256 
PHE CE2 HE2  sing N N 257 
PHE CZ  HZ   sing N N 258 
PHE OXT HXT  sing N N 259 
PO4 P   O1   doub N N 260 
PO4 P   O2   sing N N 261 
PO4 P   O3   sing N N 262 
PO4 P   O4   sing N N 263 
PRO N   CA   sing N N 264 
PRO N   CD   sing N N 265 
PRO N   H    sing N N 266 
PRO CA  C    sing N N 267 
PRO CA  CB   sing N N 268 
PRO CA  HA   sing N N 269 
PRO C   O    doub N N 270 
PRO C   OXT  sing N N 271 
PRO CB  CG   sing N N 272 
PRO CB  HB2  sing N N 273 
PRO CB  HB3  sing N N 274 
PRO CG  CD   sing N N 275 
PRO CG  HG2  sing N N 276 
PRO CG  HG3  sing N N 277 
PRO CD  HD2  sing N N 278 
PRO CD  HD3  sing N N 279 
PRO OXT HXT  sing N N 280 
SER N   CA   sing N N 281 
SER N   H    sing N N 282 
SER N   H2   sing N N 283 
SER CA  C    sing N N 284 
SER CA  CB   sing N N 285 
SER CA  HA   sing N N 286 
SER C   O    doub N N 287 
SER C   OXT  sing N N 288 
SER CB  OG   sing N N 289 
SER CB  HB2  sing N N 290 
SER CB  HB3  sing N N 291 
SER OG  HG   sing N N 292 
SER OXT HXT  sing N N 293 
THR N   CA   sing N N 294 
THR N   H    sing N N 295 
THR N   H2   sing N N 296 
THR CA  C    sing N N 297 
THR CA  CB   sing N N 298 
THR CA  HA   sing N N 299 
THR C   O    doub N N 300 
THR C   OXT  sing N N 301 
THR CB  OG1  sing N N 302 
THR CB  CG2  sing N N 303 
THR CB  HB   sing N N 304 
THR OG1 HG1  sing N N 305 
THR CG2 HG21 sing N N 306 
THR CG2 HG22 sing N N 307 
THR CG2 HG23 sing N N 308 
THR OXT HXT  sing N N 309 
TRP N   CA   sing N N 310 
TRP N   H    sing N N 311 
TRP N   H2   sing N N 312 
TRP CA  C    sing N N 313 
TRP CA  CB   sing N N 314 
TRP CA  HA   sing N N 315 
TRP C   O    doub N N 316 
TRP C   OXT  sing N N 317 
TRP CB  CG   sing N N 318 
TRP CB  HB2  sing N N 319 
TRP CB  HB3  sing N N 320 
TRP CG  CD1  doub Y N 321 
TRP CG  CD2  sing Y N 322 
TRP CD1 NE1  sing Y N 323 
TRP CD1 HD1  sing N N 324 
TRP CD2 CE2  doub Y N 325 
TRP CD2 CE3  sing Y N 326 
TRP NE1 CE2  sing Y N 327 
TRP NE1 HE1  sing N N 328 
TRP CE2 CZ2  sing Y N 329 
TRP CE3 CZ3  doub Y N 330 
TRP CE3 HE3  sing N N 331 
TRP CZ2 CH2  doub Y N 332 
TRP CZ2 HZ2  sing N N 333 
TRP CZ3 CH2  sing Y N 334 
TRP CZ3 HZ3  sing N N 335 
TRP CH2 HH2  sing N N 336 
TRP OXT HXT  sing N N 337 
TYR N   CA   sing N N 338 
TYR N   H    sing N N 339 
TYR N   H2   sing N N 340 
TYR CA  C    sing N N 341 
TYR CA  CB   sing N N 342 
TYR CA  HA   sing N N 343 
TYR C   O    doub N N 344 
TYR C   OXT  sing N N 345 
TYR CB  CG   sing N N 346 
TYR CB  HB2  sing N N 347 
TYR CB  HB3  sing N N 348 
TYR CG  CD1  doub Y N 349 
TYR CG  CD2  sing Y N 350 
TYR CD1 CE1  sing Y N 351 
TYR CD1 HD1  sing N N 352 
TYR CD2 CE2  doub Y N 353 
TYR CD2 HD2  sing N N 354 
TYR CE1 CZ   doub Y N 355 
TYR CE1 HE1  sing N N 356 
TYR CE2 CZ   sing Y N 357 
TYR CE2 HE2  sing N N 358 
TYR CZ  OH   sing N N 359 
TYR OH  HH   sing N N 360 
TYR OXT HXT  sing N N 361 
VAL N   CA   sing N N 362 
VAL N   H    sing N N 363 
VAL N   H2   sing N N 364 
VAL CA  C    sing N N 365 
VAL CA  CB   sing N N 366 
VAL CA  HA   sing N N 367 
VAL C   O    doub N N 368 
VAL C   OXT  sing N N 369 
VAL CB  CG1  sing N N 370 
VAL CB  CG2  sing N N 371 
VAL CB  HB   sing N N 372 
VAL CG1 HG11 sing N N 373 
VAL CG1 HG12 sing N N 374 
VAL CG1 HG13 sing N N 375 
VAL CG2 HG21 sing N N 376 
VAL CG2 HG22 sing N N 377 
VAL CG2 HG23 sing N N 378 
VAL OXT HXT  sing N N 379 
# 
_atom_sites.entry_id                    2HQJ 
_atom_sites.fract_transf_matrix[1][1]   -0.00617296 
_atom_sites.fract_transf_matrix[1][2]   -0.00728597 
_atom_sites.fract_transf_matrix[1][3]   0.01960051 
_atom_sites.fract_transf_matrix[2][1]   -0.01493394 
_atom_sites.fract_transf_matrix[2][2]   -0.00065161 
_atom_sites.fract_transf_matrix[2][3]   -0.00494549 
_atom_sites.fract_transf_matrix[3][1]   0.00214446 
_atom_sites.fract_transf_matrix[3][2]   -0.01420314 
_atom_sites.fract_transf_matrix[3][3]   -0.00460426 
_atom_sites.fract_transf_vector[1]      -0.077398 
_atom_sites.fract_transf_vector[2]      -0.299856 
_atom_sites.fract_transf_vector[3]      -0.184328 
# 
loop_
_atom_type.symbol 
C 
N 
O 
P 
S 
# 
loop_
_atom_site.group_PDB 
_atom_site.id 
_atom_site.type_symbol 
_atom_site.label_atom_id 
_atom_site.label_alt_id 
_atom_site.label_comp_id 
_atom_site.label_asym_id 
_atom_site.label_entity_id 
_atom_site.label_seq_id 
_atom_site.pdbx_PDB_ins_code 
_atom_site.Cartn_x 
_atom_site.Cartn_y 
_atom_site.Cartn_z 
_atom_site.occupancy 
_atom_site.B_iso_or_equiv 
_atom_site.pdbx_formal_charge 
_atom_site.auth_seq_id 
_atom_site.auth_comp_id 
_atom_site.auth_asym_id 
_atom_site.auth_atom_id 
_atom_site.pdbx_PDB_model_num 
ATOM   1    N N   . MET A 1 5   ? 3.223   20.924  5.028   1.00 15.66 ? 1   MET A N   1 
ATOM   2    C CA  . MET A 1 5   ? 3.368   19.829  6.038   1.00 15.72 ? 1   MET A CA  1 
ATOM   3    C C   . MET A 1 5   ? 4.339   18.718  5.550   1.00 14.91 ? 1   MET A C   1 
ATOM   4    O O   . MET A 1 5   ? 4.286   18.311  4.380   1.00 15.31 ? 1   MET A O   1 
ATOM   5    C CB  . MET A 1 5   ? 1.979   19.248  6.401   1.00 16.16 ? 1   MET A CB  1 
ATOM   6    C CG  . MET A 1 5   ? 1.370   18.237  5.403   1.00 16.83 ? 1   MET A CG  1 
ATOM   7    S SD  . MET A 1 5   ? -0.098  17.376  6.071   1.00 18.58 ? 1   MET A SD  1 
ATOM   8    C CE  . MET A 1 5   ? 0.659   16.309  7.319   1.00 19.65 ? 1   MET A CE  1 
ATOM   9    N N   . THR A 1 6   ? 5.211   18.248  6.456   1.00 13.70 ? 2   THR A N   1 
ATOM   10   C CA  . THR A 1 6   ? 6.240   17.229  6.152   1.00 12.59 ? 2   THR A CA  1 
ATOM   11   C C   . THR A 1 6   ? 5.643   15.875  5.796   1.00 11.55 ? 2   THR A C   1 
ATOM   12   O O   . THR A 1 6   ? 4.649   15.419  6.389   1.00 11.94 ? 2   THR A O   1 
ATOM   13   C CB  . THR A 1 6   ? 7.216   17.008  7.341   1.00 12.79 ? 2   THR A CB  1 
ATOM   14   O OG1 . THR A 1 6   ? 7.672   18.271  7.820   1.00 12.89 ? 2   THR A OG1 1 
ATOM   15   C CG2 . THR A 1 6   ? 8.426   16.163  6.931   1.00 12.94 ? 2   THR A CG2 1 
ATOM   16   N N   . ASN A 1 7   ? 6.262   15.218  4.830   1.00 9.71  ? 3   ASN A N   1 
ATOM   17   C CA  . ASN A 1 7   ? 5.736   13.942  4.383   1.00 8.57  ? 3   ASN A CA  1 
ATOM   18   C C   . ASN A 1 7   ? 6.102   12.831  5.359   1.00 7.48  ? 3   ASN A C   1 
ATOM   19   O O   . ASN A 1 7   ? 7.279   12.585  5.590   1.00 7.00  ? 3   ASN A O   1 
ATOM   20   C CB  . ASN A 1 7   ? 6.214   13.645  2.955   1.00 7.94  ? 3   ASN A CB  1 
ATOM   21   C CG  . ASN A 1 7   ? 5.463   14.459  1.927   1.00 5.14  ? 3   ASN A CG  1 
ATOM   22   O OD1 . ASN A 1 7   ? 4.437   15.051  2.234   1.00 2.44  ? 3   ASN A OD1 1 
ATOM   23   N ND2 . ASN A 1 7   ? 5.968   14.497  0.713   1.00 2.96  ? 3   ASN A ND2 1 
ATOM   24   N N   . PRO A 1 8   ? 5.093   12.170  5.956   1.00 6.77  ? 4   PRO A N   1 
ATOM   25   C CA  . PRO A 1 8   ? 5.432   11.023  6.789   1.00 7.04  ? 4   PRO A CA  1 
ATOM   26   C C   . PRO A 1 8   ? 6.222   9.970   6.048   1.00 6.79  ? 4   PRO A C   1 
ATOM   27   O O   . PRO A 1 8   ? 6.116   9.861   4.810   1.00 6.50  ? 4   PRO A O   1 
ATOM   28   C CB  . PRO A 1 8   ? 4.058   10.437  7.185   1.00 7.22  ? 4   PRO A CB  1 
ATOM   29   C CG  . PRO A 1 8   ? 3.049   11.134  6.324   1.00 7.04  ? 4   PRO A CG  1 
ATOM   30   C CD  . PRO A 1 8   ? 3.641   12.419  5.921   1.00 6.91  ? 4   PRO A CD  1 
ATOM   31   N N   . LYS A 1 9   ? 6.996   9.187   6.804   1.00 6.56  ? 5   LYS A N   1 
ATOM   32   C CA  . LYS A 1 9   ? 7.710   8.051   6.260   1.00 6.92  ? 5   LYS A CA  1 
ATOM   33   C C   . LYS A 1 9   ? 7.243   6.813   7.016   1.00 6.01  ? 5   LYS A C   1 
ATOM   34   O O   . LYS A 1 9   ? 7.069   6.852   8.220   1.00 6.43  ? 5   LYS A O   1 
ATOM   35   C CB  . LYS A 1 9   ? 9.235   8.289   6.307   1.00 7.05  ? 5   LYS A CB  1 
ATOM   36   C CG  . LYS A 1 9   ? 9.627   9.379   5.260   1.00 8.29  ? 5   LYS A CG  1 
ATOM   37   C CD  . LYS A 1 9   ? 10.990  9.974   5.441   1.00 9.57  ? 5   LYS A CD  1 
ATOM   38   C CE  . LYS A 1 9   ? 10.991  11.521  5.323   1.00 10.45 ? 5   LYS A CE  1 
ATOM   39   N NZ  . LYS A 1 9   ? 10.048  12.154  4.284   1.00 11.20 ? 5   LYS A NZ  1 
ATOM   40   N N   . VAL A 1 10  ? 6.948   5.745   6.291   1.00 5.90  ? 6   VAL A N   1 
ATOM   41   C CA  . VAL A 1 10  ? 6.396   4.548   6.906   1.00 5.79  ? 6   VAL A CA  1 
ATOM   42   C C   . VAL A 1 10  ? 7.147   3.342   6.382   1.00 6.17  ? 6   VAL A C   1 
ATOM   43   O O   . VAL A 1 10  ? 7.815   3.430   5.356   1.00 6.55  ? 6   VAL A O   1 
ATOM   44   C CB  . VAL A 1 10  ? 4.868   4.419   6.646   1.00 5.73  ? 6   VAL A CB  1 
ATOM   45   C CG1 . VAL A 1 10  ? 4.105   5.562   7.375   1.00 5.80  ? 6   VAL A CG1 1 
ATOM   46   C CG2 . VAL A 1 10  ? 4.547   4.379   5.133   1.00 2.38  ? 6   VAL A CG2 1 
ATOM   47   N N   . PHE A 1 11  ? 7.085   2.226   7.108   1.00 6.48  ? 7   PHE A N   1 
ATOM   48   C CA  . PHE A 1 11  ? 7.781   1.016   6.669   1.00 6.58  ? 7   PHE A CA  1 
ATOM   49   C C   . PHE A 1 11  ? 6.919   -0.227  6.706   1.00 6.36  ? 7   PHE A C   1 
ATOM   50   O O   . PHE A 1 11  ? 5.926   -0.294  7.427   1.00 5.31  ? 7   PHE A O   1 
ATOM   51   C CB  . PHE A 1 11  ? 9.088   0.813   7.475   1.00 6.33  ? 7   PHE A CB  1 
ATOM   52   C CG  . PHE A 1 11  ? 8.870   0.457   8.912   1.00 6.21  ? 7   PHE A CG  1 
ATOM   53   C CD1 . PHE A 1 11  ? 8.797   1.446   9.888   1.00 5.89  ? 7   PHE A CD1 1 
ATOM   54   C CD2 . PHE A 1 11  ? 8.726   -0.862  9.288   1.00 6.91  ? 7   PHE A CD2 1 
ATOM   55   C CE1 . PHE A 1 11  ? 8.609   1.113   11.222  1.00 5.72  ? 7   PHE A CE1 1 
ATOM   56   C CE2 . PHE A 1 11  ? 8.501   -1.207  10.598  1.00 6.52  ? 7   PHE A CE2 1 
ATOM   57   C CZ  . PHE A 1 11  ? 8.454   -0.220  11.579  1.00 6.32  ? 7   PHE A CZ  1 
ATOM   58   N N   . PHE A 1 12  ? 7.287   -1.179  5.853   1.00 7.72  ? 8   PHE A N   1 
ATOM   59   C CA  . PHE A 1 12  ? 6.831   -2.568  5.915   1.00 7.72  ? 8   PHE A CA  1 
ATOM   60   C C   . PHE A 1 12  ? 8.083   -3.425  6.020   1.00 7.70  ? 8   PHE A C   1 
ATOM   61   O O   . PHE A 1 12  ? 9.069   -3.195  5.315   1.00 8.74  ? 8   PHE A O   1 
ATOM   62   C CB  . PHE A 1 12  ? 6.164   -3.058  4.624   1.00 8.12  ? 8   PHE A CB  1 
ATOM   63   C CG  . PHE A 1 12  ? 4.846   -2.389  4.261   1.00 8.54  ? 8   PHE A CG  1 
ATOM   64   C CD1 . PHE A 1 12  ? 4.010   -1.805  5.207   1.00 9.45  ? 8   PHE A CD1 1 
ATOM   65   C CD2 . PHE A 1 12  ? 4.416   -2.428  2.942   1.00 6.71  ? 8   PHE A CD2 1 
ATOM   66   C CE1 . PHE A 1 12  ? 2.810   -1.252  4.830   1.00 7.48  ? 8   PHE A CE1 1 
ATOM   67   C CE2 . PHE A 1 12  ? 3.211   -1.898  2.566   1.00 8.04  ? 8   PHE A CE2 1 
ATOM   68   C CZ  . PHE A 1 12  ? 2.405   -1.293  3.499   1.00 8.27  ? 8   PHE A CZ  1 
ATOM   69   N N   . ASP A 1 13  ? 8.028   -4.433  6.877   1.00 7.58  ? 9   ASP A N   1 
ATOM   70   C CA  . ASP A 1 13  ? 9.021   -5.498  6.888   1.00 6.10  ? 9   ASP A CA  1 
ATOM   71   C C   . ASP A 1 13  ? 8.327   -6.685  6.258   1.00 5.88  ? 9   ASP A C   1 
ATOM   72   O O   . ASP A 1 13  ? 7.174   -6.948  6.551   1.00 4.68  ? 9   ASP A O   1 
ATOM   73   C CB  . ASP A 1 13  ? 9.466   -5.800  8.291   1.00 6.00  ? 9   ASP A CB  1 
ATOM   74   C CG  . ASP A 1 13  ? 10.391  -4.739  8.831   1.00 6.31  ? 9   ASP A CG  1 
ATOM   75   O OD1 . ASP A 1 13  ? 11.270  -4.265  8.074   1.00 6.45  ? 9   ASP A OD1 1 
ATOM   76   O OD2 . ASP A 1 13  ? 10.239  -4.379  9.993   1.00 4.80  ? 9   ASP A OD2 1 
ATOM   77   N N   . ILE A 1 14  ? 9.027   -7.365  5.354   1.00 5.27  ? 10  ILE A N   1 
ATOM   78   C CA  . ILE A 1 14  ? 8.404   -8.416  4.528   1.00 5.25  ? 10  ILE A CA  1 
ATOM   79   C C   . ILE A 1 14  ? 8.994   -9.750  4.858   1.00 4.95  ? 10  ILE A C   1 
ATOM   80   O O   . ILE A 1 14  ? 10.200  -9.846  5.060   1.00 5.73  ? 10  ILE A O   1 
ATOM   81   C CB  . ILE A 1 14  ? 8.626   -8.157  3.023   1.00 5.24  ? 10  ILE A CB  1 
ATOM   82   C CG1 . ILE A 1 14  ? 8.149   -6.727  2.663   1.00 6.32  ? 10  ILE A CG1 1 
ATOM   83   C CG2 . ILE A 1 14  ? 7.908   -9.251  2.158   1.00 4.36  ? 10  ILE A CG2 1 
ATOM   84   C CD1 . ILE A 1 14  ? 6.636   -6.501  2.899   1.00 5.65  ? 10  ILE A CD1 1 
ATOM   85   N N   . SER A 1 15  ? 8.138   -10.775 4.908   1.00 4.88  ? 11  SER A N   1 
ATOM   86   C CA  . SER A 1 15  ? 8.583   -12.151 5.007   1.00 4.84  ? 11  SER A CA  1 
ATOM   87   C C   . SER A 1 15  ? 8.007   -12.974 3.832   1.00 4.21  ? 11  SER A C   1 
ATOM   88   O O   . SER A 1 15  ? 6.888   -12.731 3.357   1.00 2.93  ? 11  SER A O   1 
ATOM   89   C CB  . SER A 1 15  ? 8.139   -12.725 6.344   1.00 5.28  ? 11  SER A CB  1 
ATOM   90   O OG  . SER A 1 15  ? 6.717   -12.722 6.391   1.00 8.93  ? 11  SER A OG  1 
ATOM   91   N N   . ILE A 1 16  ? 8.796   -13.922 3.357   1.00 4.79  ? 12  ILE A N   1 
ATOM   92   C CA  . ILE A 1 16  ? 8.376   -14.825 2.276   1.00 5.46  ? 12  ILE A CA  1 
ATOM   93   C C   . ILE A 1 16  ? 8.527   -16.255 2.816   1.00 6.33  ? 12  ILE A C   1 
ATOM   94   O O   . ILE A 1 16  ? 9.587   -16.636 3.296   1.00 6.43  ? 12  ILE A O   1 
ATOM   95   C CB  . ILE A 1 16  ? 9.223   -14.583 1.014   1.00 5.41  ? 12  ILE A CB  1 
ATOM   96   C CG1 . ILE A 1 16  ? 9.078   -13.118 0.530   1.00 5.15  ? 12  ILE A CG1 1 
ATOM   97   C CG2 . ILE A 1 16  ? 8.871   -15.612 -0.097  1.00 5.33  ? 12  ILE A CG2 1 
ATOM   98   C CD1 . ILE A 1 16  ? 10.194  -12.595 -0.346  1.00 4.58  ? 12  ILE A CD1 1 
ATOM   99   N N   . ASP A 1 17  ? 7.451   -17.036 2.743   1.00 7.58  ? 13  ASP A N   1 
ATOM   100  C CA  . ASP A 1 17  ? 7.325   -18.272 3.509   1.00 7.70  ? 13  ASP A CA  1 
ATOM   101  C C   . ASP A 1 17  ? 8.105   -18.177 4.836   1.00 8.14  ? 13  ASP A C   1 
ATOM   102  O O   . ASP A 1 17  ? 9.032   -18.935 5.102   1.00 7.67  ? 13  ASP A O   1 
ATOM   103  C CB  . ASP A 1 17  ? 7.710   -19.497 2.657   1.00 8.11  ? 13  ASP A CB  1 
ATOM   104  C CG  . ASP A 1 17  ? 6.607   -19.898 1.688   1.00 9.25  ? 13  ASP A CG  1 
ATOM   105  O OD1 . ASP A 1 17  ? 5.501   -19.289 1.730   1.00 8.44  ? 13  ASP A OD1 1 
ATOM   106  O OD2 . ASP A 1 17  ? 6.832   -20.838 0.883   1.00 11.84 ? 13  ASP A OD2 1 
ATOM   107  N N   . ASN A 1 18  ? 7.709   -17.198 5.648   1.00 8.70  ? 14  ASN A N   1 
ATOM   108  C CA  . ASN A 1 18  ? 8.240   -17.032 7.001   1.00 9.56  ? 14  ASN A CA  1 
ATOM   109  C C   . ASN A 1 18  ? 9.754   -16.785 7.127   1.00 9.49  ? 14  ASN A C   1 
ATOM   110  O O   . ASN A 1 18  ? 10.328  -17.002 8.188   1.00 9.25  ? 14  ASN A O   1 
ATOM   111  C CB  . ASN A 1 18  ? 7.800   -18.207 7.885   1.00 9.64  ? 14  ASN A CB  1 
ATOM   112  C CG  . ASN A 1 18  ? 6.342   -18.110 8.272   1.00 11.89 ? 14  ASN A CG  1 
ATOM   113  O OD1 . ASN A 1 18  ? 5.896   -17.070 8.769   1.00 15.95 ? 14  ASN A OD1 1 
ATOM   114  N ND2 . ASN A 1 18  ? 5.587   -19.177 8.039   1.00 12.77 ? 14  ASN A ND2 1 
ATOM   115  N N   . LYS A 1 19  ? 10.386  -16.337 6.049   1.00 9.66  ? 15  LYS A N   1 
ATOM   116  C CA  . LYS A 1 19  ? 11.760  -15.851 6.098   1.00 9.79  ? 15  LYS A CA  1 
ATOM   117  C C   . LYS A 1 19  ? 11.777  -14.336 5.863   1.00 9.67  ? 15  LYS A C   1 
ATOM   118  O O   . LYS A 1 19  ? 11.160  -13.838 4.907   1.00 8.37  ? 15  LYS A O   1 
ATOM   119  C CB  . LYS A 1 19  ? 12.603  -16.569 5.045   1.00 10.45 ? 15  LYS A CB  1 
ATOM   120  C CG  . LYS A 1 19  ? 14.083  -16.168 4.986   1.00 10.63 ? 15  LYS A CG  1 
ATOM   121  C CD  . LYS A 1 19  ? 14.867  -17.203 4.152   1.00 11.59 ? 15  LYS A CD  1 
ATOM   122  C CE  . LYS A 1 19  ? 16.352  -16.867 4.002   1.00 12.48 ? 15  LYS A CE  1 
ATOM   123  N NZ  . LYS A 1 19  ? 16.988  -17.717 2.940   1.00 12.13 ? 15  LYS A NZ  1 
ATOM   124  N N   . ALA A 1 20  ? 12.494  -13.622 6.733   1.00 8.84  ? 16  ALA A N   1 
ATOM   125  C CA  . ALA A 1 20  ? 12.719  -12.190 6.582   1.00 9.40  ? 16  ALA A CA  1 
ATOM   126  C C   . ALA A 1 20  ? 13.234  -11.892 5.167   1.00 9.30  ? 16  ALA A C   1 
ATOM   127  O O   . ALA A 1 20  ? 14.177  -12.524 4.716   1.00 9.36  ? 16  ALA A O   1 
ATOM   128  C CB  . ALA A 1 20  ? 13.724  -11.708 7.640   1.00 9.21  ? 16  ALA A CB  1 
ATOM   129  N N   . ALA A 1 21  ? 12.586  -10.966 4.464   1.00 9.20  ? 17  ALA A N   1 
ATOM   130  C CA  . ALA A 1 21  ? 13.002  -10.600 3.103   1.00 8.97  ? 17  ALA A CA  1 
ATOM   131  C C   . ALA A 1 21  ? 13.531  -9.169  3.047   1.00 8.35  ? 17  ALA A C   1 
ATOM   132  O O   . ALA A 1 21  ? 14.090  -8.757  2.032   1.00 8.38  ? 17  ALA A O   1 
ATOM   133  C CB  . ALA A 1 21  ? 11.835  -10.785 2.091   1.00 8.69  ? 17  ALA A CB  1 
ATOM   134  N N   . GLY A 1 22  ? 13.372  -8.419  4.138   1.00 7.94  ? 18  GLY A N   1 
ATOM   135  C CA  . GLY A 1 22  ? 13.806  -7.027  4.168   1.00 7.60  ? 18  GLY A CA  1 
ATOM   136  C C   . GLY A 1 22  ? 12.734  -5.961  4.298   1.00 6.98  ? 18  GLY A C   1 
ATOM   137  O O   . GLY A 1 22  ? 11.543  -6.247  4.409   1.00 6.76  ? 18  GLY A O   1 
ATOM   138  N N   . ARG A 1 23  ? 13.189  -4.712  4.240   1.00 6.77  ? 19  ARG A N   1 
ATOM   139  C CA  . ARG A 1 23  ? 12.362  -3.552  4.541   1.00 6.53  ? 19  ARG A CA  1 
ATOM   140  C C   . ARG A 1 23  ? 12.092  -2.691  3.316   1.00 6.02  ? 19  ARG A C   1 
ATOM   141  O O   . ARG A 1 23  ? 12.996  -2.426  2.522   1.00 6.10  ? 19  ARG A O   1 
ATOM   142  C CB  . ARG A 1 23  ? 13.017  -2.708  5.630   1.00 6.78  ? 19  ARG A CB  1 
ATOM   143  C CG  . ARG A 1 23  ? 12.298  -1.368  5.915   1.00 6.97  ? 19  ARG A CG  1 
ATOM   144  C CD  . ARG A 1 23  ? 12.732  -0.751  7.244   1.00 7.13  ? 19  ARG A CD  1 
ATOM   145  N NE  . ARG A 1 23  ? 12.264  -1.550  8.382   1.00 7.22  ? 19  ARG A NE  1 
ATOM   146  C CZ  . ARG A 1 23  ? 12.337  -1.167  9.661   1.00 6.41  ? 19  ARG A CZ  1 
ATOM   147  N NH1 . ARG A 1 23  ? 12.830  0.011   9.994   1.00 9.01  ? 19  ARG A NH1 1 
ATOM   148  N NH2 . ARG A 1 23  ? 11.881  -1.967  10.608  1.00 6.16  ? 19  ARG A NH2 1 
ATOM   149  N N   . ILE A 1 24  ? 10.840  -2.267  3.186   1.00 6.36  ? 20  ILE A N   1 
ATOM   150  C CA  . ILE A 1 24  ? 10.391  -1.276  2.191   1.00 6.21  ? 20  ILE A CA  1 
ATOM   151  C C   . ILE A 1 24  ? 10.005  0.019   2.973   1.00 6.03  ? 20  ILE A C   1 
ATOM   152  O O   . ILE A 1 24  ? 9.194   -0.003  3.891   1.00 6.73  ? 20  ILE A O   1 
ATOM   153  C CB  . ILE A 1 24  ? 9.186   -1.832  1.379   1.00 6.91  ? 20  ILE A CB  1 
ATOM   154  C CG1 . ILE A 1 24  ? 9.575   -3.126  0.654   1.00 6.54  ? 20  ILE A CG1 1 
ATOM   155  C CG2 . ILE A 1 24  ? 8.670   -0.805  0.380   1.00 6.08  ? 20  ILE A CG2 1 
ATOM   156  C CD1 . ILE A 1 24  ? 8.377   -3.995  0.180   1.00 6.60  ? 20  ILE A CD1 1 
ATOM   157  N N   . VAL A 1 25  ? 10.627  1.133   2.650   1.00 5.40  ? 21  VAL A N   1 
ATOM   158  C CA  . VAL A 1 25  ? 10.308  2.398   3.308   1.00 5.03  ? 21  VAL A CA  1 
ATOM   159  C C   . VAL A 1 25  ? 9.620   3.290   2.283   1.00 5.07  ? 21  VAL A C   1 
ATOM   160  O O   . VAL A 1 25  ? 10.093  3.414   1.137   1.00 5.68  ? 21  VAL A O   1 
ATOM   161  C CB  . VAL A 1 25  ? 11.573  3.054   3.820   1.00 5.75  ? 21  VAL A CB  1 
ATOM   162  C CG1 . VAL A 1 25  ? 11.253  4.385   4.512   1.00 2.00  ? 21  VAL A CG1 1 
ATOM   163  C CG2 . VAL A 1 25  ? 12.358  2.058   4.723   1.00 4.10  ? 21  VAL A CG2 1 
ATOM   164  N N   . MET A 1 26  ? 8.517   3.915   2.688   1.00 5.52  ? 22  MET A N   1 
ATOM   165  C CA  . MET A 1 26  ? 7.699   4.735   1.793   1.00 5.87  ? 22  MET A CA  1 
ATOM   166  C C   . MET A 1 26  ? 7.494   6.156   2.318   1.00 5.89  ? 22  MET A C   1 
ATOM   167  O O   . MET A 1 26  ? 7.286   6.345   3.512   1.00 5.59  ? 22  MET A O   1 
ATOM   168  C CB  . MET A 1 26  ? 6.328   4.081   1.607   1.00 5.72  ? 22  MET A CB  1 
ATOM   169  C CG  . MET A 1 26  ? 6.373   2.722   0.943   1.00 6.68  ? 22  MET A CG  1 
ATOM   170  S SD  . MET A 1 26  ? 5.058   1.569   1.432   1.00 7.02  ? 22  MET A SD  1 
ATOM   171  C CE  . MET A 1 26  ? 5.667   1.150   3.074   1.00 5.50  ? 22  MET A CE  1 
ATOM   172  N N   . GLU A 1 27  ? 7.550   7.142   1.410   1.00 6.47  ? 23  GLU A N   1 
ATOM   173  C CA  . GLU A 1 27  ? 7.214   8.543   1.695   1.00 7.05  ? 23  GLU A CA  1 
ATOM   174  C C   . GLU A 1 27  ? 5.775   8.720   1.262   1.00 6.14  ? 23  GLU A C   1 
ATOM   175  O O   . GLU A 1 27  ? 5.411   8.237   0.215   1.00 5.18  ? 23  GLU A O   1 
ATOM   176  C CB  . GLU A 1 27  ? 8.094   9.508   0.881   1.00 6.78  ? 23  GLU A CB  1 
ATOM   177  C CG  . GLU A 1 27  ? 7.887   10.981  1.208   1.00 8.58  ? 23  GLU A CG  1 
ATOM   178  C CD  . GLU A 1 27  ? 8.446   11.931  0.137   1.00 9.97  ? 23  GLU A CD  1 
ATOM   179  O OE1 . GLU A 1 27  ? 9.231   11.470  -0.713  1.00 15.60 ? 23  GLU A OE1 1 
ATOM   180  O OE2 . GLU A 1 27  ? 8.086   13.131  0.132   1.00 13.33 ? 23  GLU A OE2 1 
ATOM   181  N N   . LEU A 1 28  ? 4.986   9.439   2.048   1.00 6.73  ? 24  LEU A N   1 
ATOM   182  C CA  . LEU A 1 28  ? 3.576   9.690   1.736   1.00 8.01  ? 24  LEU A CA  1 
ATOM   183  C C   . LEU A 1 28  ? 3.338   11.156  1.428   1.00 8.01  ? 24  LEU A C   1 
ATOM   184  O O   . LEU A 1 28  ? 3.744   12.009  2.196   1.00 8.52  ? 24  LEU A O   1 
ATOM   185  C CB  . LEU A 1 28  ? 2.689   9.259   2.903   1.00 8.25  ? 24  LEU A CB  1 
ATOM   186  C CG  . LEU A 1 28  ? 2.830   7.798   3.365   1.00 9.34  ? 24  LEU A CG  1 
ATOM   187  C CD1 . LEU A 1 28  ? 1.872   7.628   4.519   1.00 12.66 ? 24  LEU A CD1 1 
ATOM   188  C CD2 . LEU A 1 28  ? 2.552   6.724   2.265   1.00 10.99 ? 24  LEU A CD2 1 
ATOM   189  N N   . TYR A 1 29  ? 2.676   11.436  0.307   1.00 8.56  ? 25  TYR A N   1 
ATOM   190  C CA  . TYR A 1 29  ? 2.491   12.812  -0.154  1.00 9.16  ? 25  TYR A CA  1 
ATOM   191  C C   . TYR A 1 29  ? 1.364   13.528  0.610   1.00 9.55  ? 25  TYR A C   1 
ATOM   192  O O   . TYR A 1 29  ? 0.323   13.885  0.031   1.00 9.03  ? 25  TYR A O   1 
ATOM   193  C CB  . TYR A 1 29  ? 2.245   12.858  -1.659  1.00 9.67  ? 25  TYR A CB  1 
ATOM   194  C CG  . TYR A 1 29  ? 3.248   12.115  -2.544  1.00 9.62  ? 25  TYR A CG  1 
ATOM   195  C CD1 . TYR A 1 29  ? 4.611   12.055  -2.237  1.00 9.19  ? 25  TYR A CD1 1 
ATOM   196  C CD2 . TYR A 1 29  ? 2.814   11.504  -3.729  1.00 9.58  ? 25  TYR A CD2 1 
ATOM   197  C CE1 . TYR A 1 29  ? 5.511   11.388  -3.078  1.00 9.74  ? 25  TYR A CE1 1 
ATOM   198  C CE2 . TYR A 1 29  ? 3.700   10.859  -4.572  1.00 10.87 ? 25  TYR A CE2 1 
ATOM   199  C CZ  . TYR A 1 29  ? 5.039   10.800  -4.248  1.00 9.83  ? 25  TYR A CZ  1 
ATOM   200  O OH  . TYR A 1 29  ? 5.872   10.136  -5.115  1.00 9.93  ? 25  TYR A OH  1 
ATOM   201  N N   . ALA A 1 30  ? 1.593   13.743  1.915   1.00 9.34  ? 26  ALA A N   1 
ATOM   202  C CA  . ALA A 1 30  ? 0.650   14.467  2.751   1.00 9.92  ? 26  ALA A CA  1 
ATOM   203  C C   . ALA A 1 30  ? 0.453   15.893  2.214   1.00 10.18 ? 26  ALA A C   1 
ATOM   204  O O   . ALA A 1 30  ? -0.600  16.485  2.410   1.00 9.31  ? 26  ALA A O   1 
ATOM   205  C CB  . ALA A 1 30  ? 1.118   14.487  4.226   1.00 9.19  ? 26  ALA A CB  1 
ATOM   206  N N   . ASP A 1 31  ? 1.487   16.416  1.545   1.00 10.94 ? 27  ASP A N   1 
ATOM   207  C CA  . ASP A 1 31  ? 1.502   17.747  0.887   1.00 11.84 ? 27  ASP A CA  1 
ATOM   208  C C   . ASP A 1 31  ? 0.446   17.911  -0.222  1.00 11.35 ? 27  ASP A C   1 
ATOM   209  O O   . ASP A 1 31  ? -0.049  19.022  -0.466  1.00 12.32 ? 27  ASP A O   1 
ATOM   210  C CB  . ASP A 1 31  ? 2.940   18.057  0.319   1.00 12.37 ? 27  ASP A CB  1 
ATOM   211  C CG  . ASP A 1 31  ? 3.544   16.879  -0.603  1.00 13.79 ? 27  ASP A CG  1 
ATOM   212  O OD1 . ASP A 1 31  ? 2.841   16.109  -1.241  1.00 15.70 ? 27  ASP A OD1 1 
ATOM   213  O OD2 . ASP A 1 31  ? 4.771   16.734  -0.707  1.00 16.68 ? 27  ASP A OD2 1 
ATOM   214  N N   . THR A 1 32  ? 0.114   16.804  -0.885  1.00 10.20 ? 28  THR A N   1 
ATOM   215  C CA  . THR A 1 32  ? -0.763  16.773  -2.069  1.00 9.55  ? 28  THR A CA  1 
ATOM   216  C C   . THR A 1 32  ? -2.118  16.173  -1.736  1.00 8.66  ? 28  THR A C   1 
ATOM   217  O O   . THR A 1 32  ? -3.142  16.738  -2.094  1.00 8.20  ? 28  THR A O   1 
ATOM   218  C CB  . THR A 1 32  ? -0.092  15.958  -3.188  1.00 9.33  ? 28  THR A CB  1 
ATOM   219  O OG1 . THR A 1 32  ? 1.160   16.562  -3.506  1.00 10.80 ? 28  THR A OG1 1 
ATOM   220  C CG2 . THR A 1 32  ? -0.938  15.877  -4.436  1.00 10.47 ? 28  THR A CG2 1 
ATOM   221  N N   . VAL A 1 33  ? -2.119  15.056  -1.012  1.00 7.61  ? 29  VAL A N   1 
ATOM   222  C CA  . VAL A 1 33  ? -3.344  14.315  -0.691  1.00 7.42  ? 29  VAL A CA  1 
ATOM   223  C C   . VAL A 1 33  ? -3.360  13.950  0.800   1.00 7.32  ? 29  VAL A C   1 
ATOM   224  O O   . VAL A 1 33  ? -3.103  12.805  1.162   1.00 6.52  ? 29  VAL A O   1 
ATOM   225  C CB  . VAL A 1 33  ? -3.502  13.032  -1.562  1.00 6.52  ? 29  VAL A CB  1 
ATOM   226  C CG1 . VAL A 1 33  ? -4.120  13.364  -2.926  1.00 6.67  ? 29  VAL A CG1 1 
ATOM   227  C CG2 . VAL A 1 33  ? -2.171  12.314  -1.748  1.00 7.42  ? 29  VAL A CG2 1 
ATOM   228  N N   . PRO A 1 34  ? -3.628  14.934  1.673   1.00 7.22  ? 30  PRO A N   1 
ATOM   229  C CA  . PRO A 1 34  ? -3.450  14.626  3.103   1.00 7.66  ? 30  PRO A CA  1 
ATOM   230  C C   . PRO A 1 34  ? -4.349  13.523  3.685   1.00 8.03  ? 30  PRO A C   1 
ATOM   231  O O   . PRO A 1 34  ? -3.912  12.793  4.568   1.00 9.14  ? 30  PRO A O   1 
ATOM   232  C CB  . PRO A 1 34  ? -3.697  15.980  3.790   1.00 7.20  ? 30  PRO A CB  1 
ATOM   233  C CG  . PRO A 1 34  ? -4.483  16.806  2.752   1.00 7.65  ? 30  PRO A CG  1 
ATOM   234  C CD  . PRO A 1 34  ? -4.018  16.344  1.437   1.00 7.13  ? 30  PRO A CD  1 
ATOM   235  N N   . LYS A 1 35  ? -5.589  13.420  3.218   1.00 8.17  ? 31  LYS A N   1 
ATOM   236  C CA  . LYS A 1 35  ? -6.553  12.472  3.762   1.00 8.00  ? 31  LYS A CA  1 
ATOM   237  C C   . LYS A 1 35  ? -6.170  11.028  3.394   1.00 8.41  ? 31  LYS A C   1 
ATOM   238  O O   . LYS A 1 35  ? -6.255  10.098  4.250   1.00 7.91  ? 31  LYS A O   1 
ATOM   239  C CB  . LYS A 1 35  ? -7.956  12.840  3.263   1.00 8.14  ? 31  LYS A CB  1 
ATOM   240  C CG  . LYS A 1 35  ? -9.114  11.970  3.791   1.00 9.01  ? 31  LYS A CG  1 
ATOM   241  C CD  . LYS A 1 35  ? -10.472 12.443  3.239   1.00 9.89  ? 31  LYS A CD  1 
ATOM   242  C CE  . LYS A 1 35  ? -11.704 11.677  3.776   1.00 8.66  ? 31  LYS A CE  1 
ATOM   243  N NZ  . LYS A 1 35  ? -12.789 11.828  2.739   1.00 7.51  ? 31  LYS A NZ  1 
ATOM   244  N N   . THR A 1 36  ? -5.721  10.859  2.137   1.00 7.75  ? 32  THR A N   1 
ATOM   245  C CA  . THR A 1 36  ? -5.276  9.571   1.612   1.00 7.44  ? 32  THR A CA  1 
ATOM   246  C C   . THR A 1 36  ? -3.975  9.092   2.280   1.00 6.92  ? 32  THR A C   1 
ATOM   247  O O   . THR A 1 36  ? -3.806  7.898   2.575   1.00 6.79  ? 32  THR A O   1 
ATOM   248  C CB  . THR A 1 36  ? -5.136  9.680   0.082   1.00 7.20  ? 32  THR A CB  1 
ATOM   249  O OG1 . THR A 1 36  ? -6.354  10.223  -0.448  1.00 7.59  ? 32  THR A OG1 1 
ATOM   250  C CG2 . THR A 1 36  ? -4.851  8.346   -0.568  1.00 7.93  ? 32  THR A CG2 1 
ATOM   251  N N   . ALA A 1 37  ? -3.050  10.032  2.501   1.00 7.16  ? 33  ALA A N   1 
ATOM   252  C CA  . ALA A 1 37  ? -1.745  9.747   3.147   1.00 7.26  ? 33  ALA A CA  1 
ATOM   253  C C   . ALA A 1 37  ? -1.989  9.357   4.577   1.00 6.78  ? 33  ALA A C   1 
ATOM   254  O O   . ALA A 1 37  ? -1.388  8.436   5.079   1.00 6.12  ? 33  ALA A O   1 
ATOM   255  C CB  . ALA A 1 37  ? -0.815  10.989  3.076   1.00 6.63  ? 33  ALA A CB  1 
ATOM   256  N N   . GLU A 1 38  ? -2.899  10.070  5.226   1.00 7.26  ? 34  GLU A N   1 
ATOM   257  C CA  . GLU A 1 38  ? -3.188  9.852   6.657   1.00 7.70  ? 34  GLU A CA  1 
ATOM   258  C C   . GLU A 1 38  ? -3.860  8.510   6.884   1.00 7.48  ? 34  GLU A C   1 
ATOM   259  O O   . GLU A 1 38  ? -3.558  7.789   7.827   1.00 8.22  ? 34  GLU A O   1 
ATOM   260  C CB  . GLU A 1 38  ? -4.091  10.979  7.179   1.00 7.47  ? 34  GLU A CB  1 
ATOM   261  C CG  . GLU A 1 38  ? -4.631  10.733  8.588   1.00 8.70  ? 34  GLU A CG  1 
ATOM   262  C CD  . GLU A 1 38  ? -3.558  10.819  9.652   1.00 9.24  ? 34  GLU A CD  1 
ATOM   263  O OE1 . GLU A 1 38  ? -2.408  11.210  9.351   1.00 10.29 ? 34  GLU A OE1 1 
ATOM   264  O OE2 . GLU A 1 38  ? -3.867  10.474  10.796  1.00 9.78  ? 34  GLU A OE2 1 
ATOM   265  N N   . ASN A 1 39  ? -4.767  8.165   5.996   1.00 7.48  ? 35  ASN A N   1 
ATOM   266  C CA  . ASN A 1 39  ? -5.357  6.855   6.032   1.00 7.56  ? 35  ASN A CA  1 
ATOM   267  C C   . ASN A 1 39  ? -4.260  5.797   5.997   1.00 7.63  ? 35  ASN A C   1 
ATOM   268  O O   . ASN A 1 39  ? -4.218  4.926   6.853   1.00 7.10  ? 35  ASN A O   1 
ATOM   269  C CB  . ASN A 1 39  ? -6.321  6.691   4.861   1.00 7.36  ? 35  ASN A CB  1 
ATOM   270  C CG  . ASN A 1 39  ? -6.874  5.309   4.775   1.00 8.01  ? 35  ASN A CG  1 
ATOM   271  O OD1 . ASN A 1 39  ? -7.501  4.814   5.726   1.00 6.99  ? 35  ASN A OD1 1 
ATOM   272  N ND2 . ASN A 1 39  ? -6.683  4.672   3.632   1.00 8.12  ? 35  ASN A ND2 1 
ATOM   273  N N   . PHE A 1 40  ? -3.358  5.882   5.018   1.00 7.85  ? 36  PHE A N   1 
ATOM   274  C CA  . PHE A 1 40  ? -2.335  4.851   4.842   1.00 7.37  ? 36  PHE A CA  1 
ATOM   275  C C   . PHE A 1 40  ? -1.366  4.834   6.029   1.00 7.64  ? 36  PHE A C   1 
ATOM   276  O O   . PHE A 1 40  ? -0.951  3.754   6.484   1.00 7.30  ? 36  PHE A O   1 
ATOM   277  C CB  . PHE A 1 40  ? -1.579  5.082   3.550   1.00 7.90  ? 36  PHE A CB  1 
ATOM   278  C CG  . PHE A 1 40  ? -0.634  3.969   3.173   1.00 8.35  ? 36  PHE A CG  1 
ATOM   279  C CD1 . PHE A 1 40  ? -1.082  2.870   2.423   1.00 8.01  ? 36  PHE A CD1 1 
ATOM   280  C CD2 . PHE A 1 40  ? 0.701   4.041   3.508   1.00 8.09  ? 36  PHE A CD2 1 
ATOM   281  C CE1 . PHE A 1 40  ? -0.230  1.851   2.053   1.00 6.71  ? 36  PHE A CE1 1 
ATOM   282  C CE2 . PHE A 1 40  ? 1.572   3.010   3.150   1.00 8.97  ? 36  PHE A CE2 1 
ATOM   283  C CZ  . PHE A 1 40  ? 1.097   1.910   2.403   1.00 8.76  ? 36  PHE A CZ  1 
ATOM   284  N N   . ARG A 1 41  ? -1.001  6.022   6.503   1.00 6.77  ? 37  ARG A N   1 
ATOM   285  C CA  . ARG A 1 41  ? -0.105  6.209   7.665   1.00 6.74  ? 37  ARG A CA  1 
ATOM   286  C C   . ARG A 1 41  ? -0.672  5.586   8.935   1.00 6.87  ? 37  ARG A C   1 
ATOM   287  O O   . ARG A 1 41  ? 0.020   4.864   9.633   1.00 7.74  ? 37  ARG A O   1 
ATOM   288  C CB  . ARG A 1 41  ? 0.123   7.708   7.923   1.00 6.88  ? 37  ARG A CB  1 
ATOM   289  C CG  . ARG A 1 41  ? 1.181   7.997   8.992   1.00 7.24  ? 37  ARG A CG  1 
ATOM   290  C CD  . ARG A 1 41  ? 1.033   9.358   9.682   1.00 8.02  ? 37  ARG A CD  1 
ATOM   291  N NE  . ARG A 1 41  ? -0.253  9.455   10.388  1.00 8.51  ? 37  ARG A NE  1 
ATOM   292  C CZ  . ARG A 1 41  ? -0.497  9.014   11.623  1.00 10.09 ? 37  ARG A CZ  1 
ATOM   293  N NH1 . ARG A 1 41  ? 0.451   8.441   12.369  1.00 9.73  ? 37  ARG A NH1 1 
ATOM   294  N NH2 . ARG A 1 41  ? -1.719  9.139   12.124  1.00 7.77  ? 37  ARG A NH2 1 
ATOM   295  N N   . ALA A 1 42  ? -1.935  5.905   9.237   1.00 6.58  ? 38  ALA A N   1 
ATOM   296  C CA  . ALA A 1 42  ? -2.651  5.331   10.375  1.00 6.54  ? 38  ALA A CA  1 
ATOM   297  C C   . ALA A 1 42  ? -2.859  3.816   10.292  1.00 6.23  ? 38  ALA A C   1 
ATOM   298  O O   . ALA A 1 42  ? -2.877  3.133   11.333  1.00 5.92  ? 38  ALA A O   1 
ATOM   299  C CB  . ALA A 1 42  ? -3.976  6.063   10.580  1.00 5.78  ? 38  ALA A CB  1 
ATOM   300  N N   . LEU A 1 43  ? -2.970  3.274   9.080   1.00 7.27  ? 39  LEU A N   1 
ATOM   301  C CA  . LEU A 1 43  ? -3.064  1.799   8.886   1.00 7.33  ? 39  LEU A CA  1 
ATOM   302  C C   . LEU A 1 43  ? -1.690  1.120   9.105   1.00 7.95  ? 39  LEU A C   1 
ATOM   303  O O   . LEU A 1 43  ? -1.617  -0.026  9.577   1.00 7.73  ? 39  LEU A O   1 
ATOM   304  C CB  . LEU A 1 43  ? -3.657  1.443   7.497   1.00 7.76  ? 39  LEU A CB  1 
ATOM   305  C CG  . LEU A 1 43  ? -5.130  1.829   7.267   1.00 8.45  ? 39  LEU A CG  1 
ATOM   306  C CD1 . LEU A 1 43  ? -5.603  1.559   5.864   1.00 7.21  ? 39  LEU A CD1 1 
ATOM   307  C CD2 . LEU A 1 43  ? -6.038  1.110   8.291   1.00 9.09  ? 39  LEU A CD2 1 
ATOM   308  N N   . CYS A 1 44  ? -0.601  1.821   8.774   1.00 7.92  ? 40  CYS A N   1 
ATOM   309  C CA  . CYS A 1 44  ? 0.749   1.342   9.101   1.00 7.77  ? 40  CYS A CA  1 
ATOM   310  C C   . CYS A 1 44  ? 0.980   1.264   10.619  1.00 7.61  ? 40  CYS A C   1 
ATOM   311  O O   . CYS A 1 44  ? 1.603   0.334   11.078  1.00 6.65  ? 40  CYS A O   1 
ATOM   312  C CB  . CYS A 1 44  ? 1.823   2.212   8.448   1.00 7.90  ? 40  CYS A CB  1 
ATOM   313  S SG  . CYS A 1 44  ? 1.929   1.972   6.695   1.00 10.47 ? 40  CYS A SG  1 
ATOM   314  N N   . THR A 1 45  ? 0.416   2.196   11.403  1.00 7.57  ? 41  THR A N   1 
ATOM   315  C CA  . THR A 1 45  ? 0.649   2.189   12.867  1.00 7.36  ? 41  THR A CA  1 
ATOM   316  C C   . THR A 1 45  ? -0.360  1.403   13.671  1.00 7.38  ? 41  THR A C   1 
ATOM   317  O O   . THR A 1 45  ? -0.039  0.950   14.749  1.00 7.58  ? 41  THR A O   1 
ATOM   318  C CB  . THR A 1 45  ? 0.721   3.611   13.474  1.00 7.15  ? 41  THR A CB  1 
ATOM   319  O OG1 . THR A 1 45  ? -0.586  4.217   13.488  1.00 7.17  ? 41  THR A OG1 1 
ATOM   320  C CG2 . THR A 1 45  ? 1.740   4.459   12.718  1.00 7.11  ? 41  THR A CG2 1 
ATOM   321  N N   . GLY A 1 46  ? -1.576  1.240   13.146  1.00 8.26  ? 42  GLY A N   1 
ATOM   322  C CA  . GLY A 1 46  ? -2.669  0.571   13.841  1.00 7.30  ? 42  GLY A CA  1 
ATOM   323  C C   . GLY A 1 46  ? -3.359  1.450   14.867  1.00 7.53  ? 42  GLY A C   1 
ATOM   324  O O   . GLY A 1 46  ? -4.276  0.998   15.554  1.00 6.97  ? 42  GLY A O   1 
ATOM   325  N N   . GLU A 1 47  ? -2.947  2.710   14.968  1.00 7.14  ? 43  GLU A N   1 
ATOM   326  C CA  . GLU A 1 47  ? -3.380  3.577   16.072  1.00 7.42  ? 43  GLU A CA  1 
ATOM   327  C C   . GLU A 1 47  ? -4.891  3.814   16.180  1.00 7.37  ? 43  GLU A C   1 
ATOM   328  O O   . GLU A 1 47  ? -5.368  4.209   17.239  1.00 7.30  ? 43  GLU A O   1 
ATOM   329  C CB  . GLU A 1 47  ? -2.650  4.918   16.007  1.00 7.91  ? 43  GLU A CB  1 
ATOM   330  C CG  . GLU A 1 47  ? -3.090  5.857   14.882  1.00 7.76  ? 43  GLU A CG  1 
ATOM   331  C CD  . GLU A 1 47  ? -2.097  6.985   14.628  1.00 7.10  ? 43  GLU A CD  1 
ATOM   332  O OE1 . GLU A 1 47  ? -0.936  6.694   14.256  1.00 4.48  ? 43  GLU A OE1 1 
ATOM   333  O OE2 . GLU A 1 47  ? -2.501  8.164   14.770  1.00 5.62  ? 43  GLU A OE2 1 
ATOM   334  N N   . LYS A 1 48  ? -5.645  3.570   15.113  1.00 7.22  ? 44  LYS A N   1 
ATOM   335  C CA  . LYS A 1 48  ? -7.088  3.796   15.138  1.00 8.13  ? 44  LYS A CA  1 
ATOM   336  C C   . LYS A 1 48  ? -7.912  2.661   15.770  1.00 8.81  ? 44  LYS A C   1 
ATOM   337  O O   . LYS A 1 48  ? -9.121  2.810   15.994  1.00 9.07  ? 44  LYS A O   1 
ATOM   338  C CB  . LYS A 1 48  ? -7.606  4.150   13.745  1.00 7.80  ? 44  LYS A CB  1 
ATOM   339  C CG  . LYS A 1 48  ? -6.974  5.412   13.169  1.00 7.89  ? 44  LYS A CG  1 
ATOM   340  C CD  . LYS A 1 48  ? -7.328  6.680   13.946  1.00 7.74  ? 44  LYS A CD  1 
ATOM   341  C CE  . LYS A 1 48  ? -6.732  7.901   13.236  1.00 8.81  ? 44  LYS A CE  1 
ATOM   342  N NZ  . LYS A 1 48  ? -6.991  9.190   13.935  1.00 6.44  ? 44  LYS A NZ  1 
ATOM   343  N N   . GLY A 1 49  ? -7.258  1.557   16.105  1.00 9.29  ? 45  GLY A N   1 
ATOM   344  C CA  . GLY A 1 49  ? -7.947  0.444   16.741  1.00 10.24 ? 45  GLY A CA  1 
ATOM   345  C C   . GLY A 1 49  ? -8.634  -0.417  15.706  1.00 10.37 ? 45  GLY A C   1 
ATOM   346  O O   . GLY A 1 49  ? -8.108  -0.603  14.606  1.00 10.33 ? 45  GLY A O   1 
ATOM   347  N N   . LYS A 1 50  ? -9.827  -0.897  16.049  1.00 11.55 ? 46  LYS A N   1 
ATOM   348  C CA  . LYS A 1 50  ? -10.569 -1.870  15.227  1.00 12.56 ? 46  LYS A CA  1 
ATOM   349  C C   . LYS A 1 50  ? -11.509 -1.194  14.251  1.00 12.59 ? 46  LYS A C   1 
ATOM   350  O O   . LYS A 1 50  ? -12.100 -0.176  14.573  1.00 12.04 ? 46  LYS A O   1 
ATOM   351  C CB  . LYS A 1 50  ? -11.437 -2.786  16.095  1.00 12.52 ? 46  LYS A CB  1 
ATOM   352  C CG  . LYS A 1 50  ? -10.773 -3.245  17.368  1.00 14.86 ? 46  LYS A CG  1 
ATOM   353  C CD  . LYS A 1 50  ? -11.002 -4.711  17.661  1.00 15.35 ? 46  LYS A CD  1 
ATOM   354  C CE  . LYS A 1 50  ? -9.769  -5.531  17.260  1.00 18.95 ? 46  LYS A CE  1 
ATOM   355  N NZ  . LYS A 1 50  ? -8.546  -5.061  18.011  1.00 19.33 ? 46  LYS A NZ  1 
ATOM   356  N N   . GLY A 1 51  ? -11.702 -1.819  13.090  1.00 12.89 ? 47  GLY A N   1 
ATOM   357  C CA  . GLY A 1 51  ? -12.642 -1.325  12.098  1.00 13.55 ? 47  GLY A CA  1 
ATOM   358  C C   . GLY A 1 51  ? -14.083 -1.710  12.335  1.00 14.06 ? 47  GLY A C   1 
ATOM   359  O O   . GLY A 1 51  ? -14.442 -2.277  13.365  1.00 14.04 ? 47  GLY A O   1 
ATOM   360  N N   . ARG A 1 52  ? -14.914 -1.395  11.349  1.00 14.95 ? 48  ARG A N   1 
ATOM   361  C CA  . ARG A 1 52  ? -16.336 -1.708  11.374  1.00 15.74 ? 48  ARG A CA  1 
ATOM   362  C C   . ARG A 1 52  ? -16.488 -3.202  11.262  1.00 15.29 ? 48  ARG A C   1 
ATOM   363  O O   . ARG A 1 52  ? -17.413 -3.777  11.789  1.00 15.50 ? 48  ARG A O   1 
ATOM   364  C CB  . ARG A 1 52  ? -17.056 -1.007  10.212  1.00 16.26 ? 48  ARG A CB  1 
ATOM   365  C CG  . ARG A 1 52  ? -16.688 0.489   10.126  1.00 18.09 ? 48  ARG A CG  1 
ATOM   366  C CD  . ARG A 1 52  ? -17.586 1.258   9.214   1.00 18.88 ? 48  ARG A CD  1 
ATOM   367  N NE  . ARG A 1 52  ? -18.958 1.277   9.710   1.00 21.09 ? 48  ARG A NE  1 
ATOM   368  C CZ  . ARG A 1 52  ? -19.380 2.001   10.742  1.00 22.79 ? 48  ARG A CZ  1 
ATOM   369  N NH1 . ARG A 1 52  ? -18.540 2.780   11.427  1.00 25.42 ? 48  ARG A NH1 1 
ATOM   370  N NH2 . ARG A 1 52  ? -20.654 1.942   11.099  1.00 23.98 ? 48  ARG A NH2 1 
ATOM   371  N N   . SER A 1 53  ? -15.545 -3.807  10.551  1.00 15.71 ? 49  SER A N   1 
ATOM   372  C CA  . SER A 1 53  ? -15.348 -5.268  10.484  1.00 15.55 ? 49  SER A CA  1 
ATOM   373  C C   . SER A 1 53  ? -15.075 -5.939  11.855  1.00 15.15 ? 49  SER A C   1 
ATOM   374  O O   . SER A 1 53  ? -15.350 -7.130  12.043  1.00 16.21 ? 49  SER A O   1 
ATOM   375  C CB  . SER A 1 53  ? -14.134 -5.520  9.600   1.00 15.82 ? 49  SER A CB  1 
ATOM   376  O OG  . SER A 1 53  ? -12.978 -4.909  10.203  1.00 17.35 ? 49  SER A OG  1 
ATOM   377  N N   . GLY A 1 54  ? -14.496 -5.176  12.789  1.00 14.25 ? 50  GLY A N   1 
ATOM   378  C CA  . GLY A 1 54  ? -14.005 -5.708  14.041  1.00 12.96 ? 50  GLY A CA  1 
ATOM   379  C C   . GLY A 1 54  ? -12.577 -6.238  13.951  1.00 12.03 ? 50  GLY A C   1 
ATOM   380  O O   . GLY A 1 54  ? -12.076 -6.820  14.909  1.00 11.60 ? 50  GLY A O   1 
ATOM   381  N N   . LYS A 1 55  ? -11.927 -6.043  12.808  1.00 11.47 ? 51  LYS A N   1 
ATOM   382  C CA  . LYS A 1 55  ? -10.512 -6.372  12.651  1.00 11.02 ? 51  LYS A CA  1 
ATOM   383  C C   . LYS A 1 55  ? -9.685  -5.131  12.875  1.00 9.80  ? 51  LYS A C   1 
ATOM   384  O O   . LYS A 1 55  ? -10.179 -4.020  12.662  1.00 7.91  ? 51  LYS A O   1 
ATOM   385  C CB  . LYS A 1 55  ? -10.141 -6.849  11.234  1.00 12.07 ? 51  LYS A CB  1 
ATOM   386  C CG  . LYS A 1 55  ? -11.194 -7.548  10.401  1.00 13.07 ? 51  LYS A CG  1 
ATOM   387  C CD  . LYS A 1 55  ? -11.581 -8.859  10.867  1.00 14.44 ? 51  LYS A CD  1 
ATOM   388  C CE  . LYS A 1 55  ? -12.205 -9.583  9.693   1.00 16.14 ? 51  LYS A CE  1 
ATOM   389  N NZ  . LYS A 1 55  ? -13.008 -10.702 10.173  1.00 16.40 ? 51  LYS A NZ  1 
ATOM   390  N N   . PRO A 1 56  ? -8.402  -5.320  13.231  1.00 9.04  ? 52  PRO A N   1 
ATOM   391  C CA  . PRO A 1 56  ? -7.525  -4.164  13.393  1.00 9.27  ? 52  PRO A CA  1 
ATOM   392  C C   . PRO A 1 56  ? -7.339  -3.330  12.114  1.00 8.95  ? 52  PRO A C   1 
ATOM   393  O O   . PRO A 1 56  ? -7.105  -3.867  11.019  1.00 9.47  ? 52  PRO A O   1 
ATOM   394  C CB  . PRO A 1 56  ? -6.190  -4.782  13.860  1.00 9.24  ? 52  PRO A CB  1 
ATOM   395  C CG  . PRO A 1 56  ? -6.550  -6.175  14.367  1.00 8.70  ? 52  PRO A CG  1 
ATOM   396  C CD  . PRO A 1 56  ? -7.701  -6.598  13.507  1.00 8.73  ? 52  PRO A CD  1 
ATOM   397  N N   . LEU A 1 57  ? -7.490  -2.020  12.264  1.00 8.84  ? 53  LEU A N   1 
ATOM   398  C CA  . LEU A 1 57  ? -7.153  -1.065  11.201  1.00 8.42  ? 53  LEU A CA  1 
ATOM   399  C C   . LEU A 1 57  ? -5.634  -0.942  11.116  1.00 7.64  ? 53  LEU A C   1 
ATOM   400  O O   . LEU A 1 57  ? -5.018  -0.014  11.622  1.00 7.17  ? 53  LEU A O   1 
ATOM   401  C CB  . LEU A 1 57  ? -7.836  0.288   11.446  1.00 8.53  ? 53  LEU A CB  1 
ATOM   402  C CG  . LEU A 1 57  ? -9.366  0.274   11.436  1.00 6.72  ? 53  LEU A CG  1 
ATOM   403  C CD1 . LEU A 1 57  ? -9.919  1.590   12.024  1.00 5.35  ? 53  LEU A CD1 1 
ATOM   404  C CD2 . LEU A 1 57  ? -9.880  0.045   10.024  1.00 7.07  ? 53  LEU A CD2 1 
ATOM   405  N N   . HIS A 1 58  ? -5.034  -1.940  10.478  1.00 7.99  ? 54  HIS A N   1 
ATOM   406  C CA  . HIS A 1 58  ? -3.612  -2.188  10.615  1.00 7.30  ? 54  HIS A CA  1 
ATOM   407  C C   . HIS A 1 58  ? -3.163  -3.119  9.514   1.00 6.74  ? 54  HIS A C   1 
ATOM   408  O O   . HIS A 1 58  ? -3.813  -4.115  9.238   1.00 7.38  ? 54  HIS A O   1 
ATOM   409  C CB  . HIS A 1 58  ? -3.352  -2.809  12.003  1.00 7.15  ? 54  HIS A CB  1 
ATOM   410  C CG  . HIS A 1 58  ? -1.943  -2.661  12.500  1.00 7.04  ? 54  HIS A CG  1 
ATOM   411  N ND1 . HIS A 1 58  ? -1.467  -3.364  13.589  1.00 6.71  ? 54  HIS A ND1 1 
ATOM   412  C CD2 . HIS A 1 58  ? -0.921  -1.882  12.086  1.00 4.83  ? 54  HIS A CD2 1 
ATOM   413  C CE1 . HIS A 1 58  ? -0.213  -3.028  13.817  1.00 3.63  ? 54  HIS A CE1 1 
ATOM   414  N NE2 . HIS A 1 58  ? 0.137   -2.116  12.930  1.00 4.88  ? 54  HIS A NE2 1 
ATOM   415  N N   . TYR A 1 59  ? -2.051  -2.784  8.878   1.00 6.10  ? 55  TYR A N   1 
ATOM   416  C CA  . TYR A 1 59  ? -1.484  -3.619  7.825   1.00 6.11  ? 55  TYR A CA  1 
ATOM   417  C C   . TYR A 1 59  ? -0.607  -4.769  8.371   1.00 5.87  ? 55  TYR A C   1 
ATOM   418  O O   . TYR A 1 59  ? -0.149  -5.654  7.595   1.00 4.92  ? 55  TYR A O   1 
ATOM   419  C CB  . TYR A 1 59  ? -0.659  -2.766  6.874   1.00 6.00  ? 55  TYR A CB  1 
ATOM   420  C CG  . TYR A 1 59  ? -1.442  -1.848  5.943   1.00 5.77  ? 55  TYR A CG  1 
ATOM   421  C CD1 . TYR A 1 59  ? -2.496  -2.323  5.170   1.00 4.47  ? 55  TYR A CD1 1 
ATOM   422  C CD2 . TYR A 1 59  ? -1.085  -0.519  5.813   1.00 8.81  ? 55  TYR A CD2 1 
ATOM   423  C CE1 . TYR A 1 59  ? -3.171  -1.480  4.302   1.00 5.89  ? 55  TYR A CE1 1 
ATOM   424  C CE2 . TYR A 1 59  ? -1.743  0.328   4.945   1.00 5.29  ? 55  TYR A CE2 1 
ATOM   425  C CZ  . TYR A 1 59  ? -2.777  -0.158  4.186   1.00 5.67  ? 55  TYR A CZ  1 
ATOM   426  O OH  . TYR A 1 59  ? -3.401  0.700   3.316   1.00 6.07  ? 55  TYR A OH  1 
ATOM   427  N N   . LYS A 1 60  ? -0.371  -4.789  9.685   1.00 5.20  ? 56  LYS A N   1 
ATOM   428  C CA  . LYS A 1 60  ? 0.474   -5.850  10.243  1.00 5.57  ? 56  LYS A CA  1 
ATOM   429  C C   . LYS A 1 60  ? -0.150  -7.221  9.982   1.00 5.37  ? 56  LYS A C   1 
ATOM   430  O O   . LYS A 1 60  ? -1.334  -7.419  10.258  1.00 5.01  ? 56  LYS A O   1 
ATOM   431  C CB  . LYS A 1 60  ? 0.743   -5.655  11.740  1.00 5.22  ? 56  LYS A CB  1 
ATOM   432  C CG  . LYS A 1 60  ? 1.865   -6.527  12.248  1.00 5.69  ? 56  LYS A CG  1 
ATOM   433  C CD  . LYS A 1 60  ? 2.340   -6.171  13.650  1.00 5.56  ? 56  LYS A CD  1 
ATOM   434  C CE  . LYS A 1 60  ? 3.255   -7.288  14.178  1.00 6.38  ? 56  LYS A CE  1 
ATOM   435  N NZ  . LYS A 1 60  ? 3.670   -7.055  15.579  1.00 6.85  ? 56  LYS A NZ  1 
ATOM   436  N N   . SER A 1 61  ? 0.681   -8.134  9.458   1.00 5.57  ? 57  SER A N   1 
ATOM   437  C CA  . SER A 1 61  ? 0.357   -9.541  9.104   1.00 5.97  ? 57  SER A CA  1 
ATOM   438  C C   . SER A 1 61  ? -0.531  -9.702  7.852   1.00 5.88  ? 57  SER A C   1 
ATOM   439  O O   . SER A 1 61  ? -0.947  -10.811 7.531   1.00 4.51  ? 57  SER A O   1 
ATOM   440  C CB  . SER A 1 61  ? -0.202  -10.352 10.309  1.00 6.47  ? 57  SER A CB  1 
ATOM   441  O OG  . SER A 1 61  ? 0.544   -10.108 11.496  1.00 7.60  ? 57  SER A OG  1 
ATOM   442  N N   . SER A 1 62  ? -0.781  -8.603  7.130   1.00 6.49  ? 58  SER A N   1 
ATOM   443  C CA  . SER A 1 62  ? -1.480  -8.667  5.853   1.00 6.82  ? 58  SER A CA  1 
ATOM   444  C C   . SER A 1 62  ? -0.563  -9.232  4.784   1.00 7.37  ? 58  SER A C   1 
ATOM   445  O O   . SER A 1 62  ? 0.670   -9.305  4.944   1.00 7.06  ? 58  SER A O   1 
ATOM   446  C CB  . SER A 1 62  ? -2.075  -7.297  5.433   1.00 6.63  ? 58  SER A CB  1 
ATOM   447  O OG  . SER A 1 62  ? -1.073  -6.324  5.227   1.00 6.28  ? 58  SER A OG  1 
ATOM   448  N N   . VAL A 1 63  ? -1.200  -9.633  3.686   1.00 7.61  ? 59  VAL A N   1 
ATOM   449  C CA  A VAL A 1 63  ? -0.526  -10.318 2.602   0.50 7.16  ? 59  VAL A CA  1 
ATOM   450  C CA  B VAL A 1 63  ? -0.534  -10.327 2.602   0.50 6.99  ? 59  VAL A CA  1 
ATOM   451  C C   . VAL A 1 63  ? -0.517  -9.475  1.322   1.00 7.36  ? 59  VAL A C   1 
ATOM   452  O O   . VAL A 1 63  ? -1.419  -8.639  1.096   1.00 6.72  ? 59  VAL A O   1 
ATOM   453  C CB  A VAL A 1 63  ? -1.201  -11.694 2.360   0.50 7.46  ? 59  VAL A CB  1 
ATOM   454  C CB  B VAL A 1 63  ? -1.218  -11.719 2.359   0.50 7.21  ? 59  VAL A CB  1 
ATOM   455  C CG1 A VAL A 1 63  ? -0.909  -12.203 0.972   0.50 7.95  ? 59  VAL A CG1 1 
ATOM   456  C CG1 B VAL A 1 63  ? -2.699  -11.570 2.043   0.50 5.72  ? 59  VAL A CG1 1 
ATOM   457  C CG2 A VAL A 1 63  ? -0.727  -12.697 3.411   0.50 7.33  ? 59  VAL A CG2 1 
ATOM   458  C CG2 B VAL A 1 63  ? -0.511  -12.492 1.270   0.50 7.60  ? 59  VAL A CG2 1 
ATOM   459  N N   . PHE A 1 64  ? 0.537   -9.642  0.517   1.00 6.34  ? 60  PHE A N   1 
ATOM   460  C CA  . PHE A 1 64  ? 0.511   -9.179  -0.856  1.00 6.68  ? 60  PHE A CA  1 
ATOM   461  C C   . PHE A 1 64  ? -0.145  -10.318 -1.619  1.00 6.77  ? 60  PHE A C   1 
ATOM   462  O O   . PHE A 1 64  ? 0.489   -11.323 -1.935  1.00 5.84  ? 60  PHE A O   1 
ATOM   463  C CB  . PHE A 1 64  ? 1.900   -8.879  -1.390  1.00 6.91  ? 60  PHE A CB  1 
ATOM   464  C CG  . PHE A 1 64  ? 2.593   -7.705  -0.693  1.00 7.65  ? 60  PHE A CG  1 
ATOM   465  C CD1 . PHE A 1 64  ? 1.862   -6.644  -0.171  1.00 10.52 ? 60  PHE A CD1 1 
ATOM   466  C CD2 . PHE A 1 64  ? 3.971   -7.638  -0.629  1.00 8.20  ? 60  PHE A CD2 1 
ATOM   467  C CE1 . PHE A 1 64  ? 2.510   -5.538  0.437   1.00 10.05 ? 60  PHE A CE1 1 
ATOM   468  C CE2 . PHE A 1 64  ? 4.600   -6.538  -0.027  1.00 8.11  ? 60  PHE A CE2 1 
ATOM   469  C CZ  . PHE A 1 64  ? 3.848   -5.505  0.518   1.00 8.07  ? 60  PHE A CZ  1 
ATOM   470  N N   . HIS A 1 65  ? -1.438  -10.163 -1.891  1.00 6.94  ? 61  HIS A N   1 
ATOM   471  C CA  . HIS A 1 65  ? -2.277  -11.279 -2.381  1.00 6.65  ? 61  HIS A CA  1 
ATOM   472  C C   . HIS A 1 65  ? -2.290  -11.422 -3.900  1.00 6.75  ? 61  HIS A C   1 
ATOM   473  O O   . HIS A 1 65  ? -2.590  -12.506 -4.420  1.00 5.91  ? 61  HIS A O   1 
ATOM   474  C CB  . HIS A 1 65  ? -3.706  -11.142 -1.874  1.00 6.47  ? 61  HIS A CB  1 
ATOM   475  C CG  . HIS A 1 65  ? -4.439  -9.988  -2.457  1.00 4.16  ? 61  HIS A CG  1 
ATOM   476  N ND1 . HIS A 1 65  ? -4.454  -8.747  -1.862  1.00 7.34  ? 61  HIS A ND1 1 
ATOM   477  C CD2 . HIS A 1 65  ? -5.146  -9.867  -3.600  1.00 3.70  ? 61  HIS A CD2 1 
ATOM   478  C CE1 . HIS A 1 65  ? -5.158  -7.918  -2.611  1.00 2.35  ? 61  HIS A CE1 1 
ATOM   479  N NE2 . HIS A 1 65  ? -5.586  -8.571  -3.669  1.00 2.97  ? 61  HIS A NE2 1 
ATOM   480  N N   . ARG A 1 66  ? -1.905  -10.351 -4.592  1.00 6.93  ? 62  ARG A N   1 
ATOM   481  C CA  . ARG A 1 66  ? -1.764  -10.355 -6.041  1.00 8.13  ? 62  ARG A CA  1 
ATOM   482  C C   . ARG A 1 66  ? -0.473  -9.666  -6.520  1.00 8.19  ? 62  ARG A C   1 
ATOM   483  O O   . ARG A 1 66  ? -0.206  -8.524  -6.183  1.00 7.47  ? 62  ARG A O   1 
ATOM   484  C CB  . ARG A 1 66  ? -2.987  -9.680  -6.621  1.00 8.58  ? 62  ARG A CB  1 
ATOM   485  C CG  . ARG A 1 66  ? -3.241  -9.925  -8.046  1.00 9.20  ? 62  ARG A CG  1 
ATOM   486  C CD  . ARG A 1 66  ? -4.512  -9.195  -8.383  1.00 11.73 ? 62  ARG A CD  1 
ATOM   487  N NE  . ARG A 1 66  ? -4.539  -8.889  -9.794  1.00 16.46 ? 62  ARG A NE  1 
ATOM   488  C CZ  . ARG A 1 66  ? -4.959  -7.756  -10.336 1.00 16.00 ? 62  ARG A CZ  1 
ATOM   489  N NH1 . ARG A 1 66  ? -5.399  -6.730  -9.607  1.00 16.51 ? 62  ARG A NH1 1 
ATOM   490  N NH2 . ARG A 1 66  ? -4.916  -7.662  -11.649 1.00 17.47 ? 62  ARG A NH2 1 
ATOM   491  N N   . VAL A 1 67  ? 0.359   -10.400 -7.260  1.00 8.80  ? 63  VAL A N   1 
ATOM   492  C CA  . VAL A 1 67  ? 1.662   -9.903  -7.726  1.00 8.14  ? 63  VAL A CA  1 
ATOM   493  C C   . VAL A 1 67  ? 1.836   -10.308 -9.188  1.00 7.79  ? 63  VAL A C   1 
ATOM   494  O O   . VAL A 1 67  ? 1.837   -11.506 -9.502  1.00 6.82  ? 63  VAL A O   1 
ATOM   495  C CB  . VAL A 1 67  ? 2.834   -10.470 -6.830  1.00 9.36  ? 63  VAL A CB  1 
ATOM   496  C CG1 . VAL A 1 67  ? 4.187   -9.995  -7.310  1.00 9.28  ? 63  VAL A CG1 1 
ATOM   497  C CG2 . VAL A 1 67  ? 2.593   -10.103 -5.309  1.00 8.38  ? 63  VAL A CG2 1 
ATOM   498  N N   . ILE A 1 68  ? 1.932   -9.294  -10.058 1.00 7.45  ? 64  ILE A N   1 
ATOM   499  C CA  . ILE A 1 68  ? 2.174   -9.440  -11.485 1.00 7.62  ? 64  ILE A CA  1 
ATOM   500  C C   . ILE A 1 68  ? 3.481   -8.749  -11.887 1.00 7.93  ? 64  ILE A C   1 
ATOM   501  O O   . ILE A 1 68  ? 3.603   -7.514  -11.735 1.00 9.46  ? 64  ILE A O   1 
ATOM   502  C CB  . ILE A 1 68  ? 0.987   -8.864  -12.355 1.00 8.87  ? 64  ILE A CB  1 
ATOM   503  C CG1 . ILE A 1 68  ? -0.369  -9.457  -11.919 1.00 6.68  ? 64  ILE A CG1 1 
ATOM   504  C CG2 . ILE A 1 68  ? 1.247   -9.126  -13.859 1.00 6.10  ? 64  ILE A CG2 1 
ATOM   505  C CD1 . ILE A 1 68  ? -1.560  -8.939  -12.636 1.00 7.12  ? 64  ILE A CD1 1 
ATOM   506  N N   . PRO A 1 69  ? 4.463   -9.524  -12.400 1.00 8.21  ? 65  PRO A N   1 
ATOM   507  C CA  . PRO A 1 69  ? 5.730   -9.004  -12.911 1.00 7.82  ? 65  PRO A CA  1 
ATOM   508  C C   . PRO A 1 69  ? 5.545   -7.904  -13.937 1.00 7.79  ? 65  PRO A C   1 
ATOM   509  O O   . PRO A 1 69  ? 4.704   -8.015  -14.852 1.00 6.63  ? 65  PRO A O   1 
ATOM   510  C CB  . PRO A 1 69  ? 6.391   -10.223 -13.564 1.00 7.79  ? 65  PRO A CB  1 
ATOM   511  C CG  . PRO A 1 69  ? 5.777   -11.373 -12.948 1.00 8.29  ? 65  PRO A CG  1 
ATOM   512  C CD  . PRO A 1 69  ? 4.410   -11.001 -12.528 1.00 8.21  ? 65  PRO A CD  1 
ATOM   513  N N   . ASN A 1 70  ? 6.355   -6.862  -13.764 1.00 7.83  ? 66  ASN A N   1 
ATOM   514  C CA  . ASN A 1 70  ? 6.338   -5.674  -14.591 1.00 7.71  ? 66  ASN A CA  1 
ATOM   515  C C   . ASN A 1 70  ? 5.028   -4.911  -14.550 1.00 7.74  ? 66  ASN A C   1 
ATOM   516  O O   . ASN A 1 70  ? 4.682   -4.219  -15.489 1.00 9.25  ? 66  ASN A O   1 
ATOM   517  C CB  . ASN A 1 70  ? 6.726   -6.023  -16.043 1.00 8.13  ? 66  ASN A CB  1 
ATOM   518  C CG  . ASN A 1 70  ? 7.301   -4.834  -16.791 1.00 7.78  ? 66  ASN A CG  1 
ATOM   519  O OD1 . ASN A 1 70  ? 6.774   -4.428  -17.837 1.00 9.41  ? 66  ASN A OD1 1 
ATOM   520  N ND2 . ASN A 1 70  ? 8.360   -4.246  -16.241 1.00 7.01  ? 66  ASN A ND2 1 
ATOM   521  N N   . PHE A 1 71  ? 4.291   -5.027  -13.456 1.00 7.91  ? 67  PHE A N   1 
ATOM   522  C CA  . PHE A 1 71  ? 3.067   -4.264  -13.277 1.00 7.59  ? 67  PHE A CA  1 
ATOM   523  C C   . PHE A 1 71  ? 2.983   -3.736  -11.849 1.00 7.50  ? 67  PHE A C   1 
ATOM   524  O O   . PHE A 1 71  ? 3.199   -2.543  -11.572 1.00 5.82  ? 67  PHE A O   1 
ATOM   525  C CB  . PHE A 1 71  ? 1.862   -5.150  -13.659 1.00 7.23  ? 67  PHE A CB  1 
ATOM   526  C CG  . PHE A 1 71  ? 0.496   -4.496  -13.522 1.00 7.44  ? 67  PHE A CG  1 
ATOM   527  C CD1 . PHE A 1 71  ? 0.332   -3.122  -13.461 1.00 6.67  ? 67  PHE A CD1 1 
ATOM   528  C CD2 . PHE A 1 71  ? -0.654  -5.302  -13.531 1.00 7.46  ? 67  PHE A CD2 1 
ATOM   529  C CE1 . PHE A 1 71  ? -0.939  -2.554  -13.340 1.00 7.01  ? 67  PHE A CE1 1 
ATOM   530  C CE2 . PHE A 1 71  ? -1.913  -4.751  -13.431 1.00 7.64  ? 67  PHE A CE2 1 
ATOM   531  C CZ  . PHE A 1 71  ? -2.067  -3.369  -13.343 1.00 7.71  ? 67  PHE A CZ  1 
ATOM   532  N N   . MET A 1 72  ? 2.670   -4.634  -10.933 1.00 8.23  ? 68  MET A N   1 
ATOM   533  C CA  . MET A 1 72  ? 2.413   -4.231  -9.556  1.00 8.68  ? 68  MET A CA  1 
ATOM   534  C C   . MET A 1 72  ? 2.355   -5.371  -8.550  1.00 8.24  ? 68  MET A C   1 
ATOM   535  O O   . MET A 1 72  ? 2.191   -6.543  -8.906  1.00 8.19  ? 68  MET A O   1 
ATOM   536  C CB  . MET A 1 72  ? 1.135   -3.409  -9.501  1.00 9.49  ? 68  MET A CB  1 
ATOM   537  C CG  . MET A 1 72  ? -0.087  -4.132  -10.028 1.00 11.79 ? 68  MET A CG  1 
ATOM   538  S SD  . MET A 1 72  ? -0.844  -5.046  -8.714  1.00 18.40 ? 68  MET A SD  1 
ATOM   539  C CE  . MET A 1 72  ? -1.359  -6.546  -9.570  1.00 11.58 ? 68  MET A CE  1 
ATOM   540  N N   . ILE A 1 73  ? 2.480   -4.953  -7.287  1.00 8.57  ? 69  ILE A N   1 
ATOM   541  C CA  . ILE A 1 73  ? 2.188   -5.732  -6.097  1.00 8.49  ? 69  ILE A CA  1 
ATOM   542  C C   . ILE A 1 73  ? 0.926   -5.153  -5.498  1.00 8.11  ? 69  ILE A C   1 
ATOM   543  O O   . ILE A 1 73  ? 0.809   -3.950  -5.386  1.00 7.43  ? 69  ILE A O   1 
ATOM   544  C CB  . ILE A 1 73  ? 3.313   -5.565  -5.054  1.00 8.67  ? 69  ILE A CB  1 
ATOM   545  C CG1 . ILE A 1 73  ? 4.626   -6.164  -5.569  1.00 9.24  ? 69  ILE A CG1 1 
ATOM   546  C CG2 . ILE A 1 73  ? 2.911   -6.160  -3.644  1.00 9.60  ? 69  ILE A CG2 1 
ATOM   547  C CD1 . ILE A 1 73  ? 5.845   -5.634  -4.762  1.00 7.97  ? 69  ILE A CD1 1 
ATOM   548  N N   . GLN A 1 74  ? -0.034  -6.000  -5.151  1.00 7.97  ? 70  GLN A N   1 
ATOM   549  C CA  . GLN A 1 74  ? -1.274  -5.536  -4.503  1.00 7.91  ? 70  GLN A CA  1 
ATOM   550  C C   . GLN A 1 74  ? -1.402  -6.110  -3.107  1.00 7.37  ? 70  GLN A C   1 
ATOM   551  O O   . GLN A 1 74  ? -1.262  -7.325  -2.889  1.00 7.22  ? 70  GLN A O   1 
ATOM   552  C CB  . GLN A 1 74  ? -2.515  -5.898  -5.316  1.00 7.17  ? 70  GLN A CB  1 
ATOM   553  C CG  . GLN A 1 74  ? -3.822  -5.247  -4.820  1.00 9.23  ? 70  GLN A CG  1 
ATOM   554  C CD  . GLN A 1 74  ? -5.007  -5.517  -5.763  1.00 9.33  ? 70  GLN A CD  1 
ATOM   555  O OE1 . GLN A 1 74  ? -4.805  -5.964  -6.892  1.00 8.92  ? 70  GLN A OE1 1 
ATOM   556  N NE2 . GLN A 1 74  ? -6.237  -5.287  -5.284  1.00 7.00  ? 70  GLN A NE2 1 
ATOM   557  N N   . GLY A 1 75  ? -1.658  -5.219  -2.160  1.00 7.38  ? 71  GLY A N   1 
ATOM   558  C CA  . GLY A 1 75  ? -1.950  -5.616  -0.804  1.00 7.72  ? 71  GLY A CA  1 
ATOM   559  C C   . GLY A 1 75  ? -2.974  -4.737  -0.138  1.00 7.44  ? 71  GLY A C   1 
ATOM   560  O O   . GLY A 1 75  ? -3.718  -4.022  -0.791  1.00 7.42  ? 71  GLY A O   1 
ATOM   561  N N   . GLY A 1 76  ? -2.997  -4.818  1.186   1.00 7.94  ? 72  GLY A N   1 
ATOM   562  C CA  . GLY A 1 76  ? -3.842  -4.006  2.020   1.00 7.71  ? 72  GLY A CA  1 
ATOM   563  C C   . GLY A 1 76  ? -5.207  -4.600  2.365   1.00 8.14  ? 72  GLY A C   1 
ATOM   564  O O   . GLY A 1 76  ? -6.021  -3.930  2.991   1.00 8.32  ? 72  GLY A O   1 
ATOM   565  N N   . ASP A 1 77  ? -5.468  -5.844  1.972   1.00 7.34  ? 73  ASP A N   1 
ATOM   566  C CA  . ASP A 1 77  ? -6.777  -6.464  2.253   1.00 7.36  ? 73  ASP A CA  1 
ATOM   567  C C   . ASP A 1 77  ? -6.780  -7.293  3.552   1.00 7.07  ? 73  ASP A C   1 
ATOM   568  O O   . ASP A 1 77  ? -6.685  -8.536  3.554   1.00 4.19  ? 73  ASP A O   1 
ATOM   569  C CB  . ASP A 1 77  ? -7.262  -7.303  1.061   1.00 7.30  ? 73  ASP A CB  1 
ATOM   570  C CG  . ASP A 1 77  ? -8.659  -7.831  1.273   1.00 7.06  ? 73  ASP A CG  1 
ATOM   571  O OD1 . ASP A 1 77  ? -9.240  -7.553  2.348   1.00 5.32  ? 73  ASP A OD1 1 
ATOM   572  O OD2 . ASP A 1 77  ? -9.179  -8.514  0.383   1.00 4.44  ? 73  ASP A OD2 1 
ATOM   573  N N   . PHE A 1 78  ? -6.900  -6.565  4.666   1.00 8.20  ? 74  PHE A N   1 
ATOM   574  C CA  . PHE A 1 78  ? -6.785  -7.172  6.001   1.00 8.51  ? 74  PHE A CA  1 
ATOM   575  C C   . PHE A 1 78  ? -8.118  -7.784  6.491   1.00 8.73  ? 74  PHE A C   1 
ATOM   576  O O   . PHE A 1 78  ? -8.151  -8.505  7.512   1.00 8.83  ? 74  PHE A O   1 
ATOM   577  C CB  . PHE A 1 78  ? -6.192  -6.175  7.016   1.00 9.53  ? 74  PHE A CB  1 
ATOM   578  C CG  . PHE A 1 78  ? -6.876  -4.818  7.073   1.00 8.69  ? 74  PHE A CG  1 
ATOM   579  C CD1 . PHE A 1 78  ? -8.041  -4.639  7.809   1.00 10.19 ? 74  PHE A CD1 1 
ATOM   580  C CD2 . PHE A 1 78  ? -6.282  -3.698  6.494   1.00 11.28 ? 74  PHE A CD2 1 
ATOM   581  C CE1 . PHE A 1 78  ? -8.649  -3.410  7.913   1.00 9.29  ? 74  PHE A CE1 1 
ATOM   582  C CE2 . PHE A 1 78  ? -6.885  -2.460  6.590   1.00 11.80 ? 74  PHE A CE2 1 
ATOM   583  C CZ  . PHE A 1 78  ? -8.090  -2.317  7.308   1.00 10.76 ? 74  PHE A CZ  1 
ATOM   584  N N   . THR A 1 79  ? -9.213  -7.537  5.763   1.00 8.74  ? 75  THR A N   1 
ATOM   585  C CA  . THR A 1 79  ? -10.481 -8.193  6.102   1.00 8.50  ? 75  THR A CA  1 
ATOM   586  C C   . THR A 1 79  ? -10.765 -9.495  5.335   1.00 8.92  ? 75  THR A C   1 
ATOM   587  O O   . THR A 1 79  ? -11.336 -10.429 5.906   1.00 9.97  ? 75  THR A O   1 
ATOM   588  C CB  . THR A 1 79  ? -11.711 -7.254  5.984   1.00 8.89  ? 75  THR A CB  1 
ATOM   589  O OG1 . THR A 1 79  ? -11.942 -6.952  4.615   1.00 8.45  ? 75  THR A OG1 1 
ATOM   590  C CG2 . THR A 1 79  ? -11.546 -5.983  6.807   1.00 6.59  ? 75  THR A CG2 1 
ATOM   591  N N   . ARG A 1 80  ? -10.386 -9.589  4.068   1.00 8.98  ? 76  ARG A N   1 
ATOM   592  C CA  . ARG A 1 80  ? -10.661 -10.799 3.289   1.00 9.73  ? 76  ARG A CA  1 
ATOM   593  C C   . ARG A 1 80  ? -9.430  -11.500 2.708   1.00 9.11  ? 76  ARG A C   1 
ATOM   594  O O   . ARG A 1 80  ? -9.520  -12.637 2.268   1.00 9.43  ? 76  ARG A O   1 
ATOM   595  C CB  . ARG A 1 80  ? -11.639 -10.463 2.155   1.00 10.87 ? 76  ARG A CB  1 
ATOM   596  C CG  . ARG A 1 80  ? -12.939 -9.804  2.605   1.00 14.15 ? 76  ARG A CG  1 
ATOM   597  C CD  . ARG A 1 80  ? -13.918 -10.844 3.158   1.00 19.44 ? 76  ARG A CD  1 
ATOM   598  N NE  . ARG A 1 80  ? -15.120 -10.271 3.781   1.00 20.08 ? 76  ARG A NE  1 
ATOM   599  C CZ  . ARG A 1 80  ? -15.368 -10.202 5.101   1.00 23.73 ? 76  ARG A CZ  1 
ATOM   600  N NH1 . ARG A 1 80  ? -14.496 -10.659 6.008   1.00 23.77 ? 76  ARG A NH1 1 
ATOM   601  N NH2 . ARG A 1 80  ? -16.518 -9.674  5.531   1.00 24.06 ? 76  ARG A NH2 1 
ATOM   602  N N   . GLY A 1 81  ? -8.285  -10.830 2.712   1.00 9.16  ? 77  GLY A N   1 
ATOM   603  C CA  . GLY A 1 81  ? -7.036  -11.377 2.166   1.00 9.18  ? 77  GLY A CA  1 
ATOM   604  C C   . GLY A 1 81  ? -6.949  -11.686 0.683   1.00 9.00  ? 77  GLY A C   1 
ATOM   605  O O   . GLY A 1 81  ? -5.951  -12.220 0.261   1.00 10.08 ? 77  GLY A O   1 
ATOM   606  N N   . ASN A 1 82  ? -7.951  -11.319 -0.117  1.00 8.30  ? 78  ASN A N   1 
ATOM   607  C CA  . ASN A 1 82  ? -8.078  -11.819 -1.470  1.00 8.44  ? 78  ASN A CA  1 
ATOM   608  C C   . ASN A 1 82  ? -8.473  -10.802 -2.523  1.00 8.43  ? 78  ASN A C   1 
ATOM   609  O O   . ASN A 1 82  ? -8.795  -11.194 -3.637  1.00 8.26  ? 78  ASN A O   1 
ATOM   610  C CB  . ASN A 1 82  ? -9.080  -12.991 -1.489  1.00 7.49  ? 78  ASN A CB  1 
ATOM   611  C CG  . ASN A 1 82  ? -10.525 -12.557 -1.366  1.00 8.76  ? 78  ASN A CG  1 
ATOM   612  O OD1 . ASN A 1 82  ? -10.837 -11.403 -1.060  1.00 5.48  ? 78  ASN A OD1 1 
ATOM   613  N ND2 . ASN A 1 82  ? -11.434 -13.497 -1.632  1.00 8.21  ? 78  ASN A ND2 1 
ATOM   614  N N   . GLY A 1 83  ? -8.487  -9.523  -2.169  1.00 7.91  ? 79  GLY A N   1 
ATOM   615  C CA  . GLY A 1 83  ? -8.842  -8.459  -3.127  1.00 8.63  ? 79  GLY A CA  1 
ATOM   616  C C   . GLY A 1 83  ? -10.243 -7.880  -3.004  1.00 7.89  ? 79  GLY A C   1 
ATOM   617  O O   . GLY A 1 83  ? -10.549 -6.856  -3.594  1.00 8.11  ? 79  GLY A O   1 
ATOM   618  N N   . THR A 1 84  ? -11.100 -8.521  -2.226  1.00 8.26  ? 80  THR A N   1 
ATOM   619  C CA  . THR A 1 84  ? -12.483 -8.080  -2.127  1.00 7.93  ? 80  THR A CA  1 
ATOM   620  C C   . THR A 1 84  ? -12.704 -7.202  -0.923  1.00 6.96  ? 80  THR A C   1 
ATOM   621  O O   . THR A 1 84  ? -13.738 -6.586  -0.813  1.00 5.57  ? 80  THR A O   1 
ATOM   622  C CB  . THR A 1 84  ? -13.462 -9.288  -2.044  1.00 8.36  ? 80  THR A CB  1 
ATOM   623  O OG1 . THR A 1 84  ? -13.175 -10.077 -0.867  1.00 8.35  ? 80  THR A OG1 1 
ATOM   624  C CG2 . THR A 1 84  ? -13.333 -10.153 -3.297  1.00 7.60  ? 80  THR A CG2 1 
ATOM   625  N N   . GLY A 1 85  ? -11.732 -7.149  -0.020  1.00 7.87  ? 81  GLY A N   1 
ATOM   626  C CA  . GLY A 1 85  ? -11.965 -6.572  1.309   1.00 8.51  ? 81  GLY A CA  1 
ATOM   627  C C   . GLY A 1 85  ? -11.204 -5.311  1.630   1.00 8.79  ? 81  GLY A C   1 
ATOM   628  O O   . GLY A 1 85  ? -10.744 -4.619  0.738   1.00 9.45  ? 81  GLY A O   1 
ATOM   629  N N   . GLY A 1 86  ? -11.095 -5.019  2.923   1.00 8.74  ? 82  GLY A N   1 
ATOM   630  C CA  . GLY A 1 86  ? -10.390 -3.852  3.388   1.00 9.30  ? 82  GLY A CA  1 
ATOM   631  C C   . GLY A 1 86  ? -11.308 -2.720  3.806   1.00 9.20  ? 82  GLY A C   1 
ATOM   632  O O   . GLY A 1 86  ? -12.486 -2.661  3.421   1.00 8.77  ? 82  GLY A O   1 
ATOM   633  N N   . GLU A 1 87  ? -10.750 -1.812  4.596   1.00 9.95  ? 83  GLU A N   1 
ATOM   634  C CA  . GLU A 1 87  ? -11.503 -0.704  5.222   1.00 10.52 ? 83  GLU A CA  1 
ATOM   635  C C   . GLU A 1 87  ? -10.574 0.467   5.450   1.00 9.24  ? 83  GLU A C   1 
ATOM   636  O O   . GLU A 1 87  ? -9.513  0.262   5.968   1.00 9.80  ? 83  GLU A O   1 
ATOM   637  C CB  . GLU A 1 87  ? -11.877 -1.055  6.640   1.00 11.11 ? 83  GLU A CB  1 
ATOM   638  C CG  . GLU A 1 87  ? -13.093 -1.806  6.879   1.00 15.07 ? 83  GLU A CG  1 
ATOM   639  C CD  . GLU A 1 87  ? -13.343 -1.869  8.370   1.00 13.82 ? 83  GLU A CD  1 
ATOM   640  O OE1 . GLU A 1 87  ? -12.910 -2.848  9.014   1.00 18.50 ? 83  GLU A OE1 1 
ATOM   641  O OE2 . GLU A 1 87  ? -13.927 -0.885  8.893   1.00 22.67 ? 83  GLU A OE2 1 
ATOM   642  N N   . SER A 1 88  ? -11.024 1.694   5.216   1.00 8.59  ? 84  SER A N   1 
ATOM   643  C CA  . SER A 1 88  ? -10.208 2.867   5.553   1.00 8.43  ? 84  SER A CA  1 
ATOM   644  C C   . SER A 1 88  ? -10.483 3.278   6.989   1.00 8.52  ? 84  SER A C   1 
ATOM   645  O O   . SER A 1 88  ? -11.417 2.769   7.641   1.00 7.62  ? 84  SER A O   1 
ATOM   646  C CB  . SER A 1 88  ? -10.522 4.051   4.610   1.00 8.47  ? 84  SER A CB  1 
ATOM   647  O OG  . SER A 1 88  ? -11.768 4.641   4.921   1.00 6.99  ? 84  SER A OG  1 
ATOM   648  N N   . ILE A 1 89  ? -9.707  4.245   7.483   1.00 8.66  ? 85  ILE A N   1 
ATOM   649  C CA  . ILE A 1 89  ? -9.924  4.756   8.838   1.00 8.60  ? 85  ILE A CA  1 
ATOM   650  C C   . ILE A 1 89  ? -11.168 5.662   8.950   1.00 8.92  ? 85  ILE A C   1 
ATOM   651  O O   . ILE A 1 89  ? -11.565 6.010   10.054  1.00 8.94  ? 85  ILE A O   1 
ATOM   652  C CB  . ILE A 1 89  ? -8.673  5.496   9.386   1.00 8.46  ? 85  ILE A CB  1 
ATOM   653  C CG1 . ILE A 1 89  ? -8.327  6.738   8.563   1.00 9.12  ? 85  ILE A CG1 1 
ATOM   654  C CG2 . ILE A 1 89  ? -7.444  4.549   9.449   1.00 9.33  ? 85  ILE A CG2 1 
ATOM   655  C CD1 . ILE A 1 89  ? -7.340  7.726   9.312   1.00 8.58  ? 85  ILE A CD1 1 
ATOM   656  N N   . TYR A 1 90  ? -11.761 6.040   7.817   1.00 9.16  ? 86  TYR A N   1 
ATOM   657  C CA  . TYR A 1 90  ? -12.926 6.914   7.762   1.00 10.27 ? 86  TYR A CA  1 
ATOM   658  C C   . TYR A 1 90  ? -14.187 6.093   7.602   1.00 10.91 ? 86  TYR A C   1 
ATOM   659  O O   . TYR A 1 90  ? -15.282 6.639   7.466   1.00 10.78 ? 86  TYR A O   1 
ATOM   660  C CB  . TYR A 1 90  ? -12.827 7.880   6.559   1.00 9.67  ? 86  TYR A CB  1 
ATOM   661  C CG  . TYR A 1 90  ? -11.472 8.501   6.389   1.00 8.75  ? 86  TYR A CG  1 
ATOM   662  C CD1 . TYR A 1 90  ? -10.983 9.398   7.336   1.00 8.59  ? 86  TYR A CD1 1 
ATOM   663  C CD2 . TYR A 1 90  ? -10.663 8.192   5.281   1.00 7.44  ? 86  TYR A CD2 1 
ATOM   664  C CE1 . TYR A 1 90  ? -9.744  9.977   7.199   1.00 8.56  ? 86  TYR A CE1 1 
ATOM   665  C CE2 . TYR A 1 90  ? -9.418  8.777   5.131   1.00 7.08  ? 86  TYR A CE2 1 
ATOM   666  C CZ  . TYR A 1 90  ? -8.957  9.662   6.101   1.00 10.60 ? 86  TYR A CZ  1 
ATOM   667  O OH  . TYR A 1 90  ? -7.724  10.258  6.002   1.00 9.84  ? 86  TYR A OH  1 
ATOM   668  N N   . GLY A 1 91  ? -14.032 4.778   7.613   1.00 12.19 ? 87  GLY A N   1 
ATOM   669  C CA  . GLY A 1 91  ? -15.117 3.885   7.279   1.00 13.45 ? 87  GLY A CA  1 
ATOM   670  C C   . GLY A 1 91  ? -14.781 3.064   6.051   1.00 14.74 ? 87  GLY A C   1 
ATOM   671  O O   . GLY A 1 91  ? -13.681 3.149   5.457   1.00 17.17 ? 87  GLY A O   1 
ATOM   672  N N   . THR A 1 92  ? -15.719 2.230   5.682   1.00 14.62 ? 88  THR A N   1 
ATOM   673  C CA  . THR A 1 92  ? -15.605 1.417   4.481   1.00 14.98 ? 88  THR A CA  1 
ATOM   674  C C   . THR A 1 92  ? -14.801 2.032   3.305   1.00 15.13 ? 88  THR A C   1 
ATOM   675  O O   . THR A 1 92  ? -13.714 1.529   2.972   1.00 17.02 ? 88  THR A O   1 
ATOM   676  C CB  . THR A 1 92  ? -17.029 1.014   4.032   1.00 15.70 ? 88  THR A CB  1 
ATOM   677  O OG1 . THR A 1 92  ? -17.877 2.185   3.964   1.00 17.90 ? 88  THR A OG1 1 
ATOM   678  C CG2 . THR A 1 92  ? -17.618 0.036   5.029   1.00 15.80 ? 88  THR A CG2 1 
ATOM   679  N N   . THR A 1 93  ? -15.310 3.093   2.680   1.00 14.14 ? 89  THR A N   1 
ATOM   680  C CA  . THR A 1 93  ? -14.696 3.658   1.490   1.00 12.84 ? 89  THR A CA  1 
ATOM   681  C C   . THR A 1 93  ? -14.707 5.186   1.558   1.00 12.24 ? 89  THR A C   1 
ATOM   682  O O   . THR A 1 93  ? -15.485 5.782   2.309   1.00 12.37 ? 89  THR A O   1 
ATOM   683  C CB  . THR A 1 93  ? -15.393 3.174   0.147   1.00 12.89 ? 89  THR A CB  1 
ATOM   684  O OG1 . THR A 1 93  ? -16.808 3.420   0.206   1.00 12.95 ? 89  THR A OG1 1 
ATOM   685  C CG2 . THR A 1 93  ? -15.140 1.699   -0.130  1.00 14.65 ? 89  THR A CG2 1 
ATOM   686  N N   . PHE A 1 94  ? -13.816 5.817   0.790   1.00 10.84 ? 90  PHE A N   1 
ATOM   687  C CA  . PHE A 1 94  ? -13.813 7.258   0.643   1.00 10.27 ? 90  PHE A CA  1 
ATOM   688  C C   . PHE A 1 94  ? -13.547 7.744   -0.794  1.00 9.73  ? 90  PHE A C   1 
ATOM   689  O O   . PHE A 1 94  ? -12.930 7.065   -1.608  1.00 9.39  ? 90  PHE A O   1 
ATOM   690  C CB  . PHE A 1 94  ? -12.914 7.946   1.702   1.00 9.73  ? 90  PHE A CB  1 
ATOM   691  C CG  . PHE A 1 94  ? -11.454 7.628   1.583   1.00 8.42  ? 90  PHE A CG  1 
ATOM   692  C CD1 . PHE A 1 94  ? -10.963 6.361   1.906   1.00 11.52 ? 90  PHE A CD1 1 
ATOM   693  C CD2 . PHE A 1 94  ? -10.576 8.566   1.111   1.00 8.38  ? 90  PHE A CD2 1 
ATOM   694  C CE1 . PHE A 1 94  ? -9.608  6.075   1.771   1.00 8.55  ? 90  PHE A CE1 1 
ATOM   695  C CE2 . PHE A 1 94  ? -9.221  8.311   1.008   1.00 6.92  ? 90  PHE A CE2 1 
ATOM   696  C CZ  . PHE A 1 94  ? -8.735  7.075   1.328   1.00 8.32  ? 90  PHE A CZ  1 
ATOM   697  N N   . ARG A 1 95  ? -14.012 8.957   -1.071  1.00 10.03 ? 91  ARG A N   1 
ATOM   698  C CA  . ARG A 1 95  ? -13.919 9.575   -2.393  1.00 10.33 ? 91  ARG A CA  1 
ATOM   699  C C   . ARG A 1 95  ? -12.467 9.793   -2.808  1.00 10.22 ? 91  ARG A C   1 
ATOM   700  O O   . ARG A 1 95  ? -11.580 9.892   -1.971  1.00 10.00 ? 91  ARG A O   1 
ATOM   701  C CB  . ARG A 1 95  ? -14.688 10.925  -2.420  1.00 9.93  ? 91  ARG A CB  1 
ATOM   702  C CG  . ARG A 1 95  ? -16.203 10.759  -2.369  1.00 9.93  ? 91  ARG A CG  1 
ATOM   703  C CD  . ARG A 1 95  ? -16.939 12.065  -2.508  1.00 9.66  ? 91  ARG A CD  1 
ATOM   704  N NE  . ARG A 1 95  ? -16.677 12.671  -3.810  1.00 9.73  ? 91  ARG A NE  1 
ATOM   705  C CZ  . ARG A 1 95  ? -17.213 12.284  -4.969  1.00 9.75  ? 91  ARG A CZ  1 
ATOM   706  N NH1 . ARG A 1 95  ? -18.069 11.267  -5.028  1.00 9.18  ? 91  ARG A NH1 1 
ATOM   707  N NH2 . ARG A 1 95  ? -16.864 12.896  -6.087  1.00 8.65  ? 91  ARG A NH2 1 
ATOM   708  N N   . ASP A 1 96  ? -12.257 9.876   -4.112  1.00 10.73 ? 92  ASP A N   1 
ATOM   709  C CA  . ASP A 1 96  ? -10.951 10.196  -4.689  1.00 11.24 ? 92  ASP A CA  1 
ATOM   710  C C   . ASP A 1 96  ? -10.571 11.615  -4.285  1.00 10.96 ? 92  ASP A C   1 
ATOM   711  O O   . ASP A 1 96  ? -11.255 12.578  -4.635  1.00 10.55 ? 92  ASP A O   1 
ATOM   712  C CB  . ASP A 1 96  ? -10.996 10.048  -6.226  1.00 11.27 ? 92  ASP A CB  1 
ATOM   713  C CG  . ASP A 1 96  ? -11.185 8.585   -6.682  1.00 12.50 ? 92  ASP A CG  1 
ATOM   714  O OD1 . ASP A 1 96  ? -10.576 7.647   -6.086  1.00 12.27 ? 92  ASP A OD1 1 
ATOM   715  O OD2 . ASP A 1 96  ? -11.962 8.370   -7.648  1.00 8.07  ? 92  ASP A OD2 1 
ATOM   716  N N   . GLU A 1 97  ? -9.484  11.762  -3.538  1.00 11.24 ? 93  GLU A N   1 
ATOM   717  C CA  . GLU A 1 97  ? -9.191  13.065  -2.915  1.00 11.17 ? 93  GLU A CA  1 
ATOM   718  C C   . GLU A 1 97  ? -8.810  14.132  -3.909  1.00 11.21 ? 93  GLU A C   1 
ATOM   719  O O   . GLU A 1 97  ? -9.181  15.306  -3.738  1.00 9.66  ? 93  GLU A O   1 
ATOM   720  C CB  . GLU A 1 97  ? -8.091  12.916  -1.904  1.00 10.73 ? 93  GLU A CB  1 
ATOM   721  C CG  . GLU A 1 97  ? -7.793  14.197  -1.133  1.00 11.93 ? 93  GLU A CG  1 
ATOM   722  C CD  . GLU A 1 97  ? -6.857  13.936  0.011   1.00 11.35 ? 93  GLU A CD  1 
ATOM   723  O OE1 . GLU A 1 97  ? -6.274  12.827  0.037   1.00 12.97 ? 93  GLU A OE1 1 
ATOM   724  O OE2 . GLU A 1 97  ? -6.720  14.826  0.871   1.00 13.52 ? 93  GLU A OE2 1 
ATOM   725  N N   . SER A 1 98  ? -8.060  13.703  -4.927  1.00 11.22 ? 94  SER A N   1 
ATOM   726  C CA  . SER A 1 98  ? -7.473  14.586  -5.924  1.00 11.84 ? 94  SER A CA  1 
ATOM   727  C C   . SER A 1 98  ? -6.687  13.765  -6.929  1.00 12.32 ? 94  SER A C   1 
ATOM   728  O O   . SER A 1 98  ? -6.164  12.715  -6.594  1.00 12.39 ? 94  SER A O   1 
ATOM   729  C CB  . SER A 1 98  ? -6.504  15.582  -5.277  1.00 12.00 ? 94  SER A CB  1 
ATOM   730  O OG  . SER A 1 98  ? -5.789  16.286  -6.265  1.00 10.73 ? 94  SER A OG  1 
ATOM   731  N N   . PHE A 1 99  ? -6.611  14.282  -8.153  1.00 13.11 ? 95  PHE A N   1 
ATOM   732  C CA  . PHE A 1 99  ? -5.688  13.824  -9.177  1.00 12.75 ? 95  PHE A CA  1 
ATOM   733  C C   . PHE A 1 99  ? -4.810  15.000  -9.642  1.00 13.18 ? 95  PHE A C   1 
ATOM   734  O O   . PHE A 1 99  ? -4.309  15.013  -10.752 1.00 12.78 ? 95  PHE A O   1 
ATOM   735  C CB  . PHE A 1 99  ? -6.472  13.236  -10.352 1.00 12.76 ? 95  PHE A CB  1 
ATOM   736  C CG  . PHE A 1 99  ? -7.321  12.054  -9.975  1.00 12.96 ? 95  PHE A CG  1 
ATOM   737  C CD1 . PHE A 1 99  ? -6.723  10.829  -9.671  1.00 12.41 ? 95  PHE A CD1 1 
ATOM   738  C CD2 . PHE A 1 99  ? -8.709  12.157  -9.904  1.00 13.40 ? 95  PHE A CD2 1 
ATOM   739  C CE1 . PHE A 1 99  ? -7.503  9.726   -9.307  1.00 13.69 ? 95  PHE A CE1 1 
ATOM   740  C CE2 . PHE A 1 99  ? -9.493  11.061  -9.542  1.00 12.45 ? 95  PHE A CE2 1 
ATOM   741  C CZ  . PHE A 1 99  ? -8.887  9.845   -9.247  1.00 12.78 ? 95  PHE A CZ  1 
ATOM   742  N N   . SER A 1 100 ? -4.645  16.005  -8.792  1.00 13.48 ? 96  SER A N   1 
ATOM   743  C CA  . SER A 1 100 ? -3.791  17.132  -9.126  1.00 13.74 ? 96  SER A CA  1 
ATOM   744  C C   . SER A 1 100 ? -2.350  16.773  -8.811  1.00 13.46 ? 96  SER A C   1 
ATOM   745  O O   . SER A 1 100 ? -2.088  16.089  -7.816  1.00 13.19 ? 96  SER A O   1 
ATOM   746  C CB  . SER A 1 100 ? -4.172  18.368  -8.317  1.00 13.67 ? 96  SER A CB  1 
ATOM   747  O OG  . SER A 1 100 ? -5.412  18.887  -8.752  1.00 15.00 ? 96  SER A OG  1 
ATOM   748  N N   . GLY A 1 101 ? -1.429  17.259  -9.641  1.00 13.47 ? 97  GLY A N   1 
ATOM   749  C CA  . GLY A 1 101 ? 0.000   17.196  -9.345  1.00 13.64 ? 97  GLY A CA  1 
ATOM   750  C C   . GLY A 1 101 ? 0.512   15.786  -9.195  1.00 13.44 ? 97  GLY A C   1 
ATOM   751  O O   . GLY A 1 101 ? 0.261   14.955  -10.055 1.00 14.01 ? 97  GLY A O   1 
ATOM   752  N N   . LYS A 1 102 ? 1.206   15.509  -8.088  1.00 13.66 ? 98  LYS A N   1 
ATOM   753  C CA  . LYS A 1 102 ? 1.758   14.174  -7.811  1.00 13.63 ? 98  LYS A CA  1 
ATOM   754  C C   . LYS A 1 102 ? 0.670   13.078  -7.696  1.00 13.69 ? 98  LYS A C   1 
ATOM   755  O O   . LYS A 1 102 ? 0.943   11.911  -7.946  1.00 13.05 ? 98  LYS A O   1 
ATOM   756  C CB  . LYS A 1 102 ? 2.623   14.187  -6.532  1.00 13.55 ? 98  LYS A CB  1 
ATOM   757  C CG  . LYS A 1 102 ? 4.050   14.655  -6.734  1.00 14.70 ? 98  LYS A CG  1 
ATOM   758  C CD  . LYS A 1 102 ? 4.612   15.495  -5.591  1.00 14.67 ? 98  LYS A CD  1 
ATOM   759  C CE  . LYS A 1 102 ? 4.856   14.706  -4.324  1.00 15.79 ? 98  LYS A CE  1 
ATOM   760  N NZ  . LYS A 1 102 ? 5.755   15.473  -3.352  1.00 14.75 ? 98  LYS A NZ  1 
ATOM   761  N N   . ALA A 1 103 ? -0.554  13.461  -7.325  1.00 13.90 ? 99  ALA A N   1 
ATOM   762  C CA  . ALA A 1 103 ? -1.645  12.498  -7.199  1.00 13.63 ? 99  ALA A CA  1 
ATOM   763  C C   . ALA A 1 103 ? -2.100  11.970  -8.555  1.00 13.54 ? 99  ALA A C   1 
ATOM   764  O O   . ALA A 1 103 ? -2.783  10.953  -8.635  1.00 14.31 ? 99  ALA A O   1 
ATOM   765  C CB  . ALA A 1 103 ? -2.841  13.110  -6.406  1.00 12.50 ? 99  ALA A CB  1 
ATOM   766  N N   . GLY A 1 104 ? -1.697  12.638  -9.624  1.00 13.46 ? 100 GLY A N   1 
ATOM   767  C CA  . GLY A 1 104 ? -2.264  12.397  -10.944 1.00 13.89 ? 100 GLY A CA  1 
ATOM   768  C C   . GLY A 1 104 ? -1.302  11.710  -11.883 1.00 13.73 ? 100 GLY A C   1 
ATOM   769  O O   . GLY A 1 104 ? -1.656  11.436  -13.023 1.00 13.91 ? 100 GLY A O   1 
ATOM   770  N N   . ARG A 1 105 ? -0.097  11.406  -11.392 1.00 13.97 ? 101 ARG A N   1 
ATOM   771  C CA  . ARG A 1 105 ? 0.966   10.848  -12.217 1.00 13.60 ? 101 ARG A CA  1 
ATOM   772  C C   . ARG A 1 105 ? 1.701   9.656   -11.576 1.00 12.32 ? 101 ARG A C   1 
ATOM   773  O O   . ARG A 1 105 ? 2.443   9.799   -10.621 1.00 11.36 ? 101 ARG A O   1 
ATOM   774  C CB  . ARG A 1 105 ? 1.964   11.930  -12.609 1.00 13.28 ? 101 ARG A CB  1 
ATOM   775  C CG  . ARG A 1 105 ? 3.020   11.404  -13.576 1.00 14.75 ? 101 ARG A CG  1 
ATOM   776  C CD  . ARG A 1 105 ? 3.877   12.503  -14.202 1.00 16.62 ? 101 ARG A CD  1 
ATOM   777  N NE  . ARG A 1 105 ? 4.952   12.960  -13.310 1.00 19.90 ? 101 ARG A NE  1 
ATOM   778  C CZ  . ARG A 1 105 ? 6.090   12.302  -13.074 1.00 19.90 ? 101 ARG A CZ  1 
ATOM   779  N NH1 . ARG A 1 105 ? 6.328   11.121  -13.652 1.00 21.80 ? 101 ARG A NH1 1 
ATOM   780  N NH2 . ARG A 1 105 ? 6.999   12.819  -12.249 1.00 19.15 ? 101 ARG A NH2 1 
ATOM   781  N N   . HIS A 1 106 ? 1.475   8.486   -12.139 1.00 12.41 ? 102 HIS A N   1 
ATOM   782  C CA  . HIS A 1 106 ? 2.163   7.267   -11.735 1.00 12.25 ? 102 HIS A CA  1 
ATOM   783  C C   . HIS A 1 106 ? 3.611   7.346   -12.206 1.00 12.30 ? 102 HIS A C   1 
ATOM   784  O O   . HIS A 1 106 ? 3.856   7.745   -13.327 1.00 11.38 ? 102 HIS A O   1 
ATOM   785  C CB  . HIS A 1 106 ? 1.452   6.041   -12.296 1.00 11.56 ? 102 HIS A CB  1 
ATOM   786  C CG  . HIS A 1 106 ? 0.166   5.742   -11.604 1.00 10.24 ? 102 HIS A CG  1 
ATOM   787  N ND1 . HIS A 1 106 ? -0.947  6.544   -11.725 1.00 9.76  ? 102 HIS A ND1 1 
ATOM   788  C CD2 . HIS A 1 106 ? -0.167  4.760   -10.736 1.00 10.58 ? 102 HIS A CD2 1 
ATOM   789  C CE1 . HIS A 1 106 ? -1.921  6.049   -10.980 1.00 12.36 ? 102 HIS A CE1 1 
ATOM   790  N NE2 . HIS A 1 106 ? -1.474  4.963   -10.374 1.00 11.39 ? 102 HIS A NE2 1 
ATOM   791  N N   . THR A 1 107 ? 4.550   6.974   -11.326 1.00 12.42 ? 103 THR A N   1 
ATOM   792  C CA  . THR A 1 107 ? 5.982   7.232   -11.520 1.00 12.71 ? 103 THR A CA  1 
ATOM   793  C C   . THR A 1 107 ? 6.811   5.970   -11.750 1.00 13.12 ? 103 THR A C   1 
ATOM   794  O O   . THR A 1 107 ? 8.037   6.021   -11.687 1.00 14.15 ? 103 THR A O   1 
ATOM   795  C CB  . THR A 1 107 ? 6.568   8.053   -10.310 1.00 13.11 ? 103 THR A CB  1 
ATOM   796  O OG1 . THR A 1 107 ? 6.219   7.435   -9.052  1.00 13.42 ? 103 THR A OG1 1 
ATOM   797  C CG2 . THR A 1 107 ? 6.020   9.479   -10.334 1.00 11.78 ? 103 THR A CG2 1 
ATOM   798  N N   . GLY A 1 108 ? 6.157   4.844   -12.011 1.00 11.99 ? 104 GLY A N   1 
ATOM   799  C CA  . GLY A 1 108 ? 6.856   3.620   -12.311 1.00 12.13 ? 104 GLY A CA  1 
ATOM   800  C C   . GLY A 1 108 ? 7.211   2.866   -11.060 1.00 11.48 ? 104 GLY A C   1 
ATOM   801  O O   . GLY A 1 108 ? 6.512   2.954   -10.068 1.00 12.10 ? 104 GLY A O   1 
ATOM   802  N N   . LEU A 1 109 ? 8.300   2.112   -11.130 1.00 11.62 ? 105 LEU A N   1 
ATOM   803  C CA  . LEU A 1 109 ? 8.765   1.263   -10.034 1.00 11.57 ? 105 LEU A CA  1 
ATOM   804  C C   . LEU A 1 109 ? 8.739   2.019   -8.707  1.00 11.76 ? 105 LEU A C   1 
ATOM   805  O O   . LEU A 1 109 ? 9.349   3.066   -8.600  1.00 12.00 ? 105 LEU A O   1 
ATOM   806  C CB  . LEU A 1 109 ? 10.193  0.750   -10.323 1.00 11.11 ? 105 LEU A CB  1 
ATOM   807  C CG  . LEU A 1 109 ? 10.926  -0.018  -9.210  1.00 10.64 ? 105 LEU A CG  1 
ATOM   808  C CD1 . LEU A 1 109 ? 10.094  -1.190  -8.748  1.00 8.77  ? 105 LEU A CD1 1 
ATOM   809  C CD2 . LEU A 1 109 ? 12.303  -0.505  -9.692  1.00 12.23 ? 105 LEU A CD2 1 
ATOM   810  N N   . GLY A 1 110 ? 8.022   1.490   -7.711  1.00 11.92 ? 106 GLY A N   1 
ATOM   811  C CA  . GLY A 1 110 ? 7.943   2.166   -6.408  1.00 11.99 ? 106 GLY A CA  1 
ATOM   812  C C   . GLY A 1 110 ? 6.783   3.130   -6.154  1.00 11.77 ? 106 GLY A C   1 
ATOM   813  O O   . GLY A 1 110 ? 6.606   3.597   -5.044  1.00 10.87 ? 106 GLY A O   1 
ATOM   814  N N   . CYS A 1 111 ? 5.978   3.411   -7.168  1.00 12.58 ? 107 CYS A N   1 
ATOM   815  C CA  . CYS A 1 111 ? 4.839   4.297   -7.019  1.00 12.71 ? 107 CYS A CA  1 
ATOM   816  C C   . CYS A 1 111 ? 3.752   3.606   -6.187  1.00 12.88 ? 107 CYS A C   1 
ATOM   817  O O   . CYS A 1 111 ? 3.458   2.424   -6.394  1.00 13.81 ? 107 CYS A O   1 
ATOM   818  C CB  . CYS A 1 111 ? 4.299   4.669   -8.389  1.00 13.05 ? 107 CYS A CB  1 
ATOM   819  S SG  . CYS A 1 111 ? 3.017   5.910   -8.354  1.00 13.56 ? 107 CYS A SG  1 
ATOM   820  N N   . LEU A 1 112 ? 3.207   4.339   -5.218  1.00 12.61 ? 108 LEU A N   1 
ATOM   821  C CA  . LEU A 1 112 ? 2.122   3.859   -4.346  1.00 12.92 ? 108 LEU A CA  1 
ATOM   822  C C   . LEU A 1 112 ? 0.858   4.504   -4.822  1.00 12.05 ? 108 LEU A C   1 
ATOM   823  O O   . LEU A 1 112 ? 0.746   5.740   -4.841  1.00 11.87 ? 108 LEU A O   1 
ATOM   824  C CB  . LEU A 1 112 ? 2.304   4.295   -2.889  1.00 13.10 ? 108 LEU A CB  1 
ATOM   825  C CG  . LEU A 1 112 ? 2.800   3.416   -1.774  1.00 15.41 ? 108 LEU A CG  1 
ATOM   826  C CD1 . LEU A 1 112 ? 4.061   2.716   -2.199  1.00 15.84 ? 108 LEU A CD1 1 
ATOM   827  C CD2 . LEU A 1 112 ? 2.992   4.370   -0.527  1.00 13.33 ? 108 LEU A CD2 1 
ATOM   828  N N   . SER A 1 113 ? -0.097  3.681   -5.212  1.00 11.81 ? 109 SER A N   1 
ATOM   829  C CA  . SER A 1 113 ? -1.406  4.190   -5.537  1.00 11.50 ? 109 SER A CA  1 
ATOM   830  C C   . SER A 1 113 ? -2.534  3.349   -4.934  1.00 11.11 ? 109 SER A C   1 
ATOM   831  O O   . SER A 1 113 ? -2.388  2.141   -4.637  1.00 10.52 ? 109 SER A O   1 
ATOM   832  C CB  . SER A 1 113 ? -1.531  4.421   -7.048  1.00 12.06 ? 109 SER A CB  1 
ATOM   833  O OG  . SER A 1 113 ? -1.791  3.260   -7.789  1.00 12.91 ? 109 SER A OG  1 
ATOM   834  N N   . MET A 1 114 ? -3.659  4.020   -4.700  1.00 10.83 ? 110 MET A N   1 
ATOM   835  C CA  . MET A 1 114 ? -4.802  3.367   -4.089  1.00 10.75 ? 110 MET A CA  1 
ATOM   836  C C   . MET A 1 114 ? -5.470  2.502   -5.122  1.00 10.68 ? 110 MET A C   1 
ATOM   837  O O   . MET A 1 114 ? -5.768  2.980   -6.205  1.00 9.82  ? 110 MET A O   1 
ATOM   838  C CB  . MET A 1 114 ? -5.810  4.407   -3.539  1.00 10.75 ? 110 MET A CB  1 
ATOM   839  C CG  . MET A 1 114 ? -5.380  5.099   -2.233  1.00 10.56 ? 110 MET A CG  1 
ATOM   840  S SD  . MET A 1 114 ? -4.965  3.947   -0.910  1.00 12.53 ? 110 MET A SD  1 
ATOM   841  C CE  . MET A 1 114 ? -6.618  3.246   -0.559  1.00 7.96  ? 110 MET A CE  1 
ATOM   842  N N   . ALA A 1 115 ? -5.696  1.234   -4.783  1.00 10.07 ? 111 ALA A N   1 
ATOM   843  C CA  . ALA A 1 115 ? -6.620  0.381   -5.525  1.00 11.28 ? 111 ALA A CA  1 
ATOM   844  C C   . ALA A 1 115 ? -8.053  0.758   -5.151  1.00 11.30 ? 111 ALA A C   1 
ATOM   845  O O   . ALA A 1 115 ? -8.281  1.358   -4.121  1.00 11.90 ? 111 ALA A O   1 
ATOM   846  C CB  . ALA A 1 115 ? -6.362  -1.099  -5.213  1.00 10.24 ? 111 ALA A CB  1 
ATOM   847  N N   . ASN A 1 116 ? -9.026  0.393   -5.977  1.00 12.88 ? 112 ASN A N   1 
ATOM   848  C CA  . ASN A 1 116 ? -10.418 0.785   -5.706  1.00 12.89 ? 112 ASN A CA  1 
ATOM   849  C C   . ASN A 1 116 ? -11.439 -0.165  -6.327  1.00 13.26 ? 112 ASN A C   1 
ATOM   850  O O   . ASN A 1 116 ? -11.067 -1.113  -7.025  1.00 13.54 ? 112 ASN A O   1 
ATOM   851  C CB  . ASN A 1 116 ? -10.637 2.237   -6.141  1.00 12.78 ? 112 ASN A CB  1 
ATOM   852  C CG  . ASN A 1 116 ? -10.333 2.467   -7.622  1.00 13.08 ? 112 ASN A CG  1 
ATOM   853  O OD1 . ASN A 1 116 ? -10.831 1.736   -8.485  1.00 11.32 ? 112 ASN A OD1 1 
ATOM   854  N ND2 . ASN A 1 116 ? -9.512  3.477   -7.916  1.00 11.34 ? 112 ASN A ND2 1 
ATOM   855  N N   . ALA A 1 117 ? -12.721 0.093   -6.071  1.00 13.67 ? 113 ALA A N   1 
ATOM   856  C CA  . ALA A 1 117 ? -13.794 -0.732  -6.632  1.00 13.97 ? 113 ALA A CA  1 
ATOM   857  C C   . ALA A 1 117 ? -14.609 0.093   -7.605  1.00 14.55 ? 113 ALA A C   1 
ATOM   858  O O   . ALA A 1 117 ? -15.834 -0.098  -7.726  1.00 15.08 ? 113 ALA A O   1 
ATOM   859  C CB  . ALA A 1 117 ? -14.684 -1.300  -5.505  1.00 14.35 ? 113 ALA A CB  1 
ATOM   860  N N   . GLY A 1 118 ? -13.914 1.012   -8.283  1.00 13.80 ? 114 GLY A N   1 
ATOM   861  C CA  . GLY A 1 118 ? -14.532 1.980   -9.166  1.00 13.70 ? 114 GLY A CA  1 
ATOM   862  C C   . GLY A 1 118 ? -14.241 3.399   -8.708  1.00 13.50 ? 114 GLY A C   1 
ATOM   863  O O   . GLY A 1 118 ? -13.587 3.610   -7.682  1.00 13.89 ? 114 GLY A O   1 
ATOM   864  N N   . PRO A 1 119 ? -14.724 4.387   -9.461  1.00 12.76 ? 115 PRO A N   1 
ATOM   865  C CA  . PRO A 1 119 ? -14.488 5.758   -9.012  1.00 12.09 ? 115 PRO A CA  1 
ATOM   866  C C   . PRO A 1 119 ? -14.966 6.028   -7.570  1.00 11.17 ? 115 PRO A C   1 
ATOM   867  O O   . PRO A 1 119 ? -16.028 5.574   -7.156  1.00 10.88 ? 115 PRO A O   1 
ATOM   868  C CB  . PRO A 1 119 ? -15.236 6.620   -10.034 1.00 12.58 ? 115 PRO A CB  1 
ATOM   869  C CG  . PRO A 1 119 ? -15.941 5.669   -10.996 1.00 13.18 ? 115 PRO A CG  1 
ATOM   870  C CD  . PRO A 1 119 ? -15.429 4.289   -10.752 1.00 12.80 ? 115 PRO A CD  1 
ATOM   871  N N   . ASN A 1 120 ? -14.150 6.744   -6.808  1.00 10.48 ? 116 ASN A N   1 
ATOM   872  C CA  . ASN A 1 120 ? -14.518 7.212   -5.484  1.00 10.59 ? 116 ASN A CA  1 
ATOM   873  C C   . ASN A 1 120 ? -14.804 6.087   -4.492  1.00 11.04 ? 116 ASN A C   1 
ATOM   874  O O   . ASN A 1 120 ? -15.747 6.171   -3.722  1.00 11.83 ? 116 ASN A O   1 
ATOM   875  C CB  . ASN A 1 120 ? -15.705 8.195   -5.586  1.00 9.79  ? 116 ASN A CB  1 
ATOM   876  C CG  . ASN A 1 120 ? -15.322 9.460   -6.299  1.00 8.96  ? 116 ASN A CG  1 
ATOM   877  O OD1 . ASN A 1 120 ? -14.411 10.139  -5.871  1.00 8.82  ? 116 ASN A OD1 1 
ATOM   878  N ND2 . ASN A 1 120 ? -15.983 9.770   -7.402  1.00 7.68  ? 116 ASN A ND2 1 
ATOM   879  N N   . THR A 1 121 ? -14.000 5.022   -4.520  1.00 10.97 ? 117 THR A N   1 
ATOM   880  C CA  . THR A 1 121 ? -14.193 3.907   -3.589  1.00 10.40 ? 117 THR A CA  1 
ATOM   881  C C   . THR A 1 121 ? -12.873 3.432   -2.992  1.00 10.22 ? 117 THR A C   1 
ATOM   882  O O   . THR A 1 121 ? -12.585 2.238   -2.940  1.00 10.89 ? 117 THR A O   1 
ATOM   883  C CB  . THR A 1 121 ? -14.900 2.705   -4.284  1.00 10.70 ? 117 THR A CB  1 
ATOM   884  O OG1 . THR A 1 121 ? -14.149 2.357   -5.443  1.00 9.78  ? 117 THR A OG1 1 
ATOM   885  C CG2 . THR A 1 121 ? -16.382 3.040   -4.641  1.00 9.45  ? 117 THR A CG2 1 
ATOM   886  N N   . ASN A 1 122 ? -12.092 4.371   -2.502  1.00 10.48 ? 118 ASN A N   1 
ATOM   887  C CA  . ASN A 1 122 ? -10.854 4.016   -1.802  1.00 10.04 ? 118 ASN A CA  1 
ATOM   888  C C   . ASN A 1 122 ? -11.126 3.424   -0.425  1.00 9.03  ? 118 ASN A C   1 
ATOM   889  O O   . ASN A 1 122 ? -12.017 3.910   0.289   1.00 7.99  ? 118 ASN A O   1 
ATOM   890  C CB  . ASN A 1 122 ? -9.980  5.231   -1.640  1.00 9.34  ? 118 ASN A CB  1 
ATOM   891  C CG  . ASN A 1 122 ? -9.619  5.868   -2.945  1.00 10.72 ? 118 ASN A CG  1 
ATOM   892  O OD1 . ASN A 1 122 ? -8.693  5.434   -3.611  1.00 9.48  ? 118 ASN A OD1 1 
ATOM   893  N ND2 . ASN A 1 122 ? -10.285 6.965   -3.274  1.00 12.74 ? 118 ASN A ND2 1 
ATOM   894  N N   . GLY A 1 123 ? -10.343 2.396   -0.084  1.00 8.48  ? 119 GLY A N   1 
ATOM   895  C CA  . GLY A 1 123 ? -10.445 1.658   1.163   1.00 9.07  ? 119 GLY A CA  1 
ATOM   896  C C   . GLY A 1 123 ? -9.090  1.548   1.843   1.00 8.96  ? 119 GLY A C   1 
ATOM   897  O O   . GLY A 1 123 ? -8.532  2.543   2.282   1.00 8.63  ? 119 GLY A O   1 
ATOM   898  N N   . SER A 1 124 ? -8.570  0.332   1.934   1.00 8.77  ? 120 SER A N   1 
ATOM   899  C CA  . SER A 1 124 ? -7.223  0.099   2.460   1.00 8.79  ? 120 SER A CA  1 
ATOM   900  C C   . SER A 1 124 ? -6.266  -0.528  1.450   1.00 8.52  ? 120 SER A C   1 
ATOM   901  O O   . SER A 1 124 ? -5.057  -0.616  1.702   1.00 8.79  ? 120 SER A O   1 
ATOM   902  C CB  . SER A 1 124 ? -7.309  -0.821  3.672   1.00 7.55  ? 120 SER A CB  1 
ATOM   903  O OG  . SER A 1 124 ? -7.943  -2.030  3.330   1.00 9.31  ? 120 SER A OG  1 
ATOM   904  N N   . GLN A 1 125 ? -6.792  -1.001  0.333   1.00 8.62  ? 121 GLN A N   1 
ATOM   905  C CA  . GLN A 1 125 ? -5.978  -1.716  -0.632  1.00 9.22  ? 121 GLN A CA  1 
ATOM   906  C C   . GLN A 1 125 ? -5.167  -0.760  -1.498  1.00 9.97  ? 121 GLN A C   1 
ATOM   907  O O   . GLN A 1 125 ? -5.611  0.362   -1.806  1.00 10.57 ? 121 GLN A O   1 
ATOM   908  C CB  . GLN A 1 125 ? -6.839  -2.638  -1.491  1.00 9.31  ? 121 GLN A CB  1 
ATOM   909  C CG  . GLN A 1 125 ? -7.356  -3.902  -0.760  1.00 8.57  ? 121 GLN A CG  1 
ATOM   910  C CD  . GLN A 1 125 ? -7.982  -4.893  -1.742  1.00 7.92  ? 121 GLN A CD  1 
ATOM   911  O OE1 . GLN A 1 125 ? -7.311  -5.356  -2.663  1.00 5.41  ? 121 GLN A OE1 1 
ATOM   912  N NE2 . GLN A 1 125 ? -9.265  -5.200  -1.562  1.00 8.70  ? 121 GLN A NE2 1 
ATOM   913  N N   . PHE A 1 126 ? -3.953  -1.197  -1.861  1.00 10.63 ? 122 PHE A N   1 
ATOM   914  C CA  . PHE A 1 126 ? -2.986  -0.361  -2.595  1.00 10.24 ? 122 PHE A CA  1 
ATOM   915  C C   . PHE A 1 126 ? -2.238  -1.209  -3.605  1.00 10.13 ? 122 PHE A C   1 
ATOM   916  O O   . PHE A 1 126 ? -2.250  -2.432  -3.506  1.00 10.94 ? 122 PHE A O   1 
ATOM   917  C CB  . PHE A 1 126 ? -1.962  0.309   -1.638  1.00 9.43  ? 122 PHE A CB  1 
ATOM   918  C CG  . PHE A 1 126 ? -1.236  -0.645  -0.737  1.00 10.14 ? 122 PHE A CG  1 
ATOM   919  C CD1 . PHE A 1 126 ? -1.792  -1.055  0.467   1.00 9.36  ? 122 PHE A CD1 1 
ATOM   920  C CD2 . PHE A 1 126 ? -0.005  -1.161  -1.098  1.00 11.67 ? 122 PHE A CD2 1 
ATOM   921  C CE1 . PHE A 1 126 ? -1.128  -1.924  1.288   1.00 8.75  ? 122 PHE A CE1 1 
ATOM   922  C CE2 . PHE A 1 126 ? 0.653   -2.035  -0.288  1.00 9.46  ? 122 PHE A CE2 1 
ATOM   923  C CZ  . PHE A 1 126 ? 0.075   -2.414  0.920   1.00 10.44 ? 122 PHE A CZ  1 
ATOM   924  N N   . PHE A 1 127 ? -1.563  -0.535  -4.534  1.00 10.55 ? 123 PHE A N   1 
ATOM   925  C CA  . PHE A 1 127 ? -0.549  -1.119  -5.414  1.00 11.37 ? 123 PHE A CA  1 
ATOM   926  C C   . PHE A 1 127 ? 0.797   -0.479  -5.034  1.00 11.74 ? 123 PHE A C   1 
ATOM   927  O O   . PHE A 1 127 ? 0.870   0.744   -4.851  1.00 11.00 ? 123 PHE A O   1 
ATOM   928  C CB  . PHE A 1 127 ? -0.776  -0.705  -6.876  1.00 12.76 ? 123 PHE A CB  1 
ATOM   929  C CG  . PHE A 1 127 ? -1.856  -1.451  -7.612  1.00 13.55 ? 123 PHE A CG  1 
ATOM   930  C CD1 . PHE A 1 127 ? -2.842  -2.193  -6.963  1.00 16.84 ? 123 PHE A CD1 1 
ATOM   931  C CD2 . PHE A 1 127 ? -1.916  -1.355  -9.009  1.00 17.21 ? 123 PHE A CD2 1 
ATOM   932  C CE1 . PHE A 1 127 ? -3.843  -2.848  -7.696  1.00 14.87 ? 123 PHE A CE1 1 
ATOM   933  C CE2 . PHE A 1 127 ? -2.914  -2.004  -9.742  1.00 16.90 ? 123 PHE A CE2 1 
ATOM   934  C CZ  . PHE A 1 127 ? -3.882  -2.751  -9.072  1.00 15.87 ? 123 PHE A CZ  1 
ATOM   935  N N   . ILE A 1 128 ? 1.841   -1.291  -4.938  1.00 12.08 ? 124 ILE A N   1 
ATOM   936  C CA  . ILE A 1 128 ? 3.211   -0.801  -5.130  1.00 12.02 ? 124 ILE A CA  1 
ATOM   937  C C   . ILE A 1 128 ? 3.513   -1.107  -6.596  1.00 11.96 ? 124 ILE A C   1 
ATOM   938  O O   . ILE A 1 128 ? 3.620   -2.284  -6.978  1.00 12.27 ? 124 ILE A O   1 
ATOM   939  C CB  . ILE A 1 128 ? 4.249   -1.520  -4.207  1.00 12.34 ? 124 ILE A CB  1 
ATOM   940  C CG1 . ILE A 1 128 ? 3.889   -1.346  -2.726  1.00 12.78 ? 124 ILE A CG1 1 
ATOM   941  C CG2 . ILE A 1 128 ? 5.679   -1.027  -4.496  1.00 11.79 ? 124 ILE A CG2 1 
ATOM   942  C CD1 . ILE A 1 128 ? 4.765   -2.217  -1.726  1.00 13.25 ? 124 ILE A CD1 1 
ATOM   943  N N   . CYS A 1 129 ? 3.604   -0.081  -7.434  1.00 10.69 ? 125 CYS A N   1 
ATOM   944  C CA  . CYS A 1 129 ? 3.859   -0.334  -8.842  1.00 11.36 ? 125 CYS A CA  1 
ATOM   945  C C   . CYS A 1 129 ? 5.304   -0.803  -9.069  1.00 10.72 ? 125 CYS A C   1 
ATOM   946  O O   . CYS A 1 129 ? 6.232   -0.374  -8.359  1.00 10.06 ? 125 CYS A O   1 
ATOM   947  C CB  . CYS A 1 129 ? 3.579   0.909   -9.681  1.00 11.44 ? 125 CYS A CB  1 
ATOM   948  S SG  . CYS A 1 129 ? 1.852   1.471   -9.542  1.00 14.79 ? 125 CYS A SG  1 
ATOM   949  N N   . THR A 1 130 ? 5.485   -1.668  -10.061 1.00 10.77 ? 126 THR A N   1 
ATOM   950  C CA  . THR A 1 130 ? 6.808   -2.209  -10.350 1.00 11.08 ? 126 THR A CA  1 
ATOM   951  C C   . THR A 1 130 ? 7.321   -1.833  -11.748 1.00 11.37 ? 126 THR A C   1 
ATOM   952  O O   . THR A 1 130 ? 8.418   -2.231  -12.123 1.00 11.50 ? 126 THR A O   1 
ATOM   953  C CB  . THR A 1 130 ? 6.876   -3.733  -10.095 1.00 11.22 ? 126 THR A CB  1 
ATOM   954  O OG1 . THR A 1 130 ? 6.069   -4.433  -11.058 1.00 11.18 ? 126 THR A OG1 1 
ATOM   955  C CG2 . THR A 1 130 ? 6.445   -4.059  -8.629  1.00 10.33 ? 126 THR A CG2 1 
ATOM   956  N N   . ALA A 1 131 ? 6.540   -1.020  -12.466 1.00 11.75 ? 127 ALA A N   1 
ATOM   957  C CA  . ALA A 1 131 ? 6.829   -0.576  -13.836 1.00 11.57 ? 127 ALA A CA  1 
ATOM   958  C C   . ALA A 1 131 ? 5.949   0.651   -14.130 1.00 11.55 ? 127 ALA A C   1 
ATOM   959  O O   . ALA A 1 131 ? 5.134   1.044   -13.297 1.00 11.23 ? 127 ALA A O   1 
ATOM   960  C CB  . ALA A 1 131 ? 6.541   -1.688  -14.844 1.00 11.43 ? 127 ALA A CB  1 
ATOM   961  N N   . ALA A 1 132 ? 6.096   1.250   -15.312 1.00 11.32 ? 128 ALA A N   1 
ATOM   962  C CA  . ALA A 1 132 ? 5.199   2.351   -15.720 1.00 11.12 ? 128 ALA A CA  1 
ATOM   963  C C   . ALA A 1 132 ? 3.752   1.850   -15.836 1.00 11.22 ? 128 ALA A C   1 
ATOM   964  O O   . ALA A 1 132 ? 3.502   0.778   -16.367 1.00 12.15 ? 128 ALA A O   1 
ATOM   965  C CB  . ALA A 1 132 ? 5.664   2.977   -17.030 1.00 10.16 ? 128 ALA A CB  1 
ATOM   966  N N   . THR A 1 133 ? 2.803   2.624   -15.321 1.00 11.10 ? 129 THR A N   1 
ATOM   967  C CA  . THR A 1 133 ? 1.390   2.277   -15.384 1.00 11.24 ? 129 THR A CA  1 
ATOM   968  C C   . THR A 1 133 ? 0.553   3.552   -15.694 1.00 11.85 ? 129 THR A C   1 
ATOM   969  O O   . THR A 1 133 ? -0.296  3.950   -14.888 1.00 11.60 ? 129 THR A O   1 
ATOM   970  C CB  . THR A 1 133 ? 0.897   1.636   -14.045 1.00 11.20 ? 129 THR A CB  1 
ATOM   971  O OG1 . THR A 1 133 ? 1.035   2.586   -12.981 1.00 10.85 ? 129 THR A OG1 1 
ATOM   972  C CG2 . THR A 1 133 ? 1.685   0.350   -13.701 1.00 9.66  ? 129 THR A CG2 1 
ATOM   973  N N   . PRO A 1 134 ? 0.801   4.180   -16.859 1.00 11.02 ? 130 PRO A N   1 
ATOM   974  C CA  . PRO A 1 134 ? 0.117   5.416   -17.211 1.00 11.73 ? 130 PRO A CA  1 
ATOM   975  C C   . PRO A 1 134 ? -1.387  5.259   -17.383 1.00 11.78 ? 130 PRO A C   1 
ATOM   976  O O   . PRO A 1 134 ? -2.114  6.223   -17.208 1.00 12.27 ? 130 PRO A O   1 
ATOM   977  C CB  . PRO A 1 134 ? 0.790   5.842   -18.525 1.00 11.05 ? 130 PRO A CB  1 
ATOM   978  C CG  . PRO A 1 134 ? 1.431   4.668   -19.042 1.00 11.14 ? 130 PRO A CG  1 
ATOM   979  C CD  . PRO A 1 134 ? 1.736   3.751   -17.916 1.00 11.61 ? 130 PRO A CD  1 
ATOM   980  N N   . TRP A 1 135 ? -1.841  4.043   -17.673 1.00 11.69 ? 131 TRP A N   1 
ATOM   981  C CA  . TRP A 1 135 ? -3.272  3.760   -17.774 1.00 12.58 ? 131 TRP A CA  1 
ATOM   982  C C   . TRP A 1 135 ? -4.028  3.909   -16.443 1.00 12.70 ? 131 TRP A C   1 
ATOM   983  O O   . TRP A 1 135 ? -5.250  4.014   -16.444 1.00 13.83 ? 131 TRP A O   1 
ATOM   984  C CB  . TRP A 1 135 ? -3.515  2.354   -18.368 1.00 12.76 ? 131 TRP A CB  1 
ATOM   985  C CG  . TRP A 1 135 ? -2.923  1.247   -17.557 1.00 11.74 ? 131 TRP A CG  1 
ATOM   986  C CD1 . TRP A 1 135 ? -3.535  0.553   -16.583 1.00 12.98 ? 131 TRP A CD1 1 
ATOM   987  C CD2 . TRP A 1 135 ? -1.608  0.700   -17.681 1.00 11.63 ? 131 TRP A CD2 1 
ATOM   988  N NE1 . TRP A 1 135 ? -2.681  -0.386  -16.056 1.00 12.84 ? 131 TRP A NE1 1 
ATOM   989  C CE2 . TRP A 1 135 ? -1.488  -0.315  -16.716 1.00 12.54 ? 131 TRP A CE2 1 
ATOM   990  C CE3 . TRP A 1 135 ? -0.523  0.972   -18.515 1.00 11.29 ? 131 TRP A CE3 1 
ATOM   991  C CZ2 . TRP A 1 135 ? -0.320  -1.069  -16.551 1.00 12.71 ? 131 TRP A CZ2 1 
ATOM   992  C CZ3 . TRP A 1 135 ? 0.642   0.222   -18.362 1.00 13.24 ? 131 TRP A CZ3 1 
ATOM   993  C CH2 . TRP A 1 135 ? 0.734   -0.789  -17.384 1.00 13.61 ? 131 TRP A CH2 1 
ATOM   994  N N   . LEU A 1 136 ? -3.309  3.938   -15.326 1.00 12.46 ? 132 LEU A N   1 
ATOM   995  C CA  . LEU A 1 136 ? -3.926  4.178   -14.033 1.00 12.67 ? 132 LEU A CA  1 
ATOM   996  C C   . LEU A 1 136 ? -4.035  5.663   -13.668 1.00 12.64 ? 132 LEU A C   1 
ATOM   997  O O   . LEU A 1 136 ? -4.761  6.000   -12.734 1.00 12.18 ? 132 LEU A O   1 
ATOM   998  C CB  . LEU A 1 136 ? -3.198  3.408   -12.932 1.00 12.85 ? 132 LEU A CB  1 
ATOM   999  C CG  . LEU A 1 136 ? -3.106  1.878   -13.102 1.00 13.60 ? 132 LEU A CG  1 
ATOM   1000 C CD1 . LEU A 1 136 ? -2.237  1.282   -12.019 1.00 14.04 ? 132 LEU A CD1 1 
ATOM   1001 C CD2 . LEU A 1 136 ? -4.502  1.237   -13.116 1.00 13.36 ? 132 LEU A CD2 1 
ATOM   1002 N N   . ASP A 1 137 ? -3.327  6.524   -14.397 1.00 12.41 ? 133 ASP A N   1 
ATOM   1003 C CA  . ASP A 1 137 ? -3.391  7.974   -14.206 1.00 12.44 ? 133 ASP A CA  1 
ATOM   1004 C C   . ASP A 1 137 ? -4.826  8.478   -14.243 1.00 12.28 ? 133 ASP A C   1 
ATOM   1005 O O   . ASP A 1 137 ? -5.551  8.245   -15.203 1.00 11.29 ? 133 ASP A O   1 
ATOM   1006 C CB  . ASP A 1 137 ? -2.537  8.713   -15.248 1.00 13.15 ? 133 ASP A CB  1 
ATOM   1007 C CG  . ASP A 1 137 ? -1.036  8.592   -14.986 1.00 12.73 ? 133 ASP A CG  1 
ATOM   1008 O OD1 . ASP A 1 137 ? -0.641  7.934   -14.011 1.00 12.44 ? 133 ASP A OD1 1 
ATOM   1009 O OD2 . ASP A 1 137 ? -0.236  9.166   -15.751 1.00 14.64 ? 133 ASP A OD2 1 
ATOM   1010 N N   . GLY A 1 138 ? -5.239  9.140   -13.167 1.00 12.04 ? 134 GLY A N   1 
ATOM   1011 C CA  . GLY A 1 138 ? -6.581  9.650   -13.053 1.00 12.46 ? 134 GLY A CA  1 
ATOM   1012 C C   . GLY A 1 138 ? -7.628  8.605   -12.716 1.00 12.40 ? 134 GLY A C   1 
ATOM   1013 O O   . GLY A 1 138 ? -8.807  8.900   -12.766 1.00 12.83 ? 134 GLY A O   1 
ATOM   1014 N N   . LYS A 1 139 ? -7.197  7.390   -12.384 1.00 13.40 ? 135 LYS A N   1 
ATOM   1015 C CA  . LYS A 1 139 ? -8.082  6.329   -11.908 1.00 13.64 ? 135 LYS A CA  1 
ATOM   1016 C C   . LYS A 1 139 ? -7.711  5.896   -10.495 1.00 13.40 ? 135 LYS A C   1 
ATOM   1017 O O   . LYS A 1 139 ? -8.572  5.798   -9.632  1.00 14.05 ? 135 LYS A O   1 
ATOM   1018 C CB  . LYS A 1 139 ? -8.069  5.146   -12.872 1.00 14.51 ? 135 LYS A CB  1 
ATOM   1019 C CG  . LYS A 1 139 ? -8.761  5.478   -14.178 1.00 15.77 ? 135 LYS A CG  1 
ATOM   1020 C CD  . LYS A 1 139 ? -8.970  4.245   -15.054 1.00 16.93 ? 135 LYS A CD  1 
ATOM   1021 C CE  . LYS A 1 139 ? -9.364  4.636   -16.485 1.00 19.96 ? 135 LYS A CE  1 
ATOM   1022 N NZ  . LYS A 1 139 ? -8.288  5.482   -17.167 1.00 23.88 ? 135 LYS A NZ  1 
ATOM   1023 N N   . HIS A 1 140 ? -6.431  5.637   -10.270 1.00 13.03 ? 136 HIS A N   1 
ATOM   1024 C CA  . HIS A 1 140 ? -5.889  5.357   -8.946  1.00 12.67 ? 136 HIS A CA  1 
ATOM   1025 C C   . HIS A 1 140 ? -5.305  6.648   -8.371  1.00 11.61 ? 136 HIS A C   1 
ATOM   1026 O O   . HIS A 1 140 ? -4.459  7.239   -9.001  1.00 11.52 ? 136 HIS A O   1 
ATOM   1027 C CB  . HIS A 1 140 ? -4.730  4.385   -9.061  1.00 12.73 ? 136 HIS A CB  1 
ATOM   1028 C CG  . HIS A 1 140 ? -5.115  2.942   -9.091  1.00 14.03 ? 136 HIS A CG  1 
ATOM   1029 N ND1 . HIS A 1 140 ? -6.291  2.503   -9.650  1.00 15.31 ? 136 HIS A ND1 1 
ATOM   1030 C CD2 . HIS A 1 140 ? -4.453  1.833   -8.676  1.00 15.11 ? 136 HIS A CD2 1 
ATOM   1031 C CE1 . HIS A 1 140 ? -6.360  1.192   -9.552  1.00 16.61 ? 136 HIS A CE1 1 
ATOM   1032 N NE2 . HIS A 1 140 ? -5.252  0.755   -8.975  1.00 18.32 ? 136 HIS A NE2 1 
ATOM   1033 N N   . VAL A 1 141 ? -5.700  7.060   -7.171  1.00 11.15 ? 137 VAL A N   1 
ATOM   1034 C CA  . VAL A 1 141 ? -5.020  8.186   -6.519  1.00 11.01 ? 137 VAL A CA  1 
ATOM   1035 C C   . VAL A 1 141 ? -3.585  7.768   -6.113  1.00 10.56 ? 137 VAL A C   1 
ATOM   1036 O O   . VAL A 1 141 ? -3.389  6.804   -5.373  1.00 11.10 ? 137 VAL A O   1 
ATOM   1037 C CB  . VAL A 1 141 ? -5.808  8.754   -5.313  1.00 10.35 ? 137 VAL A CB  1 
ATOM   1038 C CG1 . VAL A 1 141 ? -4.955  9.732   -4.525  1.00 8.83  ? 137 VAL A CG1 1 
ATOM   1039 C CG2 . VAL A 1 141 ? -7.145  9.403   -5.792  1.00 11.08 ? 137 VAL A CG2 1 
ATOM   1040 N N   . VAL A 1 142 ? -2.597  8.497   -6.625  1.00 10.00 ? 138 VAL A N   1 
ATOM   1041 C CA  . VAL A 1 142 ? -1.178  8.291   -6.282  1.00 9.49  ? 138 VAL A CA  1 
ATOM   1042 C C   . VAL A 1 142 ? -0.925  9.092   -4.999  1.00 8.88  ? 138 VAL A C   1 
ATOM   1043 O O   . VAL A 1 142 ? -1.306  10.265  -4.923  1.00 8.16  ? 138 VAL A O   1 
ATOM   1044 C CB  . VAL A 1 142 ? -0.232  8.751   -7.425  1.00 9.57  ? 138 VAL A CB  1 
ATOM   1045 C CG1 . VAL A 1 142 ? 1.258   8.638   -7.025  1.00 8.71  ? 138 VAL A CG1 1 
ATOM   1046 C CG2 . VAL A 1 142 ? -0.502  7.971   -8.716  1.00 9.40  ? 138 VAL A CG2 1 
ATOM   1047 N N   . PHE A 1 143 ? -0.359  8.436   -3.976  1.00 8.84  ? 139 PHE A N   1 
ATOM   1048 C CA  . PHE A 1 143 ? -0.229  9.045   -2.626  1.00 8.71  ? 139 PHE A CA  1 
ATOM   1049 C C   . PHE A 1 143 ? 1.133   8.854   -1.974  1.00 8.28  ? 139 PHE A C   1 
ATOM   1050 O O   . PHE A 1 143 ? 1.331   9.218   -0.800  1.00 8.69  ? 139 PHE A O   1 
ATOM   1051 C CB  . PHE A 1 143 ? -1.341  8.524   -1.684  1.00 8.18  ? 139 PHE A CB  1 
ATOM   1052 C CG  . PHE A 1 143 ? -1.218  7.086   -1.376  1.00 8.35  ? 139 PHE A CG  1 
ATOM   1053 C CD1 . PHE A 1 143 ? -1.742  6.141   -2.240  1.00 8.72  ? 139 PHE A CD1 1 
ATOM   1054 C CD2 . PHE A 1 143 ? -0.560  6.660   -0.230  1.00 7.39  ? 139 PHE A CD2 1 
ATOM   1055 C CE1 . PHE A 1 143 ? -1.613  4.769   -1.980  1.00 8.44  ? 139 PHE A CE1 1 
ATOM   1056 C CE2 . PHE A 1 143 ? -0.398  5.301   0.013   1.00 9.01  ? 139 PHE A CE2 1 
ATOM   1057 C CZ  . PHE A 1 143 ? -0.967  4.357   -0.855  1.00 8.91  ? 139 PHE A CZ  1 
ATOM   1058 N N   . GLY A 1 144 ? 2.080   8.319   -2.728  1.00 8.29  ? 140 GLY A N   1 
ATOM   1059 C CA  . GLY A 1 144 ? 3.408   8.109   -2.221  1.00 8.47  ? 140 GLY A CA  1 
ATOM   1060 C C   . GLY A 1 144 ? 4.368   7.381   -3.152  1.00 8.36  ? 140 GLY A C   1 
ATOM   1061 O O   . GLY A 1 144 ? 4.017   7.013   -4.285  1.00 8.21  ? 140 GLY A O   1 
ATOM   1062 N N   . ARG A 1 145 ? 5.575   7.128   -2.638  1.00 8.08  ? 141 ARG A N   1 
ATOM   1063 C CA  . ARG A 1 145 ? 6.530   6.253   -3.327  1.00 8.84  ? 141 ARG A CA  1 
ATOM   1064 C C   . ARG A 1 145 ? 7.437   5.518   -2.367  1.00 8.81  ? 141 ARG A C   1 
ATOM   1065 O O   . ARG A 1 145 ? 7.655   5.933   -1.217  1.00 8.23  ? 141 ARG A O   1 
ATOM   1066 C CB  . ARG A 1 145 ? 7.408   7.062   -4.314  1.00 8.77  ? 141 ARG A CB  1 
ATOM   1067 C CG  . ARG A 1 145 ? 8.131   8.208   -3.666  1.00 9.29  ? 141 ARG A CG  1 
ATOM   1068 C CD  . ARG A 1 145 ? 9.127   8.872   -4.591  1.00 11.47 ? 141 ARG A CD  1 
ATOM   1069 N NE  . ARG A 1 145 ? 9.570   10.107  -3.959  1.00 13.72 ? 141 ARG A NE  1 
ATOM   1070 C CZ  . ARG A 1 145 ? 10.792  10.618  -4.024  1.00 15.74 ? 141 ARG A CZ  1 
ATOM   1071 N NH1 . ARG A 1 145 ? 11.757  10.023  -4.712  1.00 17.96 ? 141 ARG A NH1 1 
ATOM   1072 N NH2 . ARG A 1 145 ? 11.045  11.746  -3.381  1.00 14.96 ? 141 ARG A NH2 1 
ATOM   1073 N N   . VAL A 1 146 ? 8.006   4.438   -2.867  1.00 9.45  ? 142 VAL A N   1 
ATOM   1074 C CA  . VAL A 1 146 ? 9.064   3.712   -2.172  1.00 9.21  ? 142 VAL A CA  1 
ATOM   1075 C C   . VAL A 1 146 ? 10.353  4.521   -2.275  1.00 9.87  ? 142 VAL A C   1 
ATOM   1076 O O   . VAL A 1 146 ? 10.801  4.868   -3.383  1.00 10.35 ? 142 VAL A O   1 
ATOM   1077 C CB  . VAL A 1 146 ? 9.214   2.244   -2.733  1.00 9.47  ? 142 VAL A CB  1 
ATOM   1078 C CG1 . VAL A 1 146 ? 10.329  1.499   -2.012  1.00 9.40  ? 142 VAL A CG1 1 
ATOM   1079 C CG2 . VAL A 1 146 ? 7.883   1.463   -2.598  1.00 7.25  ? 142 VAL A CG2 1 
ATOM   1080 N N   . ILE A 1 147 ? 10.936  4.861   -1.116  1.00 10.19 ? 143 ILE A N   1 
ATOM   1081 C CA  . ILE A 1 147 ? 12.202  5.599   -1.082  1.00 9.78  ? 143 ILE A CA  1 
ATOM   1082 C C   . ILE A 1 147 ? 13.411  4.751   -0.602  1.00 10.10 ? 143 ILE A C   1 
ATOM   1083 O O   . ILE A 1 147 ? 14.540  5.195   -0.700  1.00 9.06  ? 143 ILE A O   1 
ATOM   1084 C CB  . ILE A 1 147 ? 12.099  6.912   -0.256  1.00 9.47  ? 143 ILE A CB  1 
ATOM   1085 C CG1 . ILE A 1 147 ? 11.827  6.614   1.223   1.00 9.35  ? 143 ILE A CG1 1 
ATOM   1086 C CG2 . ILE A 1 147 ? 11.030  7.811   -0.848  1.00 8.28  ? 143 ILE A CG2 1 
ATOM   1087 C CD1 . ILE A 1 147 ? 12.339  7.724   2.226   1.00 9.45  ? 143 ILE A CD1 1 
ATOM   1088 N N   . ASP A 1 148 ? 13.165  3.540   -0.112  1.00 10.74 ? 144 ASP A N   1 
ATOM   1089 C CA  . ASP A 1 148 ? 14.236  2.592   0.232   1.00 10.70 ? 144 ASP A CA  1 
ATOM   1090 C C   . ASP A 1 148 ? 13.650  1.175   0.119   1.00 10.32 ? 144 ASP A C   1 
ATOM   1091 O O   . ASP A 1 148 ? 12.462  0.956   0.367   1.00 9.62  ? 144 ASP A O   1 
ATOM   1092 C CB  . ASP A 1 148 ? 14.731  2.873   1.651   1.00 11.31 ? 144 ASP A CB  1 
ATOM   1093 C CG  . ASP A 1 148 ? 16.142  2.357   1.935   1.00 12.76 ? 144 ASP A CG  1 
ATOM   1094 O OD1 . ASP A 1 148 ? 16.801  1.670   1.108   1.00 17.68 ? 144 ASP A OD1 1 
ATOM   1095 O OD2 . ASP A 1 148 ? 16.608  2.664   3.054   1.00 16.97 ? 144 ASP A OD2 1 
ATOM   1096 N N   . GLY A 1 149 ? 14.485  0.218   -0.275  1.00 10.50 ? 145 GLY A N   1 
ATOM   1097 C CA  . GLY A 1 149 ? 14.055  -1.177  -0.358  1.00 10.74 ? 145 GLY A CA  1 
ATOM   1098 C C   . GLY A 1 149 ? 13.388  -1.563  -1.652  1.00 11.16 ? 145 GLY A C   1 
ATOM   1099 O O   . GLY A 1 149 ? 12.584  -2.499  -1.672  1.00 10.87 ? 145 GLY A O   1 
ATOM   1100 N N   . LEU A 1 150 ? 13.714  -0.862  -2.738  1.00 11.29 ? 146 LEU A N   1 
ATOM   1101 C CA  . LEU A 1 150 ? 13.297  -1.304  -4.086  1.00 11.51 ? 146 LEU A CA  1 
ATOM   1102 C C   . LEU A 1 150 ? 13.803  -2.698  -4.465  1.00 12.08 ? 146 LEU A C   1 
ATOM   1103 O O   . LEU A 1 150 ? 13.153  -3.410  -5.256  1.00 11.52 ? 146 LEU A O   1 
ATOM   1104 C CB  . LEU A 1 150 ? 13.771  -0.327  -5.151  1.00 12.17 ? 146 LEU A CB  1 
ATOM   1105 C CG  . LEU A 1 150 ? 13.107  1.045   -5.140  1.00 12.21 ? 146 LEU A CG  1 
ATOM   1106 C CD1 . LEU A 1 150 ? 13.756  1.888   -6.250  1.00 11.58 ? 146 LEU A CD1 1 
ATOM   1107 C CD2 . LEU A 1 150 ? 11.581  0.921   -5.314  1.00 11.81 ? 146 LEU A CD2 1 
ATOM   1108 N N   . ASP A 1 151 ? 14.973  -3.070  -3.940  1.00 11.37 ? 147 ASP A N   1 
ATOM   1109 C CA  . ASP A 1 151 ? 15.456  -4.466  -4.010  1.00 11.04 ? 147 ASP A CA  1 
ATOM   1110 C C   . ASP A 1 151 ? 14.460  -5.475  -3.425  1.00 10.16 ? 147 ASP A C   1 
ATOM   1111 O O   . ASP A 1 151 ? 14.311  -6.586  -3.936  1.00 8.88  ? 147 ASP A O   1 
ATOM   1112 C CB  . ASP A 1 151 ? 16.802  -4.622  -3.294  1.00 12.27 ? 147 ASP A CB  1 
ATOM   1113 C CG  . ASP A 1 151 ? 16.798  -4.056  -1.875  1.00 14.81 ? 147 ASP A CG  1 
ATOM   1114 O OD1 . ASP A 1 151 ? 16.316  -2.918  -1.703  1.00 19.75 ? 147 ASP A OD1 1 
ATOM   1115 O OD2 . ASP A 1 151 ? 17.324  -4.726  -0.940  1.00 20.69 ? 147 ASP A OD2 1 
ATOM   1116 N N   . VAL A 1 152 ? 13.770  -5.077  -2.361  1.00 9.28  ? 148 VAL A N   1 
ATOM   1117 C CA  . VAL A 1 152 ? 12.819  -5.977  -1.696  1.00 9.11  ? 148 VAL A CA  1 
ATOM   1118 C C   . VAL A 1 152 ? 11.544  -6.043  -2.551  1.00 8.75  ? 148 VAL A C   1 
ATOM   1119 O O   . VAL A 1 152 ? 10.959  -7.107  -2.742  1.00 8.45  ? 148 VAL A O   1 
ATOM   1120 C CB  . VAL A 1 152 ? 12.531  -5.547  -0.242  1.00 8.04  ? 148 VAL A CB  1 
ATOM   1121 C CG1 . VAL A 1 152 ? 11.594  -6.556  0.449   1.00 6.22  ? 148 VAL A CG1 1 
ATOM   1122 C CG2 . VAL A 1 152 ? 13.837  -5.420  0.538   1.00 7.38  ? 148 VAL A CG2 1 
ATOM   1123 N N   . VAL A 1 153 ? 11.157  -4.906  -3.109  1.00 9.35  ? 149 VAL A N   1 
ATOM   1124 C CA  . VAL A 1 153 ? 10.081  -4.859  -4.105  1.00 9.17  ? 149 VAL A CA  1 
ATOM   1125 C C   . VAL A 1 153 ? 10.323  -5.778  -5.311  1.00 9.52  ? 149 VAL A C   1 
ATOM   1126 O O   . VAL A 1 153 ? 9.414   -6.524  -5.724  1.00 8.30  ? 149 VAL A O   1 
ATOM   1127 C CB  . VAL A 1 153 ? 9.789   -3.404  -4.554  1.00 9.54  ? 149 VAL A CB  1 
ATOM   1128 C CG1 . VAL A 1 153 ? 8.860   -3.404  -5.781  1.00 9.70  ? 149 VAL A CG1 1 
ATOM   1129 C CG2 . VAL A 1 153 ? 9.187   -2.597  -3.366  1.00 7.99  ? 149 VAL A CG2 1 
ATOM   1130 N N   . LYS A 1 154 ? 11.535  -5.742  -5.861  1.00 10.06 ? 150 LYS A N   1 
ATOM   1131 C CA  . LYS A 1 154 ? 11.898  -6.637  -6.964  1.00 10.60 ? 150 LYS A CA  1 
ATOM   1132 C C   . LYS A 1 154 ? 11.895  -8.106  -6.547  1.00 10.63 ? 150 LYS A C   1 
ATOM   1133 O O   . LYS A 1 154 ? 11.507  -8.955  -7.313  1.00 10.52 ? 150 LYS A O   1 
ATOM   1134 C CB  . LYS A 1 154 ? 13.271  -6.245  -7.528  1.00 12.03 ? 150 LYS A CB  1 
ATOM   1135 C CG  . LYS A 1 154 ? 13.301  -4.853  -8.160  1.00 13.19 ? 150 LYS A CG  1 
ATOM   1136 C CD  . LYS A 1 154 ? 13.672  -4.874  -9.630  1.00 16.94 ? 150 LYS A CD  1 
ATOM   1137 C CE  . LYS A 1 154 ? 13.022  -3.721  -10.432 1.00 18.61 ? 150 LYS A CE  1 
ATOM   1138 N NZ  . LYS A 1 154 ? 11.688  -4.070  -11.119 1.00 20.91 ? 150 LYS A NZ  1 
ATOM   1139 N N   . LYS A 1 155 ? 12.313  -8.392  -5.320  1.00 10.89 ? 151 LYS A N   1 
ATOM   1140 C CA  . LYS A 1 155 ? 12.297  -9.749  -4.783  1.00 10.83 ? 151 LYS A CA  1 
ATOM   1141 C C   . LYS A 1 155 ? 10.864  -10.318 -4.777  1.00 9.95  ? 151 LYS A C   1 
ATOM   1142 O O   . LYS A 1 155 ? 10.642  -11.451 -5.225  1.00 9.73  ? 151 LYS A O   1 
ATOM   1143 C CB  . LYS A 1 155 ? 12.879  -9.742  -3.358  1.00 11.32 ? 151 LYS A CB  1 
ATOM   1144 C CG  . LYS A 1 155 ? 13.447  -11.054 -2.862  1.00 12.24 ? 151 LYS A CG  1 
ATOM   1145 C CD  . LYS A 1 155 ? 13.861  -10.970 -1.372  1.00 13.31 ? 151 LYS A CD  1 
ATOM   1146 C CE  . LYS A 1 155 ? 14.930  -9.891  -1.063  1.00 15.04 ? 151 LYS A CE  1 
ATOM   1147 N NZ  . LYS A 1 155 ? 15.684  -10.112 0.243   1.00 11.63 ? 151 LYS A NZ  1 
ATOM   1148 N N   . VAL A 1 156 ? 9.917   -9.533  -4.273  1.00 8.80  ? 152 VAL A N   1 
ATOM   1149 C CA  . VAL A 1 156 ? 8.496   -9.910  -4.209  1.00 9.11  ? 152 VAL A CA  1 
ATOM   1150 C C   . VAL A 1 156 ? 7.889   -10.076 -5.605  1.00 9.08  ? 152 VAL A C   1 
ATOM   1151 O O   . VAL A 1 156 ? 7.110   -11.006 -5.842  1.00 8.48  ? 152 VAL A O   1 
ATOM   1152 C CB  . VAL A 1 156 ? 7.651   -8.831  -3.417  1.00 8.89  ? 152 VAL A CB  1 
ATOM   1153 C CG1 . VAL A 1 156 ? 6.115   -9.100  -3.490  1.00 6.83  ? 152 VAL A CG1 1 
ATOM   1154 C CG2 . VAL A 1 156 ? 8.130   -8.737  -1.968  1.00 6.57  ? 152 VAL A CG2 1 
ATOM   1155 N N   . GLU A 1 157 ? 8.230   -9.139  -6.493  1.00 9.71  ? 153 GLU A N   1 
ATOM   1156 C CA  . GLU A 1 157 ? 7.747   -9.094  -7.874  1.00 10.18 ? 153 GLU A CA  1 
ATOM   1157 C C   . GLU A 1 157 ? 8.080   -10.380 -8.648  1.00 11.21 ? 153 GLU A C   1 
ATOM   1158 O O   . GLU A 1 157 ? 7.224   -10.937 -9.352  1.00 10.80 ? 153 GLU A O   1 
ATOM   1159 C CB  . GLU A 1 157 ? 8.347   -7.869  -8.585  1.00 10.81 ? 153 GLU A CB  1 
ATOM   1160 C CG  . GLU A 1 157 ? 8.101   -7.827  -10.095 1.00 10.52 ? 153 GLU A CG  1 
ATOM   1161 C CD  . GLU A 1 157 ? 8.772   -6.687  -10.801 1.00 9.47  ? 153 GLU A CD  1 
ATOM   1162 O OE1 . GLU A 1 157 ? 9.866   -6.272  -10.391 1.00 9.54  ? 153 GLU A OE1 1 
ATOM   1163 O OE2 . GLU A 1 157 ? 8.216   -6.225  -11.816 1.00 9.64  ? 153 GLU A OE2 1 
ATOM   1164 N N   . ARG A 1 158 ? 9.316   -10.862 -8.490  1.00 11.13 ? 154 ARG A N   1 
ATOM   1165 C CA  . ARG A 1 158 ? 9.746   -12.095 -9.128  1.00 11.96 ? 154 ARG A CA  1 
ATOM   1166 C C   . ARG A 1 158 ? 8.946   -13.316 -8.677  1.00 11.77 ? 154 ARG A C   1 
ATOM   1167 O O   . ARG A 1 158 ? 8.946   -14.337 -9.358  1.00 11.56 ? 154 ARG A O   1 
ATOM   1168 C CB  . ARG A 1 158 ? 11.247  -12.340 -8.873  1.00 12.97 ? 154 ARG A CB  1 
ATOM   1169 C CG  . ARG A 1 158 ? 12.216  -11.615 -9.818  1.00 17.65 ? 154 ARG A CG  1 
ATOM   1170 C CD  . ARG A 1 158 ? 11.918  -10.093 -10.000 1.00 24.76 ? 154 ARG A CD  1 
ATOM   1171 N NE  . ARG A 1 158 ? 13.133  -9.274  -9.880  1.00 28.50 ? 154 ARG A NE  1 
ATOM   1172 C CZ  . ARG A 1 158 ? 13.953  -8.932  -10.883 1.00 29.32 ? 154 ARG A CZ  1 
ATOM   1173 N NH1 . ARG A 1 158 ? 13.728  -9.334  -12.142 1.00 30.47 ? 154 ARG A NH1 1 
ATOM   1174 N NH2 . ARG A 1 158 ? 15.023  -8.181  -10.617 1.00 29.11 ? 154 ARG A NH2 1 
ATOM   1175 N N   . LEU A 1 159 ? 8.257   -13.221 -7.540  1.00 11.60 ? 155 LEU A N   1 
ATOM   1176 C CA  . LEU A 1 159 ? 7.446   -14.348 -7.048  1.00 11.21 ? 155 LEU A CA  1 
ATOM   1177 C C   . LEU A 1 159 ? 5.998   -14.334 -7.560  1.00 10.41 ? 155 LEU A C   1 
ATOM   1178 O O   . LEU A 1 159 ? 5.241   -15.260 -7.322  1.00 10.21 ? 155 LEU A O   1 
ATOM   1179 C CB  . LEU A 1 159 ? 7.485   -14.433 -5.531  1.00 11.44 ? 155 LEU A CB  1 
ATOM   1180 C CG  . LEU A 1 159 ? 8.845   -14.672 -4.852  1.00 11.53 ? 155 LEU A CG  1 
ATOM   1181 C CD1 . LEU A 1 159 ? 8.677   -14.435 -3.360  1.00 12.80 ? 155 LEU A CD1 1 
ATOM   1182 C CD2 . LEU A 1 159 ? 9.352   -16.049 -5.134  1.00 11.52 ? 155 LEU A CD2 1 
ATOM   1183 N N   . GLY A 1 160 ? 5.644   -13.309 -8.319  1.00 10.42 ? 156 GLY A N   1 
ATOM   1184 C CA  . GLY A 1 160 ? 4.373   -13.276 -8.999  1.00 9.33  ? 156 GLY A CA  1 
ATOM   1185 C C   . GLY A 1 160 ? 4.267   -14.104 -10.261 1.00 8.83  ? 156 GLY A C   1 
ATOM   1186 O O   . GLY A 1 160 ? 5.127   -14.905 -10.591 1.00 8.51  ? 156 GLY A O   1 
ATOM   1187 N N   . SER A 1 161 ? 3.166   -13.889 -10.967 1.00 7.65  ? 157 SER A N   1 
ATOM   1188 C CA  . SER A 1 161 ? 2.862   -14.630 -12.169 1.00 6.77  ? 157 SER A CA  1 
ATOM   1189 C C   . SER A 1 161 ? 1.909   -13.783 -13.015 1.00 5.83  ? 157 SER A C   1 
ATOM   1190 O O   . SER A 1 161 ? 1.349   -12.795 -12.519 1.00 3.74  ? 157 SER A O   1 
ATOM   1191 C CB  . SER A 1 161 ? 2.242   -15.990 -11.792 1.00 6.48  ? 157 SER A CB  1 
ATOM   1192 O OG  . SER A 1 161 ? 0.950   -15.866 -11.230 1.00 5.59  ? 157 SER A OG  1 
ATOM   1193 N N   . SER A 1 162 ? 1.710   -14.200 -14.266 1.00 4.92  ? 158 SER A N   1 
ATOM   1194 C CA  . SER A 1 162 ? 0.828   -13.494 -15.190 1.00 4.95  ? 158 SER A CA  1 
ATOM   1195 C C   . SER A 1 162 ? -0.570  -13.278 -14.578 1.00 5.61  ? 158 SER A C   1 
ATOM   1196 O O   . SER A 1 162 ? -1.087  -12.147 -14.611 1.00 6.06  ? 158 SER A O   1 
ATOM   1197 C CB  . SER A 1 162 ? 0.743   -14.231 -16.529 1.00 4.54  ? 158 SER A CB  1 
ATOM   1198 O OG  . SER A 1 162 ? 1.976   -14.199 -17.243 1.00 2.58  ? 158 SER A OG  1 
ATOM   1199 N N   . SER A 1 163 ? -1.136  -14.327 -13.970 1.00 5.11  ? 159 SER A N   1 
ATOM   1200 C CA  . SER A 1 163 ? -2.473  -14.261 -13.332 1.00 5.82  ? 159 SER A CA  1 
ATOM   1201 C C   . SER A 1 163 ? -2.502  -13.425 -12.057 1.00 6.07  ? 159 SER A C   1 
ATOM   1202 O O   . SER A 1 163 ? -3.587  -12.999 -11.598 1.00 5.86  ? 159 SER A O   1 
ATOM   1203 C CB  . SER A 1 163 ? -3.002  -15.663 -12.988 1.00 6.15  ? 159 SER A CB  1 
ATOM   1204 O OG  . SER A 1 163 ? -2.276  -16.239 -11.925 1.00 4.41  ? 159 SER A OG  1 
ATOM   1205 N N   . GLY A 1 164 ? -1.324  -13.210 -11.482 1.00 5.40  ? 160 GLY A N   1 
ATOM   1206 C CA  . GLY A 1 164 ? -1.204  -12.530 -10.207 1.00 6.58  ? 160 GLY A CA  1 
ATOM   1207 C C   . GLY A 1 164 ? -1.029  -13.421 -8.977  1.00 6.76  ? 160 GLY A C   1 
ATOM   1208 O O   . GLY A 1 164 ? -0.752  -12.909 -7.889  1.00 7.26  ? 160 GLY A O   1 
ATOM   1209 N N   . LYS A 1 165 ? -1.225  -14.732 -9.135  1.00 6.90  ? 161 LYS A N   1 
ATOM   1210 C CA  . LYS A 1 165 ? -1.061  -15.659 -8.038  1.00 7.87  ? 161 LYS A CA  1 
ATOM   1211 C C   . LYS A 1 165 ? 0.393   -15.791 -7.613  1.00 8.45  ? 161 LYS A C   1 
ATOM   1212 O O   . LYS A 1 165 ? 1.286   -15.803 -8.450  1.00 8.47  ? 161 LYS A O   1 
ATOM   1213 C CB  . LYS A 1 165 ? -1.581  -17.039 -8.416  1.00 7.98  ? 161 LYS A CB  1 
ATOM   1214 C CG  . LYS A 1 165 ? -3.070  -17.111 -8.665  1.00 10.22 ? 161 LYS A CG  1 
ATOM   1215 C CD  . LYS A 1 165 ? -3.530  -18.570 -8.794  1.00 9.90  ? 161 LYS A CD  1 
ATOM   1216 C CE  . LYS A 1 165 ? -4.570  -18.742 -9.873  1.00 13.67 ? 161 LYS A CE  1 
ATOM   1217 N NZ  . LYS A 1 165 ? -4.924  -20.189 -10.080 1.00 14.83 ? 161 LYS A NZ  1 
ATOM   1218 N N   . THR A 1 166 ? 0.614   -15.886 -6.302  1.00 9.01  ? 162 THR A N   1 
ATOM   1219 C CA  . THR A 1 166 ? 1.923   -16.184 -5.730  1.00 9.90  ? 162 THR A CA  1 
ATOM   1220 C C   . THR A 1 166 ? 1.896   -17.624 -5.195  1.00 10.30 ? 162 THR A C   1 
ATOM   1221 O O   . THR A 1 166 ? 0.853   -18.109 -4.770  1.00 9.43  ? 162 THR A O   1 
ATOM   1222 C CB  . THR A 1 166 ? 2.284   -15.142 -4.649  1.00 10.09 ? 162 THR A CB  1 
ATOM   1223 O OG1 . THR A 1 166 ? 1.401   -15.254 -3.524  1.00 10.58 ? 162 THR A OG1 1 
ATOM   1224 C CG2 . THR A 1 166 ? 2.137   -13.739 -5.203  1.00 10.04 ? 162 THR A CG2 1 
ATOM   1225 N N   . ARG A 1 167 ? 3.018   -18.335 -5.273  1.00 12.15 ? 163 ARG A N   1 
ATOM   1226 C CA  . ARG A 1 167 ? 3.079   -19.718 -4.755  1.00 12.40 ? 163 ARG A CA  1 
ATOM   1227 C C   . ARG A 1 167 ? 3.751   -19.819 -3.387  1.00 11.62 ? 163 ARG A C   1 
ATOM   1228 O O   . ARG A 1 167 ? 4.046   -20.907 -2.914  1.00 11.59 ? 163 ARG A O   1 
ATOM   1229 C CB  . ARG A 1 167 ? 3.766   -20.664 -5.763  1.00 15.10 ? 163 ARG A CB  1 
ATOM   1230 C CG  . ARG A 1 167 ? 3.107   -20.773 -7.182  1.00 19.25 ? 163 ARG A CG  1 
ATOM   1231 C CD  . ARG A 1 167 ? 1.557   -20.850 -7.141  1.00 24.69 ? 163 ARG A CD  1 
ATOM   1232 N NE  . ARG A 1 167 ? 0.929   -21.007 -8.469  1.00 26.19 ? 163 ARG A NE  1 
ATOM   1233 C CZ  . ARG A 1 167 ? -0.346  -21.375 -8.673  1.00 27.85 ? 163 ARG A CZ  1 
ATOM   1234 N NH1 . ARG A 1 167 ? -1.172  -21.629 -7.637  1.00 30.53 ? 163 ARG A NH1 1 
ATOM   1235 N NH2 . ARG A 1 167 ? -0.804  -21.498 -9.924  1.00 30.43 ? 163 ARG A NH2 1 
ATOM   1236 N N   . SER A 1 168 ? 4.022   -18.678 -2.763  1.00 11.11 ? 164 SER A N   1 
ATOM   1237 C CA  . SER A 1 168 ? 4.336   -18.615 -1.342  1.00 10.81 ? 164 SER A CA  1 
ATOM   1238 C C   . SER A 1 168 ? 3.563   -17.448 -0.791  1.00 9.81  ? 164 SER A C   1 
ATOM   1239 O O   . SER A 1 168 ? 3.131   -16.590 -1.561  1.00 9.72  ? 164 SER A O   1 
ATOM   1240 C CB  . SER A 1 168 ? 5.838   -18.421 -1.079  1.00 11.36 ? 164 SER A CB  1 
ATOM   1241 O OG  . SER A 1 168 ? 6.447   -17.499 -1.961  1.00 14.20 ? 164 SER A OG  1 
ATOM   1242 N N   . ARG A 1 169 ? 3.357   -17.435 0.523   1.00 8.56  ? 165 ARG A N   1 
ATOM   1243 C CA  . ARG A 1 169 ? 2.691   -16.322 1.203   1.00 8.61  ? 165 ARG A CA  1 
ATOM   1244 C C   . ARG A 1 169 ? 3.676   -15.209 1.469   1.00 7.46  ? 165 ARG A C   1 
ATOM   1245 O O   . ARG A 1 169 ? 4.690   -15.421 2.116   1.00 6.89  ? 165 ARG A O   1 
ATOM   1246 C CB  . ARG A 1 169 ? 2.068   -16.755 2.534   1.00 8.88  ? 165 ARG A CB  1 
ATOM   1247 C CG  . ARG A 1 169 ? 0.591   -17.070 2.421   1.00 9.88  ? 165 ARG A CG  1 
ATOM   1248 C CD  . ARG A 1 169 ? 0.077   -17.732 3.653   1.00 9.23  ? 165 ARG A CD  1 
ATOM   1249 N NE  . ARG A 1 169 ? 0.035   -16.844 4.808   1.00 12.18 ? 165 ARG A NE  1 
ATOM   1250 C CZ  . ARG A 1 169 ? -0.917  -15.951 5.063   1.00 11.45 ? 165 ARG A CZ  1 
ATOM   1251 N NH1 . ARG A 1 169 ? -1.932  -15.789 4.247   1.00 13.43 ? 165 ARG A NH1 1 
ATOM   1252 N NH2 . ARG A 1 169 ? -0.855  -15.223 6.153   1.00 10.41 ? 165 ARG A NH2 1 
ATOM   1253 N N   . ILE A 1 170 ? 3.347   -14.021 0.976   1.00 6.87  ? 166 ILE A N   1 
ATOM   1254 C CA  . ILE A 1 170 ? 4.247   -12.864 1.081   1.00 6.78  ? 166 ILE A CA  1 
ATOM   1255 C C   . ILE A 1 170 ? 3.590   -11.898 2.050   1.00 6.76  ? 166 ILE A C   1 
ATOM   1256 O O   . ILE A 1 170 ? 2.552   -11.307 1.760   1.00 6.37  ? 166 ILE A O   1 
ATOM   1257 C CB  . ILE A 1 170 ? 4.511   -12.223 -0.291  1.00 6.07  ? 166 ILE A CB  1 
ATOM   1258 C CG1 . ILE A 1 170 ? 5.169   -13.260 -1.209  1.00 5.87  ? 166 ILE A CG1 1 
ATOM   1259 C CG2 . ILE A 1 170 ? 5.419   -10.986 -0.136  1.00 4.56  ? 166 ILE A CG2 1 
ATOM   1260 C CD1 . ILE A 1 170 ? 4.704   -13.188 -2.594  1.00 4.67  ? 166 ILE A CD1 1 
ATOM   1261 N N   . VAL A 1 171 ? 4.173   -11.799 3.234   1.00 7.07  ? 167 VAL A N   1 
ATOM   1262 C CA  . VAL A 1 171 ? 3.503   -11.176 4.358   1.00 6.91  ? 167 VAL A CA  1 
ATOM   1263 C C   . VAL A 1 171 ? 4.227   -9.904  4.828   1.00 7.14  ? 167 VAL A C   1 
ATOM   1264 O O   . VAL A 1 171 ? 5.454   -9.833  4.837   1.00 6.50  ? 167 VAL A O   1 
ATOM   1265 C CB  . VAL A 1 171 ? 3.363   -12.198 5.484   1.00 7.11  ? 167 VAL A CB  1 
ATOM   1266 C CG1 . VAL A 1 171 ? 2.843   -11.560 6.772   1.00 7.16  ? 167 VAL A CG1 1 
ATOM   1267 C CG2 . VAL A 1 171 ? 2.456   -13.343 5.004   1.00 7.25  ? 167 VAL A CG2 1 
ATOM   1268 N N   . VAL A 1 172 ? 3.427   -8.890  5.150   1.00 6.15  ? 168 VAL A N   1 
ATOM   1269 C CA  . VAL A 1 172 ? 3.888   -7.736  5.897   1.00 6.44  ? 168 VAL A CA  1 
ATOM   1270 C C   . VAL A 1 172 ? 4.010   -8.148  7.361   1.00 6.04  ? 168 VAL A C   1 
ATOM   1271 O O   . VAL A 1 172 ? 3.088   -8.001  8.151   1.00 6.18  ? 168 VAL A O   1 
ATOM   1272 C CB  . VAL A 1 172 ? 2.924   -6.536  5.743   1.00 5.65  ? 168 VAL A CB  1 
ATOM   1273 C CG1 . VAL A 1 172 ? 3.440   -5.324  6.519   1.00 7.15  ? 168 VAL A CG1 1 
ATOM   1274 C CG2 . VAL A 1 172 ? 2.722   -6.229  4.235   1.00 5.32  ? 168 VAL A CG2 1 
ATOM   1275 N N   . SER A 1 173 ? 5.167   -8.688  7.703   1.00 6.33  ? 169 SER A N   1 
ATOM   1276 C CA  . SER A 1 173 ? 5.393   -9.263  9.034   1.00 6.75  ? 169 SER A CA  1 
ATOM   1277 C C   . SER A 1 173 ? 5.523   -8.171  10.089  1.00 6.47  ? 169 SER A C   1 
ATOM   1278 O O   . SER A 1 173 ? 5.315   -8.415  11.281  1.00 6.39  ? 169 SER A O   1 
ATOM   1279 C CB  . SER A 1 173 ? 6.656   -10.122 9.021   1.00 6.60  ? 169 SER A CB  1 
ATOM   1280 O OG  . SER A 1 173 ? 7.723   -9.357  8.495   1.00 7.61  ? 169 SER A OG  1 
ATOM   1281 N N   . ASP A 1 174 ? 5.905   -6.982  9.671   1.00 6.54  ? 170 ASP A N   1 
ATOM   1282 C CA  . ASP A 1 174 ? 5.828   -5.820  10.564  1.00 7.50  ? 170 ASP A CA  1 
ATOM   1283 C C   . ASP A 1 174 ? 5.636   -4.511  9.772   1.00 7.72  ? 170 ASP A C   1 
ATOM   1284 O O   . ASP A 1 174 ? 5.908   -4.434  8.580   1.00 7.80  ? 170 ASP A O   1 
ATOM   1285 C CB  . ASP A 1 174 ? 7.070   -5.754  11.498  1.00 7.73  ? 170 ASP A CB  1 
ATOM   1286 C CG  . ASP A 1 174 ? 6.794   -5.032  12.828  1.00 8.02  ? 170 ASP A CG  1 
ATOM   1287 O OD1 . ASP A 1 174 ? 5.652   -4.555  13.024  1.00 8.74  ? 170 ASP A OD1 1 
ATOM   1288 O OD2 . ASP A 1 174 ? 7.733   -4.939  13.673  1.00 9.45  ? 170 ASP A OD2 1 
ATOM   1289 N N   . CYS A 1 175 ? 5.125   -3.490  10.447  1.00 7.68  ? 171 CYS A N   1 
ATOM   1290 C CA  . CYS A 1 175 ? 5.002   -2.162  9.856   1.00 8.19  ? 171 CYS A CA  1 
ATOM   1291 C C   . CYS A 1 175 ? 4.920   -1.092  10.939  1.00 8.61  ? 171 CYS A C   1 
ATOM   1292 O O   . CYS A 1 175 ? 4.706   -1.403  12.137  1.00 8.16  ? 171 CYS A O   1 
ATOM   1293 C CB  . CYS A 1 175 ? 3.757   -2.084  8.937   1.00 8.21  ? 171 CYS A CB  1 
ATOM   1294 S SG  . CYS A 1 175 ? 2.176   -2.527  9.686   1.00 9.20  ? 171 CYS A SG  1 
ATOM   1295 N N   . GLY A 1 176 ? 5.066   0.161   10.515  1.00 8.84  ? 172 GLY A N   1 
ATOM   1296 C CA  . GLY A 1 176 ? 4.927   1.287   11.412  1.00 8.51  ? 172 GLY A CA  1 
ATOM   1297 C C   . GLY A 1 176 ? 5.286   2.602   10.740  1.00 8.82  ? 172 GLY A C   1 
ATOM   1298 O O   . GLY A 1 176 ? 5.542   2.651   9.538   1.00 8.30  ? 172 GLY A O   1 
ATOM   1299 N N   . GLU A 1 177 ? 5.246   3.675   11.519  1.00 8.50  ? 173 GLU A N   1 
ATOM   1300 C CA  . GLU A 1 177 ? 5.756   4.960   11.066  1.00 8.39  ? 173 GLU A CA  1 
ATOM   1301 C C   . GLU A 1 177 ? 7.155   5.226   11.625  1.00 8.40  ? 173 GLU A C   1 
ATOM   1302 O O   . GLU A 1 177 ? 7.444   4.913   12.776  1.00 8.47  ? 173 GLU A O   1 
ATOM   1303 C CB  . GLU A 1 177 ? 4.802   6.071   11.489  1.00 8.00  ? 173 GLU A CB  1 
ATOM   1304 C CG  . GLU A 1 177 ? 5.318   7.438   11.156  1.00 8.64  ? 173 GLU A CG  1 
ATOM   1305 C CD  . GLU A 1 177 ? 4.298   8.525   11.394  1.00 9.30  ? 173 GLU A CD  1 
ATOM   1306 O OE1 . GLU A 1 177 ? 3.303   8.273   12.107  1.00 8.24  ? 173 GLU A OE1 1 
ATOM   1307 O OE2 . GLU A 1 177 ? 4.509   9.643   10.879  1.00 13.51 ? 173 GLU A OE2 1 
ATOM   1308 N N   . VAL A 1 178 ? 8.024   5.794   10.793  1.00 8.58  ? 174 VAL A N   1 
ATOM   1309 C CA  . VAL A 1 178 ? 9.291   6.389   11.242  1.00 7.94  ? 174 VAL A CA  1 
ATOM   1310 C C   . VAL A 1 178 ? 9.040   7.848   11.661  1.00 7.69  ? 174 VAL A C   1 
ATOM   1311 O O   . VAL A 1 178 ? 8.964   8.766   10.840  1.00 6.14  ? 174 VAL A O   1 
ATOM   1312 C CB  . VAL A 1 178 ? 10.367  6.269   10.155  1.00 8.42  ? 174 VAL A CB  1 
ATOM   1313 C CG1 . VAL A 1 178 ? 11.747  6.656   10.675  1.00 8.05  ? 174 VAL A CG1 1 
ATOM   1314 C CG2 . VAL A 1 178 ? 10.380  4.840   9.604   1.00 8.60  ? 174 VAL A CG2 1 
ATOM   1315 N N   . ALA A 1 179 ? 8.882   8.020   12.965  1.00 7.90  ? 175 ALA A N   1 
ATOM   1316 C CA  . ALA A 1 179 ? 8.594   9.303   13.571  1.00 8.75  ? 175 ALA A CA  1 
ATOM   1317 C C   . ALA A 1 179 ? 9.669   10.322  13.219  1.00 8.46  ? 175 ALA A C   1 
ATOM   1318 O O   . ALA A 1 179 ? 10.822  9.975   13.004  1.00 7.08  ? 175 ALA A O   1 
ATOM   1319 C CB  . ALA A 1 179 ? 8.495   9.133   15.089  1.00 9.21  ? 175 ALA A CB  1 
ATOM   1320 N N   . ALA A 1 180 ? 9.276   11.585  13.164  1.00 9.29  ? 176 ALA A N   1 
ATOM   1321 C CA  . ALA A 1 180 ? 10.212  12.668  12.874  1.00 9.92  ? 176 ALA A CA  1 
ATOM   1322 C C   . ALA A 1 180 ? 11.341  12.656  13.898  1.00 10.56 ? 176 ALA A C   1 
ATOM   1323 O O   . ALA A 1 180 ? 12.488  12.479  13.520  1.00 11.52 ? 176 ALA A O   1 
ATOM   1324 C CB  . ALA A 1 180 ? 9.516   14.026  12.867  1.00 9.53  ? 176 ALA A CB  1 
ATOM   1325 N N   . ASP A 1 181 ? 11.010  12.815  15.178  1.00 10.41 ? 177 ASP A N   1 
ATOM   1326 C CA  . ASP A 1 181 ? 12.013  12.991  16.220  1.00 10.52 ? 177 ASP A CA  1 
ATOM   1327 C C   . ASP A 1 181 ? 12.472  11.656  16.750  1.00 10.37 ? 177 ASP A C   1 
ATOM   1328 O O   . ASP A 1 181 ? 11.640  10.804  17.089  1.00 10.36 ? 177 ASP A O   1 
ATOM   1329 C CB  . ASP A 1 181 ? 11.444  13.812  17.372  1.00 10.90 ? 177 ASP A CB  1 
ATOM   1330 C CG  . ASP A 1 181 ? 11.022  15.218  16.949  1.00 13.82 ? 177 ASP A CG  1 
ATOM   1331 O OD1 . ASP A 1 181 ? 11.769  15.903  16.211  1.00 15.77 ? 177 ASP A OD1 1 
ATOM   1332 O OD2 . ASP A 1 181 ? 9.935   15.646  17.391  1.00 16.56 ? 177 ASP A OD2 1 
ATOM   1333 N N   . LYS A 1 182 ? 13.793  11.457  16.789  1.00 10.05 ? 178 LYS A N   1 
ATOM   1334 C CA  . LYS A 1 182 ? 14.385  10.254  17.382  1.00 10.05 ? 178 LYS A CA  1 
ATOM   1335 C C   . LYS A 1 182 ? 14.884  10.504  18.831  1.00 10.13 ? 178 LYS A C   1 
ATOM   1336 O O   . LYS A 1 182 ? 15.361  11.572  19.183  1.00 9.03  ? 178 LYS A O   1 
ATOM   1337 C CB  . LYS A 1 182 ? 15.558  9.674   16.554  1.00 8.86  ? 178 LYS A CB  1 
ATOM   1338 C CG  . LYS A 1 182 ? 15.508  9.673   14.989  1.00 7.95  ? 178 LYS A CG  1 
ATOM   1339 C CD  . LYS A 1 182 ? 14.174  9.765   14.302  1.00 6.20  ? 178 LYS A CD  1 
ATOM   1340 C CE  . LYS A 1 182 ? 14.294  9.375   12.817  1.00 6.14  ? 178 LYS A CE  1 
ATOM   1341 N NZ  . LYS A 1 182 ? 13.392  10.135  11.889  1.00 5.21  ? 178 LYS A NZ  1 
ATOM   1342 N N   . SER A 1 183 ? 14.815  9.458   19.641  1.00 11.07 ? 179 SER A N   1 
ATOM   1343 C CA  . SER A 1 183 ? 15.133  9.545   21.064  1.00 11.52 ? 179 SER A CA  1 
ATOM   1344 C C   . SER A 1 183 ? 15.312  8.133   21.640  1.00 11.75 ? 179 SER A C   1 
ATOM   1345 O O   . SER A 1 183 ? 15.295  7.157   20.875  1.00 11.88 ? 179 SER A O   1 
ATOM   1346 C CB  . SER A 1 183 ? 14.011  10.295  21.800  1.00 11.53 ? 179 SER A CB  1 
ATOM   1347 O OG  . SER A 1 183 ? 12.765  9.641   21.603  1.00 13.29 ? 179 SER A OG  1 
ATOM   1348 O OXT . SER A 1 183 ? 15.480  7.933   22.866  1.00 12.78 ? 179 SER A OXT 1 
HETATM 1349 P P   . PO4 B 2 .   ? -2.348  -6.338  15.358  1.00 34.66 ? 180 PO4 A P   1 
HETATM 1350 O O1  . PO4 B 2 .   ? -3.487  -6.961  16.138  1.00 36.11 ? 180 PO4 A O1  1 
HETATM 1351 O O2  . PO4 B 2 .   ? -2.886  -5.457  14.258  1.00 31.55 ? 180 PO4 A O2  1 
HETATM 1352 O O3  . PO4 B 2 .   ? -1.484  -5.494  16.279  1.00 34.59 ? 180 PO4 A O3  1 
HETATM 1353 O O4  . PO4 B 2 .   ? -1.531  -7.492  14.807  1.00 35.00 ? 180 PO4 A O4  1 
HETATM 1354 O O   . HOH C 3 .   ? 15.658  -2.750  2.413   1.00 22.35 ? 181 HOH A O   1 
HETATM 1355 O O   . HOH C 3 .   ? -3.581  -6.887  8.538   1.00 6.42  ? 182 HOH A O   1 
HETATM 1356 O O   . HOH C 3 .   ? -5.289  2.544   12.543  1.00 9.87  ? 183 HOH A O   1 
HETATM 1357 O O   . HOH C 3 .   ? -0.793  -6.048  2.415   1.00 8.59  ? 184 HOH A O   1 
HETATM 1358 O O   . HOH C 3 .   ? -10.044 -1.623  0.528   1.00 4.77  ? 185 HOH A O   1 
HETATM 1359 O O   . HOH C 3 .   ? -8.509  0.696   -1.619  1.00 13.44 ? 186 HOH A O   1 
HETATM 1360 O O   . HOH C 3 .   ? -3.678  9.216   -10.822 1.00 9.02  ? 187 HOH A O   1 
HETATM 1361 O O   . HOH C 3 .   ? -3.913  -8.046  0.810   1.00 9.25  ? 188 HOH A O   1 
HETATM 1362 O O   . HOH C 3 .   ? -8.208  9.444   -2.331  1.00 7.34  ? 189 HOH A O   1 
HETATM 1363 O O   . HOH C 3 .   ? -11.604 5.118   -6.140  1.00 9.17  ? 190 HOH A O   1 
HETATM 1364 O O   . HOH C 3 .   ? 7.832   -2.645  15.146  1.00 13.89 ? 191 HOH A O   1 
HETATM 1365 O O   . HOH C 3 .   ? -4.830  -13.713 -8.891  1.00 24.99 ? 192 HOH A O   1 
HETATM 1366 O O   . HOH C 3 .   ? 2.575   -1.315  13.695  1.00 12.94 ? 193 HOH A O   1 
HETATM 1367 O O   . HOH C 3 .   ? 3.767   3.316   -12.086 1.00 12.09 ? 194 HOH A O   1 
HETATM 1368 O O   . HOH C 3 .   ? 5.472   -15.208 4.939   1.00 17.07 ? 195 HOH A O   1 
HETATM 1369 O O   . HOH C 3 .   ? -1.692  13.714  5.883   1.00 12.39 ? 196 HOH A O   1 
HETATM 1370 O O   . HOH C 3 .   ? -4.056  -9.621  4.032   1.00 10.08 ? 197 HOH A O   1 
HETATM 1371 O O   . HOH C 3 .   ? -11.466 12.000  -0.175  1.00 14.32 ? 198 HOH A O   1 
HETATM 1372 O O   . HOH C 3 .   ? -0.069  -17.122 -14.330 1.00 8.70  ? 199 HOH A O   1 
HETATM 1373 O O   . HOH C 3 .   ? -5.129  5.826   1.736   1.00 9.73  ? 200 HOH A O   1 
HETATM 1374 O O   . HOH C 3 .   ? 15.978  0.973   -2.786  1.00 20.27 ? 201 HOH A O   1 
HETATM 1375 O O   . HOH C 3 .   ? -5.970  -6.310  10.505  1.00 12.06 ? 202 HOH A O   1 
HETATM 1376 O O   . HOH C 3 .   ? -15.272 10.536  1.197   1.00 12.88 ? 203 HOH A O   1 
HETATM 1377 O O   . HOH C 3 .   ? 4.839   8.919   -7.434  1.00 18.98 ? 204 HOH A O   1 
HETATM 1378 O O   . HOH C 3 .   ? 3.399   11.235  -8.608  1.00 11.06 ? 205 HOH A O   1 
HETATM 1379 O O   . HOH C 3 .   ? 0.950   -13.799 -0.758  1.00 12.91 ? 206 HOH A O   1 
HETATM 1380 O O   . HOH C 3 .   ? -0.338  11.897  7.504   1.00 19.63 ? 207 HOH A O   1 
HETATM 1381 O O   . HOH C 3 .   ? -2.515  -12.733 7.125   1.00 10.72 ? 208 HOH A O   1 
HETATM 1382 O O   . HOH C 3 .   ? -20.214 13.908  -4.091  1.00 19.26 ? 209 HOH A O   1 
HETATM 1383 O O   . HOH C 3 .   ? 3.131   -7.621  -16.928 1.00 15.41 ? 210 HOH A O   1 
HETATM 1384 O O   . HOH C 3 .   ? 2.267   8.161   -15.592 1.00 16.06 ? 211 HOH A O   1 
HETATM 1385 O O   . HOH C 3 .   ? 8.400   5.908   -8.046  1.00 20.39 ? 212 HOH A O   1 
HETATM 1386 O O   . HOH C 3 .   ? -0.479  -18.220 -16.870 1.00 10.33 ? 213 HOH A O   1 
HETATM 1387 O O   . HOH C 3 .   ? -0.331  -9.208  13.660  1.00 15.50 ? 214 HOH A O   1 
HETATM 1388 O O   . HOH C 3 .   ? 3.850   5.340   -15.256 1.00 19.45 ? 215 HOH A O   1 
HETATM 1389 O O   . HOH C 3 .   ? -1.651  -15.274 -4.578  1.00 18.29 ? 216 HOH A O   1 
HETATM 1390 O O   . HOH C 3 .   ? 8.178   12.789  15.880  1.00 15.36 ? 217 HOH A O   1 
HETATM 1391 O O   . HOH C 3 .   ? 9.879   -5.272  -14.090 1.00 18.33 ? 218 HOH A O   1 
HETATM 1392 O O   . HOH C 3 .   ? 12.217  -13.162 -5.273  1.00 19.73 ? 219 HOH A O   1 
HETATM 1393 O O   . HOH C 3 .   ? -11.164 6.487   -9.542  1.00 18.11 ? 220 HOH A O   1 
HETATM 1394 O O   . HOH C 3 .   ? 4.417   2.859   14.458  1.00 14.38 ? 221 HOH A O   1 
HETATM 1395 O O   . HOH C 3 .   ? 4.520   -0.281  -18.518 1.00 19.52 ? 222 HOH A O   1 
HETATM 1396 O O   . HOH C 3 .   ? -13.625 12.678  -6.262  1.00 16.87 ? 223 HOH A O   1 
HETATM 1397 O O   . HOH C 3 .   ? 8.170   0.567   -17.059 1.00 14.00 ? 224 HOH A O   1 
HETATM 1398 O O   . HOH C 3 .   ? 3.373   9.099   -17.906 1.00 19.64 ? 225 HOH A O   1 
HETATM 1399 O O   . HOH C 3 .   ? -5.125  -10.785 -11.845 1.00 23.93 ? 226 HOH A O   1 
HETATM 1400 O O   . HOH C 3 .   ? 4.923   -6.984  -9.651  1.00 31.54 ? 227 HOH A O   1 
HETATM 1401 O O   . HOH C 3 .   ? 6.965   10.066  9.751   1.00 14.30 ? 228 HOH A O   1 
HETATM 1402 O O   . HOH C 3 .   ? -7.984  16.631  -9.249  1.00 24.77 ? 229 HOH A O   1 
HETATM 1403 O O   . HOH C 3 .   ? -18.131 4.042   -7.863  1.00 28.60 ? 230 HOH A O   1 
HETATM 1404 O O   . HOH C 3 .   ? 11.097  9.857   9.330   1.00 24.02 ? 231 HOH A O   1 
HETATM 1405 O O   . HOH C 3 .   ? -12.090 -0.195  -1.760  1.00 17.50 ? 232 HOH A O   1 
HETATM 1406 O O   . HOH C 3 .   ? 9.853   2.446   -13.742 1.00 16.13 ? 233 HOH A O   1 
HETATM 1407 O O   . HOH C 3 .   ? -6.662  -10.900 6.759   1.00 18.13 ? 234 HOH A O   1 
HETATM 1408 O O   . HOH C 3 .   ? -19.215 15.154  -2.147  1.00 17.10 ? 235 HOH A O   1 
HETATM 1409 O O   . HOH C 3 .   ? 1.368   17.837  -6.199  1.00 12.58 ? 236 HOH A O   1 
HETATM 1410 O O   . HOH C 3 .   ? -8.038  5.588   -6.141  1.00 17.34 ? 237 HOH A O   1 
HETATM 1411 O O   . HOH C 3 .   ? -12.890 10.138  -9.452  1.00 20.61 ? 238 HOH A O   1 
HETATM 1412 O O   . HOH C 3 .   ? -4.943  -1.639  15.190  1.00 26.59 ? 239 HOH A O   1 
HETATM 1413 O O   . HOH C 3 .   ? 6.274   -0.794  14.363  1.00 9.44  ? 240 HOH A O   1 
HETATM 1414 O O   . HOH C 3 .   ? -12.975 -1.024  0.610   1.00 14.70 ? 241 HOH A O   1 
HETATM 1415 O O   . HOH C 3 .   ? -0.610  15.436  -12.256 1.00 18.48 ? 242 HOH A O   1 
HETATM 1416 O O   . HOH C 3 .   ? -12.344 14.207  -0.886  1.00 20.19 ? 243 HOH A O   1 
HETATM 1417 O O   . HOH C 3 .   ? 9.993   17.166  14.495  1.00 25.29 ? 244 HOH A O   1 
HETATM 1418 O O   . HOH C 3 .   ? 6.622   5.741   -15.251 1.00 25.75 ? 245 HOH A O   1 
HETATM 1419 O O   . HOH C 3 .   ? 1.285   13.059  9.286   1.00 17.81 ? 246 HOH A O   1 
HETATM 1420 O O   . HOH C 3 .   ? -9.972  11.353  -13.248 1.00 23.86 ? 247 HOH A O   1 
HETATM 1421 O O   . HOH C 3 .   ? 13.079  -6.204  7.449   1.00 17.09 ? 248 HOH A O   1 
HETATM 1422 O O   . HOH C 3 .   ? -7.685  12.910  7.549   1.00 21.78 ? 249 HOH A O   1 
HETATM 1423 O O   . HOH C 3 .   ? 15.879  -7.924  -5.437  1.00 14.51 ? 250 HOH A O   1 
HETATM 1424 O O   . HOH C 3 .   ? -4.632  -11.904 5.289   1.00 21.73 ? 251 HOH A O   1 
HETATM 1425 O O   . HOH C 3 .   ? -0.424  -18.492 -11.983 1.00 24.99 ? 252 HOH A O   1 
HETATM 1426 O O   . HOH C 3 .   ? 16.055  7.558   0.936   1.00 33.03 ? 253 HOH A O   1 
HETATM 1427 O O   . HOH C 3 .   ? -10.595 7.522   -15.772 1.00 33.96 ? 254 HOH A O   1 
HETATM 1428 O O   . HOH C 3 .   ? 12.081  -8.628  6.911   1.00 14.01 ? 255 HOH A O   1 
HETATM 1429 O O   . HOH C 3 .   ? 6.590   12.126  13.297  1.00 24.12 ? 256 HOH A O   1 
HETATM 1430 O O   . HOH C 3 .   ? 14.238  16.152  16.960  1.00 20.65 ? 257 HOH A O   1 
HETATM 1431 O O   . HOH C 3 .   ? 7.869   -6.902  15.446  1.00 16.29 ? 258 HOH A O   1 
HETATM 1432 O O   . HOH C 3 .   ? 6.562   -3.585  17.538  1.00 17.81 ? 259 HOH A O   1 
HETATM 1433 O O   . HOH C 3 .   ? -8.044  12.167  10.172  1.00 33.51 ? 260 HOH A O   1 
HETATM 1434 O O   . HOH C 3 .   ? 3.197   12.078  10.832  1.00 25.18 ? 261 HOH A O   1 
HETATM 1435 O O   . HOH C 3 .   ? -1.313  8.879   -18.371 1.00 19.55 ? 262 HOH A O   1 
HETATM 1436 O O   . HOH C 3 .   ? 3.591   -10.126 11.770  1.00 25.33 ? 263 HOH A O   1 
HETATM 1437 O O   . HOH C 3 .   ? 7.416   3.812   15.254  1.00 31.11 ? 264 HOH A O   1 
HETATM 1438 O O   . HOH C 3 .   ? 4.927   13.204  -9.655  1.00 21.16 ? 265 HOH A O   1 
HETATM 1439 O O   . HOH C 3 .   ? -6.664  -3.107  17.136  1.00 20.53 ? 266 HOH A O   1 
HETATM 1440 O O   . HOH C 3 .   ? 3.403   -16.427 -14.985 1.00 6.98  ? 267 HOH A O   1 
HETATM 1441 O O   . HOH C 3 .   ? 16.187  -4.606  3.847   1.00 19.24 ? 268 HOH A O   1 
HETATM 1442 O O   . HOH C 3 .   ? -11.807 -14.055 2.505   1.00 15.51 ? 269 HOH A O   1 
HETATM 1443 O O   . HOH C 3 .   ? -6.308  10.774  11.874  1.00 18.30 ? 270 HOH A O   1 
HETATM 1444 O O   . HOH C 3 .   ? -14.293 -4.445  2.753   1.00 22.72 ? 271 HOH A O   1 
HETATM 1445 O O   . HOH C 3 .   ? -14.838 -10.242 12.022  1.00 35.46 ? 272 HOH A O   1 
HETATM 1446 O O   . HOH C 3 .   ? -11.477 8.015   -11.765 1.00 26.98 ? 273 HOH A O   1 
HETATM 1447 O O   . HOH C 3 .   ? -0.165  11.816  -16.131 1.00 23.93 ? 274 HOH A O   1 
HETATM 1448 O O   . HOH C 3 .   ? -4.328  -13.520 -6.649  1.00 21.37 ? 275 HOH A O   1 
HETATM 1449 O O   . HOH C 3 .   ? -4.286  -14.275 0.992   1.00 18.32 ? 276 HOH A O   1 
HETATM 1450 O O   . HOH C 3 .   ? 1.945   -4.078  -17.472 1.00 23.16 ? 277 HOH A O   1 
HETATM 1451 O O   . HOH C 3 .   ? -14.979 -8.297  7.396   1.00 27.29 ? 278 HOH A O   1 
HETATM 1452 O O   . HOH C 3 .   ? -4.321  12.309  -14.046 1.00 26.47 ? 279 HOH A O   1 
HETATM 1453 O O   . HOH C 3 .   ? -14.535 -6.839  4.363   1.00 25.84 ? 280 HOH A O   1 
HETATM 1454 O O   . HOH C 3 .   ? -1.889  18.890  2.769   1.00 33.10 ? 281 HOH A O   1 
HETATM 1455 O O   . HOH C 3 .   ? 4.710   -4.433  15.608  1.00 21.33 ? 282 HOH A O   1 
HETATM 1456 O O   . HOH C 3 .   ? 9.452   -2.135  -16.880 1.00 31.02 ? 283 HOH A O   1 
HETATM 1457 O O   . HOH C 3 .   ? 10.642  -1.676  -13.778 1.00 27.40 ? 284 HOH A O   1 
HETATM 1458 O O   . HOH C 3 .   ? -4.976  -1.899  -14.638 1.00 24.92 ? 285 HOH A O   1 
HETATM 1459 O O   . HOH C 3 .   ? 2.974   1.003   15.437  1.00 19.93 ? 286 HOH A O   1 
HETATM 1460 O O   . HOH C 3 .   ? -5.751  -2.539  -12.220 1.00 28.30 ? 287 HOH A O   1 
HETATM 1461 O O   . HOH C 3 .   ? -3.221  18.882  5.299   1.00 26.53 ? 288 HOH A O   1 
HETATM 1462 O O   . HOH C 3 .   ? -1.639  -15.005 -0.424  1.00 25.61 ? 289 HOH A O   1 
HETATM 1463 O O   . HOH C 3 .   ? 2.701   -3.172  15.920  1.00 22.80 ? 290 HOH A O   1 
HETATM 1464 O O   . HOH C 3 .   ? -6.823  -8.777  -6.278  1.00 15.56 ? 291 HOH A O   1 
HETATM 1465 O O   . HOH C 3 .   ? -17.948 1.225   1.071   1.00 21.83 ? 292 HOH A O   1 
HETATM 1466 O O   . HOH C 3 .   ? -1.830  19.168  -11.972 1.00 30.72 ? 293 HOH A O   1 
HETATM 1467 O O   . HOH C 3 .   ? 3.398   7.158   14.716  1.00 30.28 ? 294 HOH A O   1 
HETATM 1468 O O   . HOH C 3 .   ? -11.137 -0.900  -9.975  1.00 24.65 ? 295 HOH A O   1 
HETATM 1469 O O   . HOH C 3 .   ? -10.640 14.219  -7.457  1.00 29.67 ? 296 HOH A O   1 
HETATM 1470 O O   . HOH C 3 .   ? -9.451  1.828   -11.007 1.00 31.81 ? 297 HOH A O   1 
HETATM 1471 O O   . HOH C 3 .   ? -13.364 14.338  3.640   1.00 29.26 ? 298 HOH A O   1 
HETATM 1472 O O   . HOH C 3 .   ? 11.216  11.297  20.571  1.00 21.28 ? 299 HOH A O   1 
HETATM 1473 O O   . HOH C 3 .   ? -5.706  -5.627  -13.432 1.00 21.76 ? 300 HOH A O   1 
HETATM 1474 O O   . HOH C 3 .   ? 17.447  -2.826  0.650   1.00 23.31 ? 301 HOH A O   1 
HETATM 1475 O O   . HOH C 3 .   ? 7.421   12.737  9.797   1.00 23.03 ? 302 HOH A O   1 
# 
